data_1DQL
# 
_entry.id   1DQL 
# 
_audit_conform.dict_name       mmcif_pdbx.dic 
_audit_conform.dict_version    5.398 
_audit_conform.dict_location   http://mmcif.pdb.org/dictionaries/ascii/mmcif_pdbx.dic 
# 
loop_
_database_2.database_id 
_database_2.database_code 
_database_2.pdbx_database_accession 
_database_2.pdbx_DOI 
PDB   1DQL         pdb_00001dql 10.2210/pdb1dql/pdb 
RCSB  RCSB010298   ?            ?                   
WWPDB D_1000010298 ?            ?                   
# 
loop_
_pdbx_audit_revision_history.ordinal 
_pdbx_audit_revision_history.data_content_type 
_pdbx_audit_revision_history.major_revision 
_pdbx_audit_revision_history.minor_revision 
_pdbx_audit_revision_history.revision_date 
1 'Structure model' 1 0 2000-10-04 
2 'Structure model' 1 1 2008-04-27 
3 'Structure model' 1 2 2011-07-13 
4 'Structure model' 1 3 2017-10-04 
5 'Structure model' 2 0 2019-12-25 
6 'Structure model' 2 1 2024-11-13 
# 
_pdbx_audit_revision_details.ordinal             1 
_pdbx_audit_revision_details.revision_ordinal    1 
_pdbx_audit_revision_details.data_content_type   'Structure model' 
_pdbx_audit_revision_details.provider            repository 
_pdbx_audit_revision_details.type                'Initial release' 
_pdbx_audit_revision_details.description         ? 
_pdbx_audit_revision_details.details             ? 
# 
loop_
_pdbx_audit_revision_group.ordinal 
_pdbx_audit_revision_group.revision_ordinal 
_pdbx_audit_revision_group.data_content_type 
_pdbx_audit_revision_group.group 
1 2 'Structure model' 'Version format compliance' 
2 3 'Structure model' 'Version format compliance' 
3 4 'Structure model' 'Refinement description'    
4 5 'Structure model' 'Derived calculations'      
5 5 'Structure model' 'Polymer sequence'          
6 6 'Structure model' 'Data collection'           
7 6 'Structure model' 'Database references'       
8 6 'Structure model' 'Structure summary'         
# 
loop_
_pdbx_audit_revision_category.ordinal 
_pdbx_audit_revision_category.revision_ordinal 
_pdbx_audit_revision_category.data_content_type 
_pdbx_audit_revision_category.category 
1 4 'Structure model' software                  
2 5 'Structure model' entity_poly               
3 5 'Structure model' pdbx_struct_mod_residue   
4 5 'Structure model' struct_conn               
5 6 'Structure model' chem_comp_atom            
6 6 'Structure model' chem_comp_bond            
7 6 'Structure model' database_2                
8 6 'Structure model' pdbx_entry_details        
9 6 'Structure model' pdbx_modification_feature 
# 
loop_
_pdbx_audit_revision_item.ordinal 
_pdbx_audit_revision_item.revision_ordinal 
_pdbx_audit_revision_item.data_content_type 
_pdbx_audit_revision_item.item 
1 5 'Structure model' '_entity_poly.pdbx_seq_one_letter_code_can' 
2 5 'Structure model' '_pdbx_struct_mod_residue.parent_comp_id'   
3 5 'Structure model' '_struct_conn.pdbx_leaving_atom_flag'       
4 6 'Structure model' '_database_2.pdbx_DOI'                      
5 6 'Structure model' '_database_2.pdbx_database_accession'       
# 
_pdbx_database_status.status_code                     REL 
_pdbx_database_status.entry_id                        1DQL 
_pdbx_database_status.recvd_initial_deposition_date   2000-01-04 
_pdbx_database_status.deposit_site                    RCSB 
_pdbx_database_status.process_site                    RCSB 
_pdbx_database_status.status_code_sf                  REL 
_pdbx_database_status.SG_entry                        . 
_pdbx_database_status.pdb_format_compatible           Y 
_pdbx_database_status.status_code_mr                  ? 
_pdbx_database_status.status_code_cs                  ? 
_pdbx_database_status.methods_development_category    ? 
_pdbx_database_status.status_code_nmr_data            ? 
# 
loop_
_audit_author.name 
_audit_author.pdbx_ordinal 
'Ramsland, P.A.'  1 
'Shan, L.'        2 
'Moomaw, C.R.'    3 
'Slaughter, C.A.' 4 
'Guddat, L.W.'    5 
'Edmundson, A.B.' 6 
# 
_citation.id                        primary 
_citation.title                     
'An unusual human IgM antibody with a protruding HCDR3 and high avidity for its peptide ligands.' 
_citation.journal_abbrev            Mol.Immunol. 
_citation.journal_volume            37 
_citation.page_first                295 
_citation.page_last                 310 
_citation.year                      2000 
_citation.journal_id_ASTM           MOIMD5 
_citation.country                   UK 
_citation.journal_id_ISSN           0161-5890 
_citation.journal_id_CSD            0921 
_citation.book_publisher            ? 
_citation.pdbx_database_id_PubMed   11000403 
_citation.pdbx_database_id_DOI      '10.1016/S0161-5890(00)00049-3' 
# 
loop_
_citation_author.citation_id 
_citation_author.name 
_citation_author.ordinal 
_citation_author.identifier_ORCID 
primary 'Ramsland, P.A.'  1 ? 
primary 'Shan, L.'        2 ? 
primary 'Moomaw, C.R.'    3 ? 
primary 'Slaughter, C.A.' 4 ? 
primary 'Fan, Z.'         5 ? 
primary 'Guddat, L.W.'    6 ? 
primary 'Edmundson, A.B.' 7 ? 
# 
loop_
_entity.id 
_entity.type 
_entity.src_method 
_entity.pdbx_description 
_entity.formula_weight 
_entity.pdbx_number_of_molecules 
_entity.pdbx_ec 
_entity.pdbx_mutation 
_entity.pdbx_fragment 
_entity.details 
1 polymer nat 'IGM MEZ IMMUNOGLOBULIN' 11527.743 1  ? ? 'LIGHT CHAIN VARIABLE DOMAIN FRAGMENT' ? 
2 polymer nat 'IGM MEZ IMMUNOGLOBULIN' 13214.604 1  ? ? 'HEAVY CHAIN VARIABLE DOMAIN FRAGMENT' ? 
3 water   nat water                    18.015    18 ? ? ?                                      ? 
# 
loop_
_entity_poly.entity_id 
_entity_poly.type 
_entity_poly.nstd_linkage 
_entity_poly.nstd_monomer 
_entity_poly.pdbx_seq_one_letter_code 
_entity_poly.pdbx_seq_one_letter_code_can 
_entity_poly.pdbx_strand_id 
_entity_poly.pdbx_target_identifier 
1 'polypeptide(L)' no no  
;DIQMTQSPSSLSASVGDRVTITCRASQDIRNDLGWYQQKPGKAPKKLIYAASSLQSGVPSRFSGSGSGTDFTLTISSLQP
EDFATYYCLQQNSNWTFGQGTKVDIK
;
;DIQMTQSPSSLSASVGDRVTITCRASQDIRNDLGWYQQKPGKAPKKLIYAASSLQSGVPSRFSGSGSGTDFTLTISSLQP
EDFATYYCLQQNSNWTFGQGTKVDIK
;
L ? 
2 'polypeptide(L)' no yes 
;(PCA)VQLVESGGGLVQPGGSLRLSCAASGFTFSSYAMHWVRQAPGKGLEWVAVISSDGGNKYYTDSVKGRFTISRNDSK
NTLYLQMNSLRTEDTAVFYCARGNPPYSSGWGGGDYWGQGTMVTVSS
;
;QVQLVESGGGLVQPGGSLRLSCAASGFTFSSYAMHWVRQAPGKGLEWVAVISSDGGNKYYTDSVKGRFTISRNDSKNTLY
LQMNSLRTEDTAVFYCARGNPPYSSGWGGGDYWGQGTMVTVSS
;
H ? 
# 
_pdbx_entity_nonpoly.entity_id   3 
_pdbx_entity_nonpoly.name        water 
_pdbx_entity_nonpoly.comp_id     HOH 
# 
loop_
_entity_poly_seq.entity_id 
_entity_poly_seq.num 
_entity_poly_seq.mon_id 
_entity_poly_seq.hetero 
1 1   ASP n 
1 2   ILE n 
1 3   GLN n 
1 4   MET n 
1 5   THR n 
1 6   GLN n 
1 7   SER n 
1 8   PRO n 
1 9   SER n 
1 10  SER n 
1 11  LEU n 
1 12  SER n 
1 13  ALA n 
1 14  SER n 
1 15  VAL n 
1 16  GLY n 
1 17  ASP n 
1 18  ARG n 
1 19  VAL n 
1 20  THR n 
1 21  ILE n 
1 22  THR n 
1 23  CYS n 
1 24  ARG n 
1 25  ALA n 
1 26  SER n 
1 27  GLN n 
1 28  ASP n 
1 29  ILE n 
1 30  ARG n 
1 31  ASN n 
1 32  ASP n 
1 33  LEU n 
1 34  GLY n 
1 35  TRP n 
1 36  TYR n 
1 37  GLN n 
1 38  GLN n 
1 39  LYS n 
1 40  PRO n 
1 41  GLY n 
1 42  LYS n 
1 43  ALA n 
1 44  PRO n 
1 45  LYS n 
1 46  LYS n 
1 47  LEU n 
1 48  ILE n 
1 49  TYR n 
1 50  ALA n 
1 51  ALA n 
1 52  SER n 
1 53  SER n 
1 54  LEU n 
1 55  GLN n 
1 56  SER n 
1 57  GLY n 
1 58  VAL n 
1 59  PRO n 
1 60  SER n 
1 61  ARG n 
1 62  PHE n 
1 63  SER n 
1 64  GLY n 
1 65  SER n 
1 66  GLY n 
1 67  SER n 
1 68  GLY n 
1 69  THR n 
1 70  ASP n 
1 71  PHE n 
1 72  THR n 
1 73  LEU n 
1 74  THR n 
1 75  ILE n 
1 76  SER n 
1 77  SER n 
1 78  LEU n 
1 79  GLN n 
1 80  PRO n 
1 81  GLU n 
1 82  ASP n 
1 83  PHE n 
1 84  ALA n 
1 85  THR n 
1 86  TYR n 
1 87  TYR n 
1 88  CYS n 
1 89  LEU n 
1 90  GLN n 
1 91  GLN n 
1 92  ASN n 
1 93  SER n 
1 94  ASN n 
1 95  TRP n 
1 96  THR n 
1 97  PHE n 
1 98  GLY n 
1 99  GLN n 
1 100 GLY n 
1 101 THR n 
1 102 LYS n 
1 103 VAL n 
1 104 ASP n 
1 105 ILE n 
1 106 LYS n 
2 1   PCA n 
2 2   VAL n 
2 3   GLN n 
2 4   LEU n 
2 5   VAL n 
2 6   GLU n 
2 7   SER n 
2 8   GLY n 
2 9   GLY n 
2 10  GLY n 
2 11  LEU n 
2 12  VAL n 
2 13  GLN n 
2 14  PRO n 
2 15  GLY n 
2 16  GLY n 
2 17  SER n 
2 18  LEU n 
2 19  ARG n 
2 20  LEU n 
2 21  SER n 
2 22  CYS n 
2 23  ALA n 
2 24  ALA n 
2 25  SER n 
2 26  GLY n 
2 27  PHE n 
2 28  THR n 
2 29  PHE n 
2 30  SER n 
2 31  SER n 
2 32  TYR n 
2 33  ALA n 
2 34  MET n 
2 35  HIS n 
2 36  TRP n 
2 37  VAL n 
2 38  ARG n 
2 39  GLN n 
2 40  ALA n 
2 41  PRO n 
2 42  GLY n 
2 43  LYS n 
2 44  GLY n 
2 45  LEU n 
2 46  GLU n 
2 47  TRP n 
2 48  VAL n 
2 49  ALA n 
2 50  VAL n 
2 51  ILE n 
2 52  SER n 
2 53  SER n 
2 54  ASP n 
2 55  GLY n 
2 56  GLY n 
2 57  ASN n 
2 58  LYS n 
2 59  TYR n 
2 60  TYR n 
2 61  THR n 
2 62  ASP n 
2 63  SER n 
2 64  VAL n 
2 65  LYS n 
2 66  GLY n 
2 67  ARG n 
2 68  PHE n 
2 69  THR n 
2 70  ILE n 
2 71  SER n 
2 72  ARG n 
2 73  ASN n 
2 74  ASP n 
2 75  SER n 
2 76  LYS n 
2 77  ASN n 
2 78  THR n 
2 79  LEU n 
2 80  TYR n 
2 81  LEU n 
2 82  GLN n 
2 83  MET n 
2 84  ASN n 
2 85  SER n 
2 86  LEU n 
2 87  ARG n 
2 88  THR n 
2 89  GLU n 
2 90  ASP n 
2 91  THR n 
2 92  ALA n 
2 93  VAL n 
2 94  PHE n 
2 95  TYR n 
2 96  CYS n 
2 97  ALA n 
2 98  ARG n 
2 99  GLY n 
2 100 ASN n 
2 101 PRO n 
2 102 PRO n 
2 103 TYR n 
2 104 SER n 
2 105 SER n 
2 106 GLY n 
2 107 TRP n 
2 108 GLY n 
2 109 GLY n 
2 110 GLY n 
2 111 ASP n 
2 112 TYR n 
2 113 TRP n 
2 114 GLY n 
2 115 GLN n 
2 116 GLY n 
2 117 THR n 
2 118 MET n 
2 119 VAL n 
2 120 THR n 
2 121 VAL n 
2 122 SER n 
2 123 SER n 
# 
loop_
_entity_src_nat.entity_id 
_entity_src_nat.pdbx_src_id 
_entity_src_nat.pdbx_alt_source_flag 
_entity_src_nat.pdbx_beg_seq_num 
_entity_src_nat.pdbx_end_seq_num 
_entity_src_nat.common_name 
_entity_src_nat.pdbx_organism_scientific 
_entity_src_nat.pdbx_ncbi_taxonomy_id 
_entity_src_nat.genus 
_entity_src_nat.species 
_entity_src_nat.strain 
_entity_src_nat.tissue 
_entity_src_nat.tissue_fraction 
_entity_src_nat.pdbx_secretion 
_entity_src_nat.pdbx_fragment 
_entity_src_nat.pdbx_variant 
_entity_src_nat.pdbx_cell_line 
_entity_src_nat.pdbx_atcc 
_entity_src_nat.pdbx_cellular_location 
_entity_src_nat.pdbx_organ 
_entity_src_nat.pdbx_organelle 
_entity_src_nat.pdbx_cell 
_entity_src_nat.pdbx_plasmid_name 
_entity_src_nat.pdbx_plasmid_details 
_entity_src_nat.details 
1 1 sample ? ? human 'Homo sapiens' 9606 Homo ? ? ? ? ? ? ? ? ? ? ? ? ? ? ? ? 
2 1 sample ? ? human 'Homo sapiens' 9606 Homo ? ? ? ? ? ? ? ? ? ? ? ? ? ? ? ? 
# 
loop_
_chem_comp.id 
_chem_comp.type 
_chem_comp.mon_nstd_flag 
_chem_comp.name 
_chem_comp.pdbx_synonyms 
_chem_comp.formula 
_chem_comp.formula_weight 
ALA 'L-peptide linking' y ALANINE             ? 'C3 H7 N O2'     89.093  
ARG 'L-peptide linking' y ARGININE            ? 'C6 H15 N4 O2 1' 175.209 
ASN 'L-peptide linking' y ASPARAGINE          ? 'C4 H8 N2 O3'    132.118 
ASP 'L-peptide linking' y 'ASPARTIC ACID'     ? 'C4 H7 N O4'     133.103 
CYS 'L-peptide linking' y CYSTEINE            ? 'C3 H7 N O2 S'   121.158 
GLN 'L-peptide linking' y GLUTAMINE           ? 'C5 H10 N2 O3'   146.144 
GLU 'L-peptide linking' y 'GLUTAMIC ACID'     ? 'C5 H9 N O4'     147.129 
GLY 'peptide linking'   y GLYCINE             ? 'C2 H5 N O2'     75.067  
HIS 'L-peptide linking' y HISTIDINE           ? 'C6 H10 N3 O2 1' 156.162 
HOH non-polymer         . WATER               ? 'H2 O'           18.015  
ILE 'L-peptide linking' y ISOLEUCINE          ? 'C6 H13 N O2'    131.173 
LEU 'L-peptide linking' y LEUCINE             ? 'C6 H13 N O2'    131.173 
LYS 'L-peptide linking' y LYSINE              ? 'C6 H15 N2 O2 1' 147.195 
MET 'L-peptide linking' y METHIONINE          ? 'C5 H11 N O2 S'  149.211 
PCA 'L-peptide linking' n 'PYROGLUTAMIC ACID' ? 'C5 H7 N O3'     129.114 
PHE 'L-peptide linking' y PHENYLALANINE       ? 'C9 H11 N O2'    165.189 
PRO 'L-peptide linking' y PROLINE             ? 'C5 H9 N O2'     115.130 
SER 'L-peptide linking' y SERINE              ? 'C3 H7 N O3'     105.093 
THR 'L-peptide linking' y THREONINE           ? 'C4 H9 N O3'     119.119 
TRP 'L-peptide linking' y TRYPTOPHAN          ? 'C11 H12 N2 O2'  204.225 
TYR 'L-peptide linking' y TYROSINE            ? 'C9 H11 N O3'    181.189 
VAL 'L-peptide linking' y VALINE              ? 'C5 H11 N O2'    117.146 
# 
loop_
_pdbx_poly_seq_scheme.asym_id 
_pdbx_poly_seq_scheme.entity_id 
_pdbx_poly_seq_scheme.seq_id 
_pdbx_poly_seq_scheme.mon_id 
_pdbx_poly_seq_scheme.ndb_seq_num 
_pdbx_poly_seq_scheme.pdb_seq_num 
_pdbx_poly_seq_scheme.auth_seq_num 
_pdbx_poly_seq_scheme.pdb_mon_id 
_pdbx_poly_seq_scheme.auth_mon_id 
_pdbx_poly_seq_scheme.pdb_strand_id 
_pdbx_poly_seq_scheme.pdb_ins_code 
_pdbx_poly_seq_scheme.hetero 
A 1 1   ASP 1   1   1   ASP ASP L . n 
A 1 2   ILE 2   2   2   ILE ILE L . n 
A 1 3   GLN 3   3   3   GLN GLN L . n 
A 1 4   MET 4   4   4   MET MET L . n 
A 1 5   THR 5   5   5   THR THR L . n 
A 1 6   GLN 6   6   6   GLN GLN L . n 
A 1 7   SER 7   7   7   SER SER L . n 
A 1 8   PRO 8   8   8   PRO PRO L . n 
A 1 9   SER 9   9   9   SER SER L . n 
A 1 10  SER 10  10  10  SER SER L . n 
A 1 11  LEU 11  11  11  LEU LEU L . n 
A 1 12  SER 12  12  12  SER SER L . n 
A 1 13  ALA 13  13  13  ALA ALA L . n 
A 1 14  SER 14  14  14  SER SER L . n 
A 1 15  VAL 15  15  15  VAL VAL L . n 
A 1 16  GLY 16  16  16  GLY GLY L . n 
A 1 17  ASP 17  17  17  ASP ASP L . n 
A 1 18  ARG 18  18  18  ARG ARG L . n 
A 1 19  VAL 19  19  19  VAL VAL L . n 
A 1 20  THR 20  20  20  THR THR L . n 
A 1 21  ILE 21  21  21  ILE ILE L . n 
A 1 22  THR 22  22  22  THR THR L . n 
A 1 23  CYS 23  23  23  CYS CYS L . n 
A 1 24  ARG 24  24  24  ARG ARG L . n 
A 1 25  ALA 25  25  25  ALA ALA L . n 
A 1 26  SER 26  26  26  SER SER L . n 
A 1 27  GLN 27  27  27  GLN GLN L . n 
A 1 28  ASP 28  28  28  ASP ASP L . n 
A 1 29  ILE 29  29  29  ILE ILE L . n 
A 1 30  ARG 30  30  30  ARG ARG L . n 
A 1 31  ASN 31  31  31  ASN ASN L . n 
A 1 32  ASP 32  32  32  ASP ASP L . n 
A 1 33  LEU 33  33  33  LEU LEU L . n 
A 1 34  GLY 34  34  34  GLY GLY L . n 
A 1 35  TRP 35  35  35  TRP TRP L . n 
A 1 36  TYR 36  36  36  TYR TYR L . n 
A 1 37  GLN 37  37  37  GLN GLN L . n 
A 1 38  GLN 38  38  38  GLN GLN L . n 
A 1 39  LYS 39  39  39  LYS LYS L . n 
A 1 40  PRO 40  40  40  PRO PRO L . n 
A 1 41  GLY 41  41  41  GLY GLY L . n 
A 1 42  LYS 42  42  42  LYS LYS L . n 
A 1 43  ALA 43  43  43  ALA ALA L . n 
A 1 44  PRO 44  44  44  PRO PRO L . n 
A 1 45  LYS 45  45  45  LYS LYS L . n 
A 1 46  LYS 46  46  46  LYS LYS L . n 
A 1 47  LEU 47  47  47  LEU LEU L . n 
A 1 48  ILE 48  48  48  ILE ILE L . n 
A 1 49  TYR 49  49  49  TYR TYR L . n 
A 1 50  ALA 50  50  50  ALA ALA L . n 
A 1 51  ALA 51  51  51  ALA ALA L . n 
A 1 52  SER 52  52  52  SER SER L . n 
A 1 53  SER 53  53  53  SER SER L . n 
A 1 54  LEU 54  54  54  LEU LEU L . n 
A 1 55  GLN 55  55  55  GLN GLN L . n 
A 1 56  SER 56  56  56  SER SER L . n 
A 1 57  GLY 57  57  57  GLY GLY L . n 
A 1 58  VAL 58  58  58  VAL VAL L . n 
A 1 59  PRO 59  59  59  PRO PRO L . n 
A 1 60  SER 60  60  60  SER SER L . n 
A 1 61  ARG 61  61  61  ARG ARG L . n 
A 1 62  PHE 62  62  62  PHE PHE L . n 
A 1 63  SER 63  63  63  SER SER L . n 
A 1 64  GLY 64  64  64  GLY GLY L . n 
A 1 65  SER 65  65  65  SER SER L . n 
A 1 66  GLY 66  66  66  GLY GLY L . n 
A 1 67  SER 67  67  67  SER SER L . n 
A 1 68  GLY 68  68  68  GLY GLY L . n 
A 1 69  THR 69  69  69  THR THR L . n 
A 1 70  ASP 70  70  70  ASP ASP L . n 
A 1 71  PHE 71  71  71  PHE PHE L . n 
A 1 72  THR 72  72  72  THR THR L . n 
A 1 73  LEU 73  73  73  LEU LEU L . n 
A 1 74  THR 74  74  74  THR THR L . n 
A 1 75  ILE 75  75  75  ILE ILE L . n 
A 1 76  SER 76  76  76  SER SER L . n 
A 1 77  SER 77  77  77  SER SER L . n 
A 1 78  LEU 78  78  78  LEU LEU L . n 
A 1 79  GLN 79  79  79  GLN GLN L . n 
A 1 80  PRO 80  80  80  PRO PRO L . n 
A 1 81  GLU 81  81  81  GLU GLU L . n 
A 1 82  ASP 82  82  82  ASP ASP L . n 
A 1 83  PHE 83  83  83  PHE PHE L . n 
A 1 84  ALA 84  84  84  ALA ALA L . n 
A 1 85  THR 85  85  85  THR THR L . n 
A 1 86  TYR 86  86  86  TYR TYR L . n 
A 1 87  TYR 87  87  87  TYR TYR L . n 
A 1 88  CYS 88  88  88  CYS CYS L . n 
A 1 89  LEU 89  89  89  LEU LEU L . n 
A 1 90  GLN 90  90  90  GLN GLN L . n 
A 1 91  GLN 91  91  91  GLN GLN L . n 
A 1 92  ASN 92  92  92  ASN ASN L . n 
A 1 93  SER 93  93  93  SER SER L . n 
A 1 94  ASN 94  94  94  ASN ASN L . n 
A 1 95  TRP 95  95  95  TRP TRP L . n 
A 1 96  THR 96  96  96  THR THR L . n 
A 1 97  PHE 97  97  97  PHE PHE L . n 
A 1 98  GLY 98  98  98  GLY GLY L . n 
A 1 99  GLN 99  99  99  GLN GLN L . n 
A 1 100 GLY 100 100 100 GLY GLY L . n 
A 1 101 THR 101 101 101 THR THR L . n 
A 1 102 LYS 102 102 102 LYS LYS L . n 
A 1 103 VAL 103 103 103 VAL VAL L . n 
A 1 104 ASP 104 104 104 ASP ASP L . n 
A 1 105 ILE 105 105 105 ILE ILE L . n 
A 1 106 LYS 106 106 106 LYS LYS L . n 
B 2 1   PCA 1   1   1   PCA PCA H . n 
B 2 2   VAL 2   2   2   VAL VAL H . n 
B 2 3   GLN 3   3   3   GLN GLN H . n 
B 2 4   LEU 4   4   4   LEU LEU H . n 
B 2 5   VAL 5   5   5   VAL VAL H . n 
B 2 6   GLU 6   6   6   GLU GLU H . n 
B 2 7   SER 7   7   7   SER SER H . n 
B 2 8   GLY 8   8   8   GLY GLY H . n 
B 2 9   GLY 9   9   9   GLY GLY H . n 
B 2 10  GLY 10  10  10  GLY GLY H . n 
B 2 11  LEU 11  11  11  LEU LEU H . n 
B 2 12  VAL 12  12  12  VAL VAL H . n 
B 2 13  GLN 13  13  13  GLN GLN H . n 
B 2 14  PRO 14  14  14  PRO PRO H . n 
B 2 15  GLY 15  15  15  GLY GLY H . n 
B 2 16  GLY 16  16  16  GLY GLY H . n 
B 2 17  SER 17  17  17  SER SER H . n 
B 2 18  LEU 18  18  18  LEU LEU H . n 
B 2 19  ARG 19  19  19  ARG ARG H . n 
B 2 20  LEU 20  20  20  LEU LEU H . n 
B 2 21  SER 21  21  21  SER SER H . n 
B 2 22  CYS 22  22  22  CYS CYS H . n 
B 2 23  ALA 23  23  23  ALA ALA H . n 
B 2 24  ALA 24  24  24  ALA ALA H . n 
B 2 25  SER 25  25  25  SER SER H . n 
B 2 26  GLY 26  26  26  GLY GLY H . n 
B 2 27  PHE 27  27  27  PHE PHE H . n 
B 2 28  THR 28  28  28  THR THR H . n 
B 2 29  PHE 29  29  29  PHE PHE H . n 
B 2 30  SER 30  30  30  SER SER H . n 
B 2 31  SER 31  31  31  SER SER H . n 
B 2 32  TYR 32  32  32  TYR TYR H . n 
B 2 33  ALA 33  33  33  ALA ALA H . n 
B 2 34  MET 34  34  34  MET MET H . n 
B 2 35  HIS 35  35  35  HIS HIS H . n 
B 2 36  TRP 36  36  36  TRP TRP H . n 
B 2 37  VAL 37  37  37  VAL VAL H . n 
B 2 38  ARG 38  38  38  ARG ARG H . n 
B 2 39  GLN 39  39  39  GLN GLN H . n 
B 2 40  ALA 40  40  40  ALA ALA H . n 
B 2 41  PRO 41  41  41  PRO PRO H . n 
B 2 42  GLY 42  42  42  GLY GLY H . n 
B 2 43  LYS 43  43  43  LYS LYS H . n 
B 2 44  GLY 44  44  44  GLY GLY H . n 
B 2 45  LEU 45  45  45  LEU LEU H . n 
B 2 46  GLU 46  46  46  GLU GLU H . n 
B 2 47  TRP 47  47  47  TRP TRP H . n 
B 2 48  VAL 48  48  48  VAL VAL H . n 
B 2 49  ALA 49  49  49  ALA ALA H . n 
B 2 50  VAL 50  50  50  VAL VAL H . n 
B 2 51  ILE 51  51  51  ILE ILE H . n 
B 2 52  SER 52  52  52  SER SER H . n 
B 2 53  SER 53  53  53  SER SER H . n 
B 2 54  ASP 54  54  54  ASP ASP H . n 
B 2 55  GLY 55  55  55  GLY GLY H . n 
B 2 56  GLY 56  56  56  GLY GLY H . n 
B 2 57  ASN 57  57  57  ASN ASN H . n 
B 2 58  LYS 58  58  58  LYS LYS H . n 
B 2 59  TYR 59  59  59  TYR TYR H . n 
B 2 60  TYR 60  60  60  TYR TYR H . n 
B 2 61  THR 61  61  61  THR THR H . n 
B 2 62  ASP 62  62  62  ASP ASP H . n 
B 2 63  SER 63  63  63  SER SER H . n 
B 2 64  VAL 64  64  64  VAL VAL H . n 
B 2 65  LYS 65  65  65  LYS LYS H . n 
B 2 66  GLY 66  66  66  GLY GLY H . n 
B 2 67  ARG 67  67  67  ARG ARG H . n 
B 2 68  PHE 68  68  68  PHE PHE H . n 
B 2 69  THR 69  69  69  THR THR H . n 
B 2 70  ILE 70  70  70  ILE ILE H . n 
B 2 71  SER 71  71  71  SER SER H . n 
B 2 72  ARG 72  72  72  ARG ARG H . n 
B 2 73  ASN 73  73  73  ASN ASN H . n 
B 2 74  ASP 74  74  74  ASP ASP H . n 
B 2 75  SER 75  75  75  SER SER H . n 
B 2 76  LYS 76  76  76  LYS LYS H . n 
B 2 77  ASN 77  77  77  ASN ASN H . n 
B 2 78  THR 78  78  78  THR THR H . n 
B 2 79  LEU 79  79  79  LEU LEU H . n 
B 2 80  TYR 80  80  80  TYR TYR H . n 
B 2 81  LEU 81  81  81  LEU LEU H . n 
B 2 82  GLN 82  82  82  GLN GLN H . n 
B 2 83  MET 83  83  83  MET MET H . n 
B 2 84  ASN 84  84  84  ASN ASN H . n 
B 2 85  SER 85  85  85  SER SER H . n 
B 2 86  LEU 86  86  86  LEU LEU H . n 
B 2 87  ARG 87  87  87  ARG ARG H . n 
B 2 88  THR 88  88  88  THR THR H . n 
B 2 89  GLU 89  89  89  GLU GLU H . n 
B 2 90  ASP 90  90  90  ASP ASP H . n 
B 2 91  THR 91  91  91  THR THR H . n 
B 2 92  ALA 92  92  92  ALA ALA H . n 
B 2 93  VAL 93  93  93  VAL VAL H . n 
B 2 94  PHE 94  94  94  PHE PHE H . n 
B 2 95  TYR 95  95  95  TYR TYR H . n 
B 2 96  CYS 96  96  96  CYS CYS H . n 
B 2 97  ALA 97  97  97  ALA ALA H . n 
B 2 98  ARG 98  98  98  ARG ARG H . n 
B 2 99  GLY 99  99  99  GLY GLY H . n 
B 2 100 ASN 100 100 100 ASN ASN H . n 
B 2 101 PRO 101 101 101 PRO PRO H . n 
B 2 102 PRO 102 102 102 PRO PRO H . n 
B 2 103 TYR 103 103 103 TYR TYR H . n 
B 2 104 SER 104 104 104 SER SER H . n 
B 2 105 SER 105 105 105 SER SER H . n 
B 2 106 GLY 106 106 106 GLY GLY H . n 
B 2 107 TRP 107 107 107 TRP TRP H . n 
B 2 108 GLY 108 108 108 GLY GLY H . n 
B 2 109 GLY 109 109 109 GLY GLY H . n 
B 2 110 GLY 110 110 110 GLY GLY H . n 
B 2 111 ASP 111 111 111 ASP ASP H . n 
B 2 112 TYR 112 112 112 TYR TYR H . n 
B 2 113 TRP 113 113 113 TRP TRP H . n 
B 2 114 GLY 114 114 114 GLY GLY H . n 
B 2 115 GLN 115 115 115 GLN GLN H . n 
B 2 116 GLY 116 116 116 GLY GLY H . n 
B 2 117 THR 117 117 117 THR THR H . n 
B 2 118 MET 118 118 118 MET MET H . n 
B 2 119 VAL 119 119 119 VAL VAL H . n 
B 2 120 THR 120 120 120 THR THR H . n 
B 2 121 VAL 121 121 121 VAL VAL H . n 
B 2 122 SER 122 122 122 SER SER H . n 
B 2 123 SER 123 123 123 SER SER H . n 
# 
loop_
_pdbx_nonpoly_scheme.asym_id 
_pdbx_nonpoly_scheme.entity_id 
_pdbx_nonpoly_scheme.mon_id 
_pdbx_nonpoly_scheme.ndb_seq_num 
_pdbx_nonpoly_scheme.pdb_seq_num 
_pdbx_nonpoly_scheme.auth_seq_num 
_pdbx_nonpoly_scheme.pdb_mon_id 
_pdbx_nonpoly_scheme.auth_mon_id 
_pdbx_nonpoly_scheme.pdb_strand_id 
_pdbx_nonpoly_scheme.pdb_ins_code 
C 3 HOH 1  107 3  HOH HOH L . 
C 3 HOH 2  108 4  HOH HOH L . 
C 3 HOH 3  109 5  HOH HOH L . 
C 3 HOH 4  110 6  HOH HOH L . 
C 3 HOH 5  111 10 HOH HOH L . 
C 3 HOH 6  112 11 HOH HOH L . 
C 3 HOH 7  113 12 HOH HOH L . 
C 3 HOH 8  114 13 HOH HOH L . 
C 3 HOH 9  115 14 HOH HOH L . 
C 3 HOH 10 116 15 HOH HOH L . 
D 3 HOH 1  124 1  HOH HOH H . 
D 3 HOH 2  125 2  HOH HOH H . 
D 3 HOH 3  126 7  HOH HOH H . 
D 3 HOH 4  127 8  HOH HOH H . 
D 3 HOH 5  128 9  HOH HOH H . 
D 3 HOH 6  129 16 HOH HOH H . 
D 3 HOH 7  130 17 HOH HOH H . 
D 3 HOH 8  131 18 HOH HOH H . 
# 
loop_
_software.name 
_software.classification 
_software.version 
_software.citation_id 
_software.pdbx_ordinal 
X-GEN 'data scaling'   . ? 1 
X-GEN 'data reduction' . ? 2 
AMoRE phasing          . ? 3 
CNS   refinement       . ? 4 
# 
_cell.entry_id           1DQL 
_cell.length_a           53.570 
_cell.length_b           61.130 
_cell.length_c           42.200 
_cell.angle_alpha        90.00 
_cell.angle_beta         96.90 
_cell.angle_gamma        90.00 
_cell.Z_PDB              2 
_cell.pdbx_unique_axis   ? 
# 
_symmetry.entry_id                         1DQL 
_symmetry.space_group_name_H-M             'P 1 21 1' 
_symmetry.pdbx_full_space_group_name_H-M   ? 
_symmetry.cell_setting                     ? 
_symmetry.Int_Tables_number                4 
# 
_exptl.entry_id          1DQL 
_exptl.method            'X-RAY DIFFRACTION' 
_exptl.crystals_number   1 
# 
_exptl_crystal.id                    1 
_exptl_crystal.density_meas          ? 
_exptl_crystal.density_Matthews      2.72 
_exptl_crystal.density_percent_sol   55.20 
_exptl_crystal.description           ? 
# 
_exptl_crystal_grow.crystal_id      1 
_exptl_crystal_grow.method          'MICROSEEDING, SITTING DROP' 
_exptl_crystal_grow.temp            295 
_exptl_crystal_grow.temp_details    ? 
_exptl_crystal_grow.pH              7.0 
_exptl_crystal_grow.pdbx_details    
'6-8% (W/V) PEG 8000, 0.05% (W/V) SODIUM AZIDE, pH 7.0, MICROSEEDING, SITTING DROP, temperature 295K' 
_exptl_crystal_grow.pdbx_pH_range   ? 
# 
_diffrn.id                     1 
_diffrn.ambient_temp           288 
_diffrn.ambient_temp_details   ? 
_diffrn.crystal_id             1 
# 
_diffrn_detector.diffrn_id              1 
_diffrn_detector.detector               'AREA DETECTOR' 
_diffrn_detector.type                   SIEMENS 
_diffrn_detector.pdbx_collection_date   1990-11-19 
_diffrn_detector.details                ? 
# 
_diffrn_radiation.diffrn_id                        1 
_diffrn_radiation.wavelength_id                    1 
_diffrn_radiation.pdbx_monochromatic_or_laue_m_l   M 
_diffrn_radiation.monochromator                    ? 
_diffrn_radiation.pdbx_diffrn_protocol             'SINGLE WAVELENGTH' 
_diffrn_radiation.pdbx_scattering_type             x-ray 
# 
_diffrn_radiation_wavelength.id           1 
_diffrn_radiation_wavelength.wavelength   1.5418 
_diffrn_radiation_wavelength.wt           1.0 
# 
_diffrn_source.diffrn_id                   1 
_diffrn_source.source                      'ROTATING ANODE' 
_diffrn_source.type                        SIEMENS 
_diffrn_source.pdbx_synchrotron_site       ? 
_diffrn_source.pdbx_synchrotron_beamline   ? 
_diffrn_source.pdbx_wavelength             1.5418 
_diffrn_source.pdbx_wavelength_list        ? 
# 
_reflns.entry_id                     1DQL 
_reflns.observed_criterion_sigma_I   0.0 
_reflns.observed_criterion_sigma_F   0.0 
_reflns.d_resolution_low             20.0 
_reflns.d_resolution_high            2.58 
_reflns.number_obs                   7111 
_reflns.number_all                   7111 
_reflns.percent_possible_obs         84.4 
_reflns.pdbx_Rmerge_I_obs            0.145 
_reflns.pdbx_Rsym_value              ? 
_reflns.pdbx_netI_over_sigmaI        12.4 
_reflns.B_iso_Wilson_estimate        13.1 
_reflns.pdbx_redundancy              2.25 
_reflns.R_free_details               ? 
_reflns.limit_h_max                  ? 
_reflns.limit_h_min                  ? 
_reflns.limit_k_max                  ? 
_reflns.limit_k_min                  ? 
_reflns.limit_l_max                  ? 
_reflns.limit_l_min                  ? 
_reflns.observed_criterion_F_max     ? 
_reflns.observed_criterion_F_min     ? 
_reflns.pdbx_diffrn_id               1 
_reflns.pdbx_ordinal                 1 
# 
_reflns_shell.d_res_high             2.58 
_reflns_shell.d_res_low              2.75 
_reflns_shell.percent_possible_all   40.0 
_reflns_shell.Rmerge_I_obs           0.167 
_reflns_shell.pdbx_Rsym_value        ? 
_reflns_shell.meanI_over_sigI_obs    ? 
_reflns_shell.pdbx_redundancy        1.2 
_reflns_shell.percent_possible_obs   ? 
_reflns_shell.number_unique_all      ? 
_reflns_shell.pdbx_diffrn_id         ? 
_reflns_shell.pdbx_ordinal           1 
# 
_refine.entry_id                                 1DQL 
_refine.ls_number_reflns_obs                     6963 
_refine.ls_number_reflns_all                     6963 
_refine.pdbx_ls_sigma_I                          0.0 
_refine.pdbx_ls_sigma_F                          0.0 
_refine.pdbx_data_cutoff_high_absF               ? 
_refine.pdbx_data_cutoff_low_absF                ? 
_refine.pdbx_data_cutoff_high_rms_absF           ? 
_refine.ls_d_res_low                             20.0 
_refine.ls_d_res_high                            2.6 
_refine.ls_percent_reflns_obs                    83.4 
_refine.ls_R_factor_obs                          0.191 
_refine.ls_R_factor_all                          0.191 
_refine.ls_R_factor_R_work                       0.181 
_refine.ls_R_factor_R_free                       0.261 
_refine.ls_R_factor_R_free_error                 0.009 
_refine.ls_R_factor_R_free_error_details         ? 
_refine.ls_percent_reflns_R_free                 11.0 
_refine.ls_number_reflns_R_free                  764 
_refine.ls_number_parameters                     ? 
_refine.ls_number_restraints                     ? 
_refine.occupancy_min                            ? 
_refine.occupancy_max                            ? 
_refine.B_iso_mean                               18.9 
_refine.aniso_B[1][1]                            ? 
_refine.aniso_B[2][2]                            ? 
_refine.aniso_B[3][3]                            ? 
_refine.aniso_B[1][2]                            ? 
_refine.aniso_B[1][3]                            ? 
_refine.aniso_B[2][3]                            ? 
_refine.solvent_model_details                    'FLAT MODEL' 
_refine.solvent_model_param_ksol                 0.252 
_refine.solvent_model_param_bsol                 14.31 
_refine.pdbx_ls_cross_valid_method               THROUGHOUT 
_refine.details                                  ? 
_refine.pdbx_starting_model                      ? 
_refine.pdbx_method_to_determine_struct          ? 
_refine.pdbx_isotropic_thermal_model             ? 
_refine.pdbx_stereochemistry_target_values       'ENGH & HUBER' 
_refine.pdbx_stereochem_target_val_spec_case     ? 
_refine.pdbx_R_Free_selection_details            RANDOM 
_refine.pdbx_overall_ESU_R                       ? 
_refine.pdbx_overall_ESU_R_Free                  ? 
_refine.overall_SU_ML                            ? 
_refine.overall_SU_B                             ? 
_refine.ls_redundancy_reflns_obs                 ? 
_refine.B_iso_min                                ? 
_refine.B_iso_max                                ? 
_refine.pdbx_refine_id                           'X-RAY DIFFRACTION' 
_refine.pdbx_diffrn_id                           1 
_refine.pdbx_TLS_residual_ADP_flag               ? 
_refine.correlation_coeff_Fo_to_Fc               ? 
_refine.correlation_coeff_Fo_to_Fc_free          ? 
_refine.pdbx_solvent_vdw_probe_radii             ? 
_refine.pdbx_solvent_ion_probe_radii             ? 
_refine.pdbx_solvent_shrinkage_radii             ? 
_refine.pdbx_overall_phase_error                 ? 
_refine.overall_SU_R_Cruickshank_DPI             ? 
_refine.pdbx_overall_SU_R_free_Cruickshank_DPI   ? 
_refine.pdbx_overall_SU_R_Blow_DPI               ? 
_refine.pdbx_overall_SU_R_free_Blow_DPI          ? 
# 
_refine_analyze.entry_id                        1DQL 
_refine_analyze.Luzzati_coordinate_error_obs    0.28 
_refine_analyze.Luzzati_sigma_a_obs             0.38 
_refine_analyze.Luzzati_d_res_low_obs           5.00 
_refine_analyze.Luzzati_coordinate_error_free   0.41 
_refine_analyze.Luzzati_sigma_a_free            0.57 
_refine_analyze.Luzzati_d_res_low_free          ? 
_refine_analyze.number_disordered_residues      ? 
_refine_analyze.occupancy_sum_hydrogen          ? 
_refine_analyze.occupancy_sum_non_hydrogen      ? 
_refine_analyze.pdbx_Luzzati_d_res_high_obs     ? 
_refine_analyze.pdbx_refine_id                  'X-RAY DIFFRACTION' 
# 
_refine_hist.pdbx_refine_id                   'X-RAY DIFFRACTION' 
_refine_hist.cycle_id                         LAST 
_refine_hist.pdbx_number_atoms_protein        1740 
_refine_hist.pdbx_number_atoms_nucleic_acid   0 
_refine_hist.pdbx_number_atoms_ligand         0 
_refine_hist.number_atoms_solvent             18 
_refine_hist.number_atoms_total               1758 
_refine_hist.d_res_high                       2.6 
_refine_hist.d_res_low                        20.0 
# 
loop_
_refine_ls_restr.type 
_refine_ls_restr.dev_ideal 
_refine_ls_restr.dev_ideal_target 
_refine_ls_restr.weight 
_refine_ls_restr.number 
_refine_ls_restr.pdbx_refine_id 
_refine_ls_restr.pdbx_restraint_function 
c_bond_d                0.007 ? ? ? 'X-RAY DIFFRACTION' ? 
c_bond_d_na             ?     ? ? ? 'X-RAY DIFFRACTION' ? 
c_bond_d_prot           ?     ? ? ? 'X-RAY DIFFRACTION' ? 
c_angle_d               ?     ? ? ? 'X-RAY DIFFRACTION' ? 
c_angle_d_na            ?     ? ? ? 'X-RAY DIFFRACTION' ? 
c_angle_d_prot          ?     ? ? ? 'X-RAY DIFFRACTION' ? 
c_angle_deg             1.35  ? ? ? 'X-RAY DIFFRACTION' ? 
c_angle_deg_na          ?     ? ? ? 'X-RAY DIFFRACTION' ? 
c_angle_deg_prot        ?     ? ? ? 'X-RAY DIFFRACTION' ? 
c_dihedral_angle_d      27.80 ? ? ? 'X-RAY DIFFRACTION' ? 
c_dihedral_angle_d_na   ?     ? ? ? 'X-RAY DIFFRACTION' ? 
c_dihedral_angle_d_prot ?     ? ? ? 'X-RAY DIFFRACTION' ? 
c_improper_angle_d      0.78  ? ? ? 'X-RAY DIFFRACTION' ? 
c_improper_angle_d_na   ?     ? ? ? 'X-RAY DIFFRACTION' ? 
c_improper_angle_d_prot ?     ? ? ? 'X-RAY DIFFRACTION' ? 
c_mcbond_it             ?     ? ? ? 'X-RAY DIFFRACTION' ? 
c_mcangle_it            ?     ? ? ? 'X-RAY DIFFRACTION' ? 
c_scbond_it             ?     ? ? ? 'X-RAY DIFFRACTION' ? 
c_scangle_it            ?     ? ? ? 'X-RAY DIFFRACTION' ? 
# 
_refine_ls_shell.pdbx_total_number_of_bins_used   6 
_refine_ls_shell.d_res_high                       2.60 
_refine_ls_shell.d_res_low                        2.76 
_refine_ls_shell.number_reflns_R_work             502 
_refine_ls_shell.R_factor_R_work                  0.286 
_refine_ls_shell.percent_reflns_obs               40.6 
_refine_ls_shell.R_factor_R_free                  0.379 
_refine_ls_shell.R_factor_R_free_error            0.047 
_refine_ls_shell.percent_reflns_R_free            11.5 
_refine_ls_shell.number_reflns_R_free             65 
_refine_ls_shell.redundancy_reflns_obs            ? 
_refine_ls_shell.number_reflns_all                ? 
_refine_ls_shell.number_reflns_obs                ? 
_refine_ls_shell.pdbx_refine_id                   'X-RAY DIFFRACTION' 
_refine_ls_shell.R_factor_all                     ? 
# 
loop_
_pdbx_xplor_file.serial_no 
_pdbx_xplor_file.param_file 
_pdbx_xplor_file.topol_file 
_pdbx_xplor_file.pdbx_refine_id 
1 protein_rep.param protein.top 'X-RAY DIFFRACTION' 
2 pca.par           pca.top     'X-RAY DIFFRACTION' 
3 water_rep.param   ?           'X-RAY DIFFRACTION' 
# 
_struct.entry_id                  1DQL 
_struct.title                     'CRYSTAL STRUCTURE OF AN UNLIGANDED (NATIVE) FV FROM A HUMAN IGM ANTI-PEPTIDE ANTIBODY' 
_struct.pdbx_model_details        ? 
_struct.pdbx_CASP_flag            ? 
_struct.pdbx_model_type_details   ? 
# 
_struct_keywords.entry_id        1DQL 
_struct_keywords.pdbx_keywords   'IMMUNE SYSTEM' 
_struct_keywords.text            'IMMUNOGLOBULIN FOLD, ANTIBODY, IgM, Fv, IMMUNE SYSTEM' 
# 
loop_
_struct_asym.id 
_struct_asym.pdbx_blank_PDB_chainid_flag 
_struct_asym.pdbx_modified 
_struct_asym.entity_id 
_struct_asym.details 
A N N 1 ? 
B N N 2 ? 
C N N 3 ? 
D N N 3 ? 
# 
loop_
_struct_ref.id 
_struct_ref.entity_id 
_struct_ref.db_name 
_struct_ref.db_code 
_struct_ref.pdbx_db_accession 
_struct_ref.pdbx_db_isoform 
_struct_ref.pdbx_seq_one_letter_code 
_struct_ref.pdbx_align_begin 
1 1 PDB 1DQL 1DQL ? ? ? 
2 2 PDB 1DQL 1DQL ? ? ? 
# 
loop_
_struct_ref_seq.align_id 
_struct_ref_seq.ref_id 
_struct_ref_seq.pdbx_PDB_id_code 
_struct_ref_seq.pdbx_strand_id 
_struct_ref_seq.seq_align_beg 
_struct_ref_seq.pdbx_seq_align_beg_ins_code 
_struct_ref_seq.seq_align_end 
_struct_ref_seq.pdbx_seq_align_end_ins_code 
_struct_ref_seq.pdbx_db_accession 
_struct_ref_seq.db_align_beg 
_struct_ref_seq.pdbx_db_align_beg_ins_code 
_struct_ref_seq.db_align_end 
_struct_ref_seq.pdbx_db_align_end_ins_code 
_struct_ref_seq.pdbx_auth_seq_align_beg 
_struct_ref_seq.pdbx_auth_seq_align_end 
1 1 1DQL L 1 ? 106 ? 1DQL 1 ? 106 ? 1 106 
2 2 1DQL H 1 ? 123 ? 1DQL 1 ? 123 ? 1 123 
# 
_pdbx_struct_assembly.id                   1 
_pdbx_struct_assembly.details              author_and_software_defined_assembly 
_pdbx_struct_assembly.method_details       PISA 
_pdbx_struct_assembly.oligomeric_details   dimeric 
_pdbx_struct_assembly.oligomeric_count     2 
# 
loop_
_pdbx_struct_assembly_prop.biol_id 
_pdbx_struct_assembly_prop.type 
_pdbx_struct_assembly_prop.value 
_pdbx_struct_assembly_prop.details 
1 'ABSA (A^2)' 1380  ? 
1 MORE         -8    ? 
1 'SSA (A^2)'  10640 ? 
# 
_pdbx_struct_assembly_gen.assembly_id       1 
_pdbx_struct_assembly_gen.oper_expression   1 
_pdbx_struct_assembly_gen.asym_id_list      A,B,C,D 
# 
_pdbx_struct_oper_list.id                   1 
_pdbx_struct_oper_list.type                 'identity operation' 
_pdbx_struct_oper_list.name                 1_555 
_pdbx_struct_oper_list.symmetry_operation   x,y,z 
_pdbx_struct_oper_list.matrix[1][1]         1.0000000000 
_pdbx_struct_oper_list.matrix[1][2]         0.0000000000 
_pdbx_struct_oper_list.matrix[1][3]         0.0000000000 
_pdbx_struct_oper_list.vector[1]            0.0000000000 
_pdbx_struct_oper_list.matrix[2][1]         0.0000000000 
_pdbx_struct_oper_list.matrix[2][2]         1.0000000000 
_pdbx_struct_oper_list.matrix[2][3]         0.0000000000 
_pdbx_struct_oper_list.vector[2]            0.0000000000 
_pdbx_struct_oper_list.matrix[3][1]         0.0000000000 
_pdbx_struct_oper_list.matrix[3][2]         0.0000000000 
_pdbx_struct_oper_list.matrix[3][3]         1.0000000000 
_pdbx_struct_oper_list.vector[3]            0.0000000000 
# 
_struct_biol.id                    1 
_struct_biol.details               'The Mez Fv is a non-covalent heterodimer of VL (chain L) and VH (chain H)' 
_struct_biol.pdbx_parent_biol_id   ? 
# 
loop_
_struct_conf.conf_type_id 
_struct_conf.id 
_struct_conf.pdbx_PDB_helix_id 
_struct_conf.beg_label_comp_id 
_struct_conf.beg_label_asym_id 
_struct_conf.beg_label_seq_id 
_struct_conf.pdbx_beg_PDB_ins_code 
_struct_conf.end_label_comp_id 
_struct_conf.end_label_asym_id 
_struct_conf.end_label_seq_id 
_struct_conf.pdbx_end_PDB_ins_code 
_struct_conf.beg_auth_comp_id 
_struct_conf.beg_auth_asym_id 
_struct_conf.beg_auth_seq_id 
_struct_conf.end_auth_comp_id 
_struct_conf.end_auth_asym_id 
_struct_conf.end_auth_seq_id 
_struct_conf.pdbx_PDB_helix_class 
_struct_conf.details 
_struct_conf.pdbx_PDB_helix_length 
HELX_P HELX_P1 1 THR B 28 ? TYR B 32 ? THR H 28 TYR H 32 5 ? 5 
HELX_P HELX_P2 2 ASP B 62 ? VAL B 64 ? ASP H 62 VAL H 64 5 ? 3 
HELX_P HELX_P3 3 ARG B 87 ? THR B 91 ? ARG H 87 THR H 91 5 ? 5 
# 
_struct_conf_type.id          HELX_P 
_struct_conf_type.criteria    ? 
_struct_conf_type.reference   ? 
# 
loop_
_struct_conn.id 
_struct_conn.conn_type_id 
_struct_conn.pdbx_leaving_atom_flag 
_struct_conn.pdbx_PDB_id 
_struct_conn.ptnr1_label_asym_id 
_struct_conn.ptnr1_label_comp_id 
_struct_conn.ptnr1_label_seq_id 
_struct_conn.ptnr1_label_atom_id 
_struct_conn.pdbx_ptnr1_label_alt_id 
_struct_conn.pdbx_ptnr1_PDB_ins_code 
_struct_conn.pdbx_ptnr1_standard_comp_id 
_struct_conn.ptnr1_symmetry 
_struct_conn.ptnr2_label_asym_id 
_struct_conn.ptnr2_label_comp_id 
_struct_conn.ptnr2_label_seq_id 
_struct_conn.ptnr2_label_atom_id 
_struct_conn.pdbx_ptnr2_label_alt_id 
_struct_conn.pdbx_ptnr2_PDB_ins_code 
_struct_conn.ptnr1_auth_asym_id 
_struct_conn.ptnr1_auth_comp_id 
_struct_conn.ptnr1_auth_seq_id 
_struct_conn.ptnr2_auth_asym_id 
_struct_conn.ptnr2_auth_comp_id 
_struct_conn.ptnr2_auth_seq_id 
_struct_conn.ptnr2_symmetry 
_struct_conn.pdbx_ptnr3_label_atom_id 
_struct_conn.pdbx_ptnr3_label_seq_id 
_struct_conn.pdbx_ptnr3_label_comp_id 
_struct_conn.pdbx_ptnr3_label_asym_id 
_struct_conn.pdbx_ptnr3_label_alt_id 
_struct_conn.pdbx_ptnr3_PDB_ins_code 
_struct_conn.details 
_struct_conn.pdbx_dist_value 
_struct_conn.pdbx_value_order 
_struct_conn.pdbx_role 
disulf1 disulf ?    ? A CYS 23 SG ? ? ? 1_555 A CYS 88 SG ? ? L CYS 23 L CYS 88 1_555 ? ? ? ? ? ? ? 2.030 ? ? 
disulf2 disulf ?    ? B CYS 22 SG ? ? ? 1_555 B CYS 96 SG ? ? H CYS 22 H CYS 96 1_555 ? ? ? ? ? ? ? 2.032 ? ? 
covale1 covale both ? B PCA 1  C  ? ? ? 1_555 B VAL 2  N  ? ? H PCA 1  H VAL 2  1_555 ? ? ? ? ? ? ? 1.323 ? ? 
# 
loop_
_struct_conn_type.id 
_struct_conn_type.criteria 
_struct_conn_type.reference 
disulf ? ? 
covale ? ? 
# 
loop_
_pdbx_modification_feature.ordinal 
_pdbx_modification_feature.label_comp_id 
_pdbx_modification_feature.label_asym_id 
_pdbx_modification_feature.label_seq_id 
_pdbx_modification_feature.label_alt_id 
_pdbx_modification_feature.modified_residue_label_comp_id 
_pdbx_modification_feature.modified_residue_label_asym_id 
_pdbx_modification_feature.modified_residue_label_seq_id 
_pdbx_modification_feature.modified_residue_label_alt_id 
_pdbx_modification_feature.auth_comp_id 
_pdbx_modification_feature.auth_asym_id 
_pdbx_modification_feature.auth_seq_id 
_pdbx_modification_feature.PDB_ins_code 
_pdbx_modification_feature.symmetry 
_pdbx_modification_feature.modified_residue_auth_comp_id 
_pdbx_modification_feature.modified_residue_auth_asym_id 
_pdbx_modification_feature.modified_residue_auth_seq_id 
_pdbx_modification_feature.modified_residue_PDB_ins_code 
_pdbx_modification_feature.modified_residue_symmetry 
_pdbx_modification_feature.comp_id_linking_atom 
_pdbx_modification_feature.modified_residue_id_linking_atom 
_pdbx_modification_feature.modified_residue_id 
_pdbx_modification_feature.ref_pcm_id 
_pdbx_modification_feature.ref_comp_id 
_pdbx_modification_feature.type 
_pdbx_modification_feature.category 
1 PCA B 1  ? .   . .  . PCA H 1  ? 1_555 .   . .  . .     .  .  GLN 1 PCA 'Pyrrolidone carboxylic acid' 
'Named protein modification' 
2 CYS A 23 ? CYS A 88 ? CYS L 23 ? 1_555 CYS L 88 ? 1_555 SG SG .   . .   None                          'Disulfide bridge' 
3 CYS B 22 ? CYS B 96 ? CYS H 22 ? 1_555 CYS H 96 ? 1_555 SG SG .   . .   None                          'Disulfide bridge' 
# 
_struct_mon_prot_cis.pdbx_id                1 
_struct_mon_prot_cis.label_comp_id          SER 
_struct_mon_prot_cis.label_seq_id           7 
_struct_mon_prot_cis.label_asym_id          A 
_struct_mon_prot_cis.label_alt_id           . 
_struct_mon_prot_cis.pdbx_PDB_ins_code      ? 
_struct_mon_prot_cis.auth_comp_id           SER 
_struct_mon_prot_cis.auth_seq_id            7 
_struct_mon_prot_cis.auth_asym_id           L 
_struct_mon_prot_cis.pdbx_label_comp_id_2   PRO 
_struct_mon_prot_cis.pdbx_label_seq_id_2    8 
_struct_mon_prot_cis.pdbx_label_asym_id_2   A 
_struct_mon_prot_cis.pdbx_PDB_ins_code_2    ? 
_struct_mon_prot_cis.pdbx_auth_comp_id_2    PRO 
_struct_mon_prot_cis.pdbx_auth_seq_id_2     8 
_struct_mon_prot_cis.pdbx_auth_asym_id_2    L 
_struct_mon_prot_cis.pdbx_PDB_model_num     1 
_struct_mon_prot_cis.pdbx_omega_angle       0.88 
# 
loop_
_struct_sheet.id 
_struct_sheet.type 
_struct_sheet.number_strands 
_struct_sheet.details 
A ? 4 ? 
B ? 5 ? 
C ? 6 ? 
D ? 4 ? 
E ? 6 ? 
# 
loop_
_struct_sheet_order.sheet_id 
_struct_sheet_order.range_id_1 
_struct_sheet_order.range_id_2 
_struct_sheet_order.offset 
_struct_sheet_order.sense 
A 1 2 ? anti-parallel 
A 2 3 ? anti-parallel 
A 3 4 ? anti-parallel 
B 1 2 ? anti-parallel 
B 2 3 ? anti-parallel 
B 3 4 ? anti-parallel 
B 4 5 ? anti-parallel 
C 1 2 ? anti-parallel 
C 2 3 ? anti-parallel 
C 3 4 ? anti-parallel 
C 4 5 ? anti-parallel 
C 5 6 ? parallel      
D 1 2 ? anti-parallel 
D 2 3 ? anti-parallel 
D 3 4 ? anti-parallel 
E 1 2 ? parallel      
E 2 3 ? anti-parallel 
E 3 4 ? anti-parallel 
E 4 5 ? anti-parallel 
E 5 6 ? anti-parallel 
# 
loop_
_struct_sheet_range.sheet_id 
_struct_sheet_range.id 
_struct_sheet_range.beg_label_comp_id 
_struct_sheet_range.beg_label_asym_id 
_struct_sheet_range.beg_label_seq_id 
_struct_sheet_range.pdbx_beg_PDB_ins_code 
_struct_sheet_range.end_label_comp_id 
_struct_sheet_range.end_label_asym_id 
_struct_sheet_range.end_label_seq_id 
_struct_sheet_range.pdbx_end_PDB_ins_code 
_struct_sheet_range.beg_auth_comp_id 
_struct_sheet_range.beg_auth_asym_id 
_struct_sheet_range.beg_auth_seq_id 
_struct_sheet_range.end_auth_comp_id 
_struct_sheet_range.end_auth_asym_id 
_struct_sheet_range.end_auth_seq_id 
A 1 THR A 5   ? SER A 7   ? THR L 5   SER L 7   
A 2 VAL A 19  ? ARG A 24  ? VAL L 19  ARG L 24  
A 3 ASP A 70  ? ILE A 75  ? ASP L 70  ILE L 75  
A 4 PHE A 62  ? SER A 67  ? PHE L 62  SER L 67  
B 1 SER A 53  ? LEU A 54  ? SER L 53  LEU L 54  
B 2 LYS A 45  ? TYR A 49  ? LYS L 45  TYR L 49  
B 3 LEU A 33  ? GLN A 38  ? LEU L 33  GLN L 38  
B 4 THR A 85  ? GLN A 90  ? THR L 85  GLN L 90  
B 5 THR A 96  ? PHE A 97  ? THR L 96  PHE L 97  
C 1 SER A 53  ? LEU A 54  ? SER L 53  LEU L 54  
C 2 LYS A 45  ? TYR A 49  ? LYS L 45  TYR L 49  
C 3 LEU A 33  ? GLN A 38  ? LEU L 33  GLN L 38  
C 4 THR A 85  ? GLN A 90  ? THR L 85  GLN L 90  
C 5 THR A 101 ? ILE A 105 ? THR L 101 ILE L 105 
C 6 SER A 10  ? ALA A 13  ? SER L 10  ALA L 13  
D 1 GLN B 3   ? SER B 7   ? GLN H 3   SER H 7   
D 2 LEU B 18  ? SER B 25  ? LEU H 18  SER H 25  
D 3 THR B 78  ? MET B 83  ? THR H 78  MET H 83  
D 4 PHE B 68  ? ASN B 73  ? PHE H 68  ASN H 73  
E 1 LEU B 11  ? VAL B 12  ? LEU H 11  VAL H 12  
E 2 THR B 117 ? VAL B 121 ? THR H 117 VAL H 121 
E 3 ALA B 92  ? ARG B 98  ? ALA H 92  ARG H 98  
E 4 MET B 34  ? GLN B 39  ? MET H 34  GLN H 39  
E 5 LEU B 45  ? ILE B 51  ? LEU H 45  ILE H 51  
E 6 LYS B 58  ? TYR B 60  ? LYS H 58  TYR H 60  
# 
loop_
_pdbx_struct_sheet_hbond.sheet_id 
_pdbx_struct_sheet_hbond.range_id_1 
_pdbx_struct_sheet_hbond.range_id_2 
_pdbx_struct_sheet_hbond.range_1_label_atom_id 
_pdbx_struct_sheet_hbond.range_1_label_comp_id 
_pdbx_struct_sheet_hbond.range_1_label_asym_id 
_pdbx_struct_sheet_hbond.range_1_label_seq_id 
_pdbx_struct_sheet_hbond.range_1_PDB_ins_code 
_pdbx_struct_sheet_hbond.range_1_auth_atom_id 
_pdbx_struct_sheet_hbond.range_1_auth_comp_id 
_pdbx_struct_sheet_hbond.range_1_auth_asym_id 
_pdbx_struct_sheet_hbond.range_1_auth_seq_id 
_pdbx_struct_sheet_hbond.range_2_label_atom_id 
_pdbx_struct_sheet_hbond.range_2_label_comp_id 
_pdbx_struct_sheet_hbond.range_2_label_asym_id 
_pdbx_struct_sheet_hbond.range_2_label_seq_id 
_pdbx_struct_sheet_hbond.range_2_PDB_ins_code 
_pdbx_struct_sheet_hbond.range_2_auth_atom_id 
_pdbx_struct_sheet_hbond.range_2_auth_comp_id 
_pdbx_struct_sheet_hbond.range_2_auth_asym_id 
_pdbx_struct_sheet_hbond.range_2_auth_seq_id 
A 1 2 N SER A 7   ? N SER L 7   O THR A 22  ? O THR L 22  
A 2 3 O CYS A 23  ? O CYS L 23  N PHE A 71  ? N PHE L 71  
A 3 4 N THR A 74  ? N THR L 74  O SER A 63  ? O SER L 63  
B 1 2 O SER A 53  ? O SER L 53  N TYR A 49  ? N TYR L 49  
B 2 3 N LEU A 47  ? N LEU L 47  O TRP A 35  ? O TRP L 35  
B 3 4 N GLN A 38  ? N GLN L 38  O THR A 85  ? O THR L 85  
B 4 5 N GLN A 90  ? N GLN L 90  O THR A 96  ? O THR L 96  
C 1 2 O SER A 53  ? O SER L 53  N TYR A 49  ? N TYR L 49  
C 2 3 N LEU A 47  ? N LEU L 47  O TRP A 35  ? O TRP L 35  
C 3 4 N GLN A 38  ? N GLN L 38  O THR A 85  ? O THR L 85  
C 4 5 N TYR A 86  ? N TYR L 86  O THR A 101 ? O THR L 101 
C 5 6 N ASP A 104 ? N ASP L 104 O LEU A 11  ? O LEU L 11  
D 1 2 N SER B 7   ? N SER H 7   O SER B 21  ? O SER H 21  
D 2 3 N CYS B 22  ? N CYS H 22  O LEU B 79  ? O LEU H 79  
D 3 4 N GLN B 82  ? N GLN H 82  O THR B 69  ? O THR H 69  
E 1 2 N VAL B 12  ? N VAL H 12  O THR B 120 ? O THR H 120 
E 2 3 N VAL B 119 ? N VAL H 119 O ALA B 92  ? O ALA H 92  
E 3 4 O ALA B 97  ? O ALA H 97  N HIS B 35  ? N HIS H 35  
E 4 5 N ARG B 38  ? N ARG H 38  O GLU B 46  ? O GLU H 46  
E 5 6 O VAL B 50  ? O VAL H 50  N TYR B 59  ? N TYR H 59  
# 
_pdbx_entry_details.entry_id                   1DQL 
_pdbx_entry_details.compound_details           ? 
_pdbx_entry_details.source_details             ? 
_pdbx_entry_details.nonpolymer_details         ? 
_pdbx_entry_details.sequence_details           ? 
_pdbx_entry_details.has_ligand_of_interest     ? 
_pdbx_entry_details.has_protein_modification   Y 
# 
loop_
_pdbx_validate_torsion.id 
_pdbx_validate_torsion.PDB_model_num 
_pdbx_validate_torsion.auth_comp_id 
_pdbx_validate_torsion.auth_asym_id 
_pdbx_validate_torsion.auth_seq_id 
_pdbx_validate_torsion.PDB_ins_code 
_pdbx_validate_torsion.label_alt_id 
_pdbx_validate_torsion.phi 
_pdbx_validate_torsion.psi 
1 1 ARG L 30 ? ? 55.79   -118.29 
2 1 ALA L 51 ? ? 64.30   -43.90  
3 1 ALA L 84 ? ? -179.21 -176.20 
4 1 SER L 93 ? ? -137.25 -149.03 
5 1 ASP H 74 ? ? -68.83  14.35   
# 
_pdbx_struct_mod_residue.id               1 
_pdbx_struct_mod_residue.label_asym_id    B 
_pdbx_struct_mod_residue.label_comp_id    PCA 
_pdbx_struct_mod_residue.label_seq_id     1 
_pdbx_struct_mod_residue.auth_asym_id     H 
_pdbx_struct_mod_residue.auth_comp_id     PCA 
_pdbx_struct_mod_residue.auth_seq_id      1 
_pdbx_struct_mod_residue.PDB_ins_code     ? 
_pdbx_struct_mod_residue.parent_comp_id   GLN 
_pdbx_struct_mod_residue.details          'PYROGLUTAMIC ACID' 
# 
loop_
_chem_comp_atom.comp_id 
_chem_comp_atom.atom_id 
_chem_comp_atom.type_symbol 
_chem_comp_atom.pdbx_aromatic_flag 
_chem_comp_atom.pdbx_stereo_config 
_chem_comp_atom.pdbx_ordinal 
ALA N    N N N 1   
ALA CA   C N S 2   
ALA C    C N N 3   
ALA O    O N N 4   
ALA CB   C N N 5   
ALA OXT  O N N 6   
ALA H    H N N 7   
ALA H2   H N N 8   
ALA HA   H N N 9   
ALA HB1  H N N 10  
ALA HB2  H N N 11  
ALA HB3  H N N 12  
ALA HXT  H N N 13  
ARG N    N N N 14  
ARG CA   C N S 15  
ARG C    C N N 16  
ARG O    O N N 17  
ARG CB   C N N 18  
ARG CG   C N N 19  
ARG CD   C N N 20  
ARG NE   N N N 21  
ARG CZ   C N N 22  
ARG NH1  N N N 23  
ARG NH2  N N N 24  
ARG OXT  O N N 25  
ARG H    H N N 26  
ARG H2   H N N 27  
ARG HA   H N N 28  
ARG HB2  H N N 29  
ARG HB3  H N N 30  
ARG HG2  H N N 31  
ARG HG3  H N N 32  
ARG HD2  H N N 33  
ARG HD3  H N N 34  
ARG HE   H N N 35  
ARG HH11 H N N 36  
ARG HH12 H N N 37  
ARG HH21 H N N 38  
ARG HH22 H N N 39  
ARG HXT  H N N 40  
ASN N    N N N 41  
ASN CA   C N S 42  
ASN C    C N N 43  
ASN O    O N N 44  
ASN CB   C N N 45  
ASN CG   C N N 46  
ASN OD1  O N N 47  
ASN ND2  N N N 48  
ASN OXT  O N N 49  
ASN H    H N N 50  
ASN H2   H N N 51  
ASN HA   H N N 52  
ASN HB2  H N N 53  
ASN HB3  H N N 54  
ASN HD21 H N N 55  
ASN HD22 H N N 56  
ASN HXT  H N N 57  
ASP N    N N N 58  
ASP CA   C N S 59  
ASP C    C N N 60  
ASP O    O N N 61  
ASP CB   C N N 62  
ASP CG   C N N 63  
ASP OD1  O N N 64  
ASP OD2  O N N 65  
ASP OXT  O N N 66  
ASP H    H N N 67  
ASP H2   H N N 68  
ASP HA   H N N 69  
ASP HB2  H N N 70  
ASP HB3  H N N 71  
ASP HD2  H N N 72  
ASP HXT  H N N 73  
CYS N    N N N 74  
CYS CA   C N R 75  
CYS C    C N N 76  
CYS O    O N N 77  
CYS CB   C N N 78  
CYS SG   S N N 79  
CYS OXT  O N N 80  
CYS H    H N N 81  
CYS H2   H N N 82  
CYS HA   H N N 83  
CYS HB2  H N N 84  
CYS HB3  H N N 85  
CYS HG   H N N 86  
CYS HXT  H N N 87  
GLN N    N N N 88  
GLN CA   C N S 89  
GLN C    C N N 90  
GLN O    O N N 91  
GLN CB   C N N 92  
GLN CG   C N N 93  
GLN CD   C N N 94  
GLN OE1  O N N 95  
GLN NE2  N N N 96  
GLN OXT  O N N 97  
GLN H    H N N 98  
GLN H2   H N N 99  
GLN HA   H N N 100 
GLN HB2  H N N 101 
GLN HB3  H N N 102 
GLN HG2  H N N 103 
GLN HG3  H N N 104 
GLN HE21 H N N 105 
GLN HE22 H N N 106 
GLN HXT  H N N 107 
GLU N    N N N 108 
GLU CA   C N S 109 
GLU C    C N N 110 
GLU O    O N N 111 
GLU CB   C N N 112 
GLU CG   C N N 113 
GLU CD   C N N 114 
GLU OE1  O N N 115 
GLU OE2  O N N 116 
GLU OXT  O N N 117 
GLU H    H N N 118 
GLU H2   H N N 119 
GLU HA   H N N 120 
GLU HB2  H N N 121 
GLU HB3  H N N 122 
GLU HG2  H N N 123 
GLU HG3  H N N 124 
GLU HE2  H N N 125 
GLU HXT  H N N 126 
GLY N    N N N 127 
GLY CA   C N N 128 
GLY C    C N N 129 
GLY O    O N N 130 
GLY OXT  O N N 131 
GLY H    H N N 132 
GLY H2   H N N 133 
GLY HA2  H N N 134 
GLY HA3  H N N 135 
GLY HXT  H N N 136 
HIS N    N N N 137 
HIS CA   C N S 138 
HIS C    C N N 139 
HIS O    O N N 140 
HIS CB   C N N 141 
HIS CG   C Y N 142 
HIS ND1  N Y N 143 
HIS CD2  C Y N 144 
HIS CE1  C Y N 145 
HIS NE2  N Y N 146 
HIS OXT  O N N 147 
HIS H    H N N 148 
HIS H2   H N N 149 
HIS HA   H N N 150 
HIS HB2  H N N 151 
HIS HB3  H N N 152 
HIS HD1  H N N 153 
HIS HD2  H N N 154 
HIS HE1  H N N 155 
HIS HE2  H N N 156 
HIS HXT  H N N 157 
HOH O    O N N 158 
HOH H1   H N N 159 
HOH H2   H N N 160 
ILE N    N N N 161 
ILE CA   C N S 162 
ILE C    C N N 163 
ILE O    O N N 164 
ILE CB   C N S 165 
ILE CG1  C N N 166 
ILE CG2  C N N 167 
ILE CD1  C N N 168 
ILE OXT  O N N 169 
ILE H    H N N 170 
ILE H2   H N N 171 
ILE HA   H N N 172 
ILE HB   H N N 173 
ILE HG12 H N N 174 
ILE HG13 H N N 175 
ILE HG21 H N N 176 
ILE HG22 H N N 177 
ILE HG23 H N N 178 
ILE HD11 H N N 179 
ILE HD12 H N N 180 
ILE HD13 H N N 181 
ILE HXT  H N N 182 
LEU N    N N N 183 
LEU CA   C N S 184 
LEU C    C N N 185 
LEU O    O N N 186 
LEU CB   C N N 187 
LEU CG   C N N 188 
LEU CD1  C N N 189 
LEU CD2  C N N 190 
LEU OXT  O N N 191 
LEU H    H N N 192 
LEU H2   H N N 193 
LEU HA   H N N 194 
LEU HB2  H N N 195 
LEU HB3  H N N 196 
LEU HG   H N N 197 
LEU HD11 H N N 198 
LEU HD12 H N N 199 
LEU HD13 H N N 200 
LEU HD21 H N N 201 
LEU HD22 H N N 202 
LEU HD23 H N N 203 
LEU HXT  H N N 204 
LYS N    N N N 205 
LYS CA   C N S 206 
LYS C    C N N 207 
LYS O    O N N 208 
LYS CB   C N N 209 
LYS CG   C N N 210 
LYS CD   C N N 211 
LYS CE   C N N 212 
LYS NZ   N N N 213 
LYS OXT  O N N 214 
LYS H    H N N 215 
LYS H2   H N N 216 
LYS HA   H N N 217 
LYS HB2  H N N 218 
LYS HB3  H N N 219 
LYS HG2  H N N 220 
LYS HG3  H N N 221 
LYS HD2  H N N 222 
LYS HD3  H N N 223 
LYS HE2  H N N 224 
LYS HE3  H N N 225 
LYS HZ1  H N N 226 
LYS HZ2  H N N 227 
LYS HZ3  H N N 228 
LYS HXT  H N N 229 
MET N    N N N 230 
MET CA   C N S 231 
MET C    C N N 232 
MET O    O N N 233 
MET CB   C N N 234 
MET CG   C N N 235 
MET SD   S N N 236 
MET CE   C N N 237 
MET OXT  O N N 238 
MET H    H N N 239 
MET H2   H N N 240 
MET HA   H N N 241 
MET HB2  H N N 242 
MET HB3  H N N 243 
MET HG2  H N N 244 
MET HG3  H N N 245 
MET HE1  H N N 246 
MET HE2  H N N 247 
MET HE3  H N N 248 
MET HXT  H N N 249 
PCA N    N N N 250 
PCA CA   C N S 251 
PCA CB   C N N 252 
PCA CG   C N N 253 
PCA CD   C N N 254 
PCA OE   O N N 255 
PCA C    C N N 256 
PCA O    O N N 257 
PCA OXT  O N N 258 
PCA H    H N N 259 
PCA HA   H N N 260 
PCA HB2  H N N 261 
PCA HB3  H N N 262 
PCA HG2  H N N 263 
PCA HG3  H N N 264 
PCA HXT  H N N 265 
PHE N    N N N 266 
PHE CA   C N S 267 
PHE C    C N N 268 
PHE O    O N N 269 
PHE CB   C N N 270 
PHE CG   C Y N 271 
PHE CD1  C Y N 272 
PHE CD2  C Y N 273 
PHE CE1  C Y N 274 
PHE CE2  C Y N 275 
PHE CZ   C Y N 276 
PHE OXT  O N N 277 
PHE H    H N N 278 
PHE H2   H N N 279 
PHE HA   H N N 280 
PHE HB2  H N N 281 
PHE HB3  H N N 282 
PHE HD1  H N N 283 
PHE HD2  H N N 284 
PHE HE1  H N N 285 
PHE HE2  H N N 286 
PHE HZ   H N N 287 
PHE HXT  H N N 288 
PRO N    N N N 289 
PRO CA   C N S 290 
PRO C    C N N 291 
PRO O    O N N 292 
PRO CB   C N N 293 
PRO CG   C N N 294 
PRO CD   C N N 295 
PRO OXT  O N N 296 
PRO H    H N N 297 
PRO HA   H N N 298 
PRO HB2  H N N 299 
PRO HB3  H N N 300 
PRO HG2  H N N 301 
PRO HG3  H N N 302 
PRO HD2  H N N 303 
PRO HD3  H N N 304 
PRO HXT  H N N 305 
SER N    N N N 306 
SER CA   C N S 307 
SER C    C N N 308 
SER O    O N N 309 
SER CB   C N N 310 
SER OG   O N N 311 
SER OXT  O N N 312 
SER H    H N N 313 
SER H2   H N N 314 
SER HA   H N N 315 
SER HB2  H N N 316 
SER HB3  H N N 317 
SER HG   H N N 318 
SER HXT  H N N 319 
THR N    N N N 320 
THR CA   C N S 321 
THR C    C N N 322 
THR O    O N N 323 
THR CB   C N R 324 
THR OG1  O N N 325 
THR CG2  C N N 326 
THR OXT  O N N 327 
THR H    H N N 328 
THR H2   H N N 329 
THR HA   H N N 330 
THR HB   H N N 331 
THR HG1  H N N 332 
THR HG21 H N N 333 
THR HG22 H N N 334 
THR HG23 H N N 335 
THR HXT  H N N 336 
TRP N    N N N 337 
TRP CA   C N S 338 
TRP C    C N N 339 
TRP O    O N N 340 
TRP CB   C N N 341 
TRP CG   C Y N 342 
TRP CD1  C Y N 343 
TRP CD2  C Y N 344 
TRP NE1  N Y N 345 
TRP CE2  C Y N 346 
TRP CE3  C Y N 347 
TRP CZ2  C Y N 348 
TRP CZ3  C Y N 349 
TRP CH2  C Y N 350 
TRP OXT  O N N 351 
TRP H    H N N 352 
TRP H2   H N N 353 
TRP HA   H N N 354 
TRP HB2  H N N 355 
TRP HB3  H N N 356 
TRP HD1  H N N 357 
TRP HE1  H N N 358 
TRP HE3  H N N 359 
TRP HZ2  H N N 360 
TRP HZ3  H N N 361 
TRP HH2  H N N 362 
TRP HXT  H N N 363 
TYR N    N N N 364 
TYR CA   C N S 365 
TYR C    C N N 366 
TYR O    O N N 367 
TYR CB   C N N 368 
TYR CG   C Y N 369 
TYR CD1  C Y N 370 
TYR CD2  C Y N 371 
TYR CE1  C Y N 372 
TYR CE2  C Y N 373 
TYR CZ   C Y N 374 
TYR OH   O N N 375 
TYR OXT  O N N 376 
TYR H    H N N 377 
TYR H2   H N N 378 
TYR HA   H N N 379 
TYR HB2  H N N 380 
TYR HB3  H N N 381 
TYR HD1  H N N 382 
TYR HD2  H N N 383 
TYR HE1  H N N 384 
TYR HE2  H N N 385 
TYR HH   H N N 386 
TYR HXT  H N N 387 
VAL N    N N N 388 
VAL CA   C N S 389 
VAL C    C N N 390 
VAL O    O N N 391 
VAL CB   C N N 392 
VAL CG1  C N N 393 
VAL CG2  C N N 394 
VAL OXT  O N N 395 
VAL H    H N N 396 
VAL H2   H N N 397 
VAL HA   H N N 398 
VAL HB   H N N 399 
VAL HG11 H N N 400 
VAL HG12 H N N 401 
VAL HG13 H N N 402 
VAL HG21 H N N 403 
VAL HG22 H N N 404 
VAL HG23 H N N 405 
VAL HXT  H N N 406 
# 
loop_
_chem_comp_bond.comp_id 
_chem_comp_bond.atom_id_1 
_chem_comp_bond.atom_id_2 
_chem_comp_bond.value_order 
_chem_comp_bond.pdbx_aromatic_flag 
_chem_comp_bond.pdbx_stereo_config 
_chem_comp_bond.pdbx_ordinal 
ALA N   CA   sing N N 1   
ALA N   H    sing N N 2   
ALA N   H2   sing N N 3   
ALA CA  C    sing N N 4   
ALA CA  CB   sing N N 5   
ALA CA  HA   sing N N 6   
ALA C   O    doub N N 7   
ALA C   OXT  sing N N 8   
ALA CB  HB1  sing N N 9   
ALA CB  HB2  sing N N 10  
ALA CB  HB3  sing N N 11  
ALA OXT HXT  sing N N 12  
ARG N   CA   sing N N 13  
ARG N   H    sing N N 14  
ARG N   H2   sing N N 15  
ARG CA  C    sing N N 16  
ARG CA  CB   sing N N 17  
ARG CA  HA   sing N N 18  
ARG C   O    doub N N 19  
ARG C   OXT  sing N N 20  
ARG CB  CG   sing N N 21  
ARG CB  HB2  sing N N 22  
ARG CB  HB3  sing N N 23  
ARG CG  CD   sing N N 24  
ARG CG  HG2  sing N N 25  
ARG CG  HG3  sing N N 26  
ARG CD  NE   sing N N 27  
ARG CD  HD2  sing N N 28  
ARG CD  HD3  sing N N 29  
ARG NE  CZ   sing N N 30  
ARG NE  HE   sing N N 31  
ARG CZ  NH1  sing N N 32  
ARG CZ  NH2  doub N N 33  
ARG NH1 HH11 sing N N 34  
ARG NH1 HH12 sing N N 35  
ARG NH2 HH21 sing N N 36  
ARG NH2 HH22 sing N N 37  
ARG OXT HXT  sing N N 38  
ASN N   CA   sing N N 39  
ASN N   H    sing N N 40  
ASN N   H2   sing N N 41  
ASN CA  C    sing N N 42  
ASN CA  CB   sing N N 43  
ASN CA  HA   sing N N 44  
ASN C   O    doub N N 45  
ASN C   OXT  sing N N 46  
ASN CB  CG   sing N N 47  
ASN CB  HB2  sing N N 48  
ASN CB  HB3  sing N N 49  
ASN CG  OD1  doub N N 50  
ASN CG  ND2  sing N N 51  
ASN ND2 HD21 sing N N 52  
ASN ND2 HD22 sing N N 53  
ASN OXT HXT  sing N N 54  
ASP N   CA   sing N N 55  
ASP N   H    sing N N 56  
ASP N   H2   sing N N 57  
ASP CA  C    sing N N 58  
ASP CA  CB   sing N N 59  
ASP CA  HA   sing N N 60  
ASP C   O    doub N N 61  
ASP C   OXT  sing N N 62  
ASP CB  CG   sing N N 63  
ASP CB  HB2  sing N N 64  
ASP CB  HB3  sing N N 65  
ASP CG  OD1  doub N N 66  
ASP CG  OD2  sing N N 67  
ASP OD2 HD2  sing N N 68  
ASP OXT HXT  sing N N 69  
CYS N   CA   sing N N 70  
CYS N   H    sing N N 71  
CYS N   H2   sing N N 72  
CYS CA  C    sing N N 73  
CYS CA  CB   sing N N 74  
CYS CA  HA   sing N N 75  
CYS C   O    doub N N 76  
CYS C   OXT  sing N N 77  
CYS CB  SG   sing N N 78  
CYS CB  HB2  sing N N 79  
CYS CB  HB3  sing N N 80  
CYS SG  HG   sing N N 81  
CYS OXT HXT  sing N N 82  
GLN N   CA   sing N N 83  
GLN N   H    sing N N 84  
GLN N   H2   sing N N 85  
GLN CA  C    sing N N 86  
GLN CA  CB   sing N N 87  
GLN CA  HA   sing N N 88  
GLN C   O    doub N N 89  
GLN C   OXT  sing N N 90  
GLN CB  CG   sing N N 91  
GLN CB  HB2  sing N N 92  
GLN CB  HB3  sing N N 93  
GLN CG  CD   sing N N 94  
GLN CG  HG2  sing N N 95  
GLN CG  HG3  sing N N 96  
GLN CD  OE1  doub N N 97  
GLN CD  NE2  sing N N 98  
GLN NE2 HE21 sing N N 99  
GLN NE2 HE22 sing N N 100 
GLN OXT HXT  sing N N 101 
GLU N   CA   sing N N 102 
GLU N   H    sing N N 103 
GLU N   H2   sing N N 104 
GLU CA  C    sing N N 105 
GLU CA  CB   sing N N 106 
GLU CA  HA   sing N N 107 
GLU C   O    doub N N 108 
GLU C   OXT  sing N N 109 
GLU CB  CG   sing N N 110 
GLU CB  HB2  sing N N 111 
GLU CB  HB3  sing N N 112 
GLU CG  CD   sing N N 113 
GLU CG  HG2  sing N N 114 
GLU CG  HG3  sing N N 115 
GLU CD  OE1  doub N N 116 
GLU CD  OE2  sing N N 117 
GLU OE2 HE2  sing N N 118 
GLU OXT HXT  sing N N 119 
GLY N   CA   sing N N 120 
GLY N   H    sing N N 121 
GLY N   H2   sing N N 122 
GLY CA  C    sing N N 123 
GLY CA  HA2  sing N N 124 
GLY CA  HA3  sing N N 125 
GLY C   O    doub N N 126 
GLY C   OXT  sing N N 127 
GLY OXT HXT  sing N N 128 
HIS N   CA   sing N N 129 
HIS N   H    sing N N 130 
HIS N   H2   sing N N 131 
HIS CA  C    sing N N 132 
HIS CA  CB   sing N N 133 
HIS CA  HA   sing N N 134 
HIS C   O    doub N N 135 
HIS C   OXT  sing N N 136 
HIS CB  CG   sing N N 137 
HIS CB  HB2  sing N N 138 
HIS CB  HB3  sing N N 139 
HIS CG  ND1  sing Y N 140 
HIS CG  CD2  doub Y N 141 
HIS ND1 CE1  doub Y N 142 
HIS ND1 HD1  sing N N 143 
HIS CD2 NE2  sing Y N 144 
HIS CD2 HD2  sing N N 145 
HIS CE1 NE2  sing Y N 146 
HIS CE1 HE1  sing N N 147 
HIS NE2 HE2  sing N N 148 
HIS OXT HXT  sing N N 149 
HOH O   H1   sing N N 150 
HOH O   H2   sing N N 151 
ILE N   CA   sing N N 152 
ILE N   H    sing N N 153 
ILE N   H2   sing N N 154 
ILE CA  C    sing N N 155 
ILE CA  CB   sing N N 156 
ILE CA  HA   sing N N 157 
ILE C   O    doub N N 158 
ILE C   OXT  sing N N 159 
ILE CB  CG1  sing N N 160 
ILE CB  CG2  sing N N 161 
ILE CB  HB   sing N N 162 
ILE CG1 CD1  sing N N 163 
ILE CG1 HG12 sing N N 164 
ILE CG1 HG13 sing N N 165 
ILE CG2 HG21 sing N N 166 
ILE CG2 HG22 sing N N 167 
ILE CG2 HG23 sing N N 168 
ILE CD1 HD11 sing N N 169 
ILE CD1 HD12 sing N N 170 
ILE CD1 HD13 sing N N 171 
ILE OXT HXT  sing N N 172 
LEU N   CA   sing N N 173 
LEU N   H    sing N N 174 
LEU N   H2   sing N N 175 
LEU CA  C    sing N N 176 
LEU CA  CB   sing N N 177 
LEU CA  HA   sing N N 178 
LEU C   O    doub N N 179 
LEU C   OXT  sing N N 180 
LEU CB  CG   sing N N 181 
LEU CB  HB2  sing N N 182 
LEU CB  HB3  sing N N 183 
LEU CG  CD1  sing N N 184 
LEU CG  CD2  sing N N 185 
LEU CG  HG   sing N N 186 
LEU CD1 HD11 sing N N 187 
LEU CD1 HD12 sing N N 188 
LEU CD1 HD13 sing N N 189 
LEU CD2 HD21 sing N N 190 
LEU CD2 HD22 sing N N 191 
LEU CD2 HD23 sing N N 192 
LEU OXT HXT  sing N N 193 
LYS N   CA   sing N N 194 
LYS N   H    sing N N 195 
LYS N   H2   sing N N 196 
LYS CA  C    sing N N 197 
LYS CA  CB   sing N N 198 
LYS CA  HA   sing N N 199 
LYS C   O    doub N N 200 
LYS C   OXT  sing N N 201 
LYS CB  CG   sing N N 202 
LYS CB  HB2  sing N N 203 
LYS CB  HB3  sing N N 204 
LYS CG  CD   sing N N 205 
LYS CG  HG2  sing N N 206 
LYS CG  HG3  sing N N 207 
LYS CD  CE   sing N N 208 
LYS CD  HD2  sing N N 209 
LYS CD  HD3  sing N N 210 
LYS CE  NZ   sing N N 211 
LYS CE  HE2  sing N N 212 
LYS CE  HE3  sing N N 213 
LYS NZ  HZ1  sing N N 214 
LYS NZ  HZ2  sing N N 215 
LYS NZ  HZ3  sing N N 216 
LYS OXT HXT  sing N N 217 
MET N   CA   sing N N 218 
MET N   H    sing N N 219 
MET N   H2   sing N N 220 
MET CA  C    sing N N 221 
MET CA  CB   sing N N 222 
MET CA  HA   sing N N 223 
MET C   O    doub N N 224 
MET C   OXT  sing N N 225 
MET CB  CG   sing N N 226 
MET CB  HB2  sing N N 227 
MET CB  HB3  sing N N 228 
MET CG  SD   sing N N 229 
MET CG  HG2  sing N N 230 
MET CG  HG3  sing N N 231 
MET SD  CE   sing N N 232 
MET CE  HE1  sing N N 233 
MET CE  HE2  sing N N 234 
MET CE  HE3  sing N N 235 
MET OXT HXT  sing N N 236 
PCA N   CA   sing N N 237 
PCA N   CD   sing N N 238 
PCA N   H    sing N N 239 
PCA CA  CB   sing N N 240 
PCA CA  C    sing N N 241 
PCA CA  HA   sing N N 242 
PCA CB  CG   sing N N 243 
PCA CB  HB2  sing N N 244 
PCA CB  HB3  sing N N 245 
PCA CG  CD   sing N N 246 
PCA CG  HG2  sing N N 247 
PCA CG  HG3  sing N N 248 
PCA CD  OE   doub N N 249 
PCA C   O    doub N N 250 
PCA C   OXT  sing N N 251 
PCA OXT HXT  sing N N 252 
PHE N   CA   sing N N 253 
PHE N   H    sing N N 254 
PHE N   H2   sing N N 255 
PHE CA  C    sing N N 256 
PHE CA  CB   sing N N 257 
PHE CA  HA   sing N N 258 
PHE C   O    doub N N 259 
PHE C   OXT  sing N N 260 
PHE CB  CG   sing N N 261 
PHE CB  HB2  sing N N 262 
PHE CB  HB3  sing N N 263 
PHE CG  CD1  doub Y N 264 
PHE CG  CD2  sing Y N 265 
PHE CD1 CE1  sing Y N 266 
PHE CD1 HD1  sing N N 267 
PHE CD2 CE2  doub Y N 268 
PHE CD2 HD2  sing N N 269 
PHE CE1 CZ   doub Y N 270 
PHE CE1 HE1  sing N N 271 
PHE CE2 CZ   sing Y N 272 
PHE CE2 HE2  sing N N 273 
PHE CZ  HZ   sing N N 274 
PHE OXT HXT  sing N N 275 
PRO N   CA   sing N N 276 
PRO N   CD   sing N N 277 
PRO N   H    sing N N 278 
PRO CA  C    sing N N 279 
PRO CA  CB   sing N N 280 
PRO CA  HA   sing N N 281 
PRO C   O    doub N N 282 
PRO C   OXT  sing N N 283 
PRO CB  CG   sing N N 284 
PRO CB  HB2  sing N N 285 
PRO CB  HB3  sing N N 286 
PRO CG  CD   sing N N 287 
PRO CG  HG2  sing N N 288 
PRO CG  HG3  sing N N 289 
PRO CD  HD2  sing N N 290 
PRO CD  HD3  sing N N 291 
PRO OXT HXT  sing N N 292 
SER N   CA   sing N N 293 
SER N   H    sing N N 294 
SER N   H2   sing N N 295 
SER CA  C    sing N N 296 
SER CA  CB   sing N N 297 
SER CA  HA   sing N N 298 
SER C   O    doub N N 299 
SER C   OXT  sing N N 300 
SER CB  OG   sing N N 301 
SER CB  HB2  sing N N 302 
SER CB  HB3  sing N N 303 
SER OG  HG   sing N N 304 
SER OXT HXT  sing N N 305 
THR N   CA   sing N N 306 
THR N   H    sing N N 307 
THR N   H2   sing N N 308 
THR CA  C    sing N N 309 
THR CA  CB   sing N N 310 
THR CA  HA   sing N N 311 
THR C   O    doub N N 312 
THR C   OXT  sing N N 313 
THR CB  OG1  sing N N 314 
THR CB  CG2  sing N N 315 
THR CB  HB   sing N N 316 
THR OG1 HG1  sing N N 317 
THR CG2 HG21 sing N N 318 
THR CG2 HG22 sing N N 319 
THR CG2 HG23 sing N N 320 
THR OXT HXT  sing N N 321 
TRP N   CA   sing N N 322 
TRP N   H    sing N N 323 
TRP N   H2   sing N N 324 
TRP CA  C    sing N N 325 
TRP CA  CB   sing N N 326 
TRP CA  HA   sing N N 327 
TRP C   O    doub N N 328 
TRP C   OXT  sing N N 329 
TRP CB  CG   sing N N 330 
TRP CB  HB2  sing N N 331 
TRP CB  HB3  sing N N 332 
TRP CG  CD1  doub Y N 333 
TRP CG  CD2  sing Y N 334 
TRP CD1 NE1  sing Y N 335 
TRP CD1 HD1  sing N N 336 
TRP CD2 CE2  doub Y N 337 
TRP CD2 CE3  sing Y N 338 
TRP NE1 CE2  sing Y N 339 
TRP NE1 HE1  sing N N 340 
TRP CE2 CZ2  sing Y N 341 
TRP CE3 CZ3  doub Y N 342 
TRP CE3 HE3  sing N N 343 
TRP CZ2 CH2  doub Y N 344 
TRP CZ2 HZ2  sing N N 345 
TRP CZ3 CH2  sing Y N 346 
TRP CZ3 HZ3  sing N N 347 
TRP CH2 HH2  sing N N 348 
TRP OXT HXT  sing N N 349 
TYR N   CA   sing N N 350 
TYR N   H    sing N N 351 
TYR N   H2   sing N N 352 
TYR CA  C    sing N N 353 
TYR CA  CB   sing N N 354 
TYR CA  HA   sing N N 355 
TYR C   O    doub N N 356 
TYR C   OXT  sing N N 357 
TYR CB  CG   sing N N 358 
TYR CB  HB2  sing N N 359 
TYR CB  HB3  sing N N 360 
TYR CG  CD1  doub Y N 361 
TYR CG  CD2  sing Y N 362 
TYR CD1 CE1  sing Y N 363 
TYR CD1 HD1  sing N N 364 
TYR CD2 CE2  doub Y N 365 
TYR CD2 HD2  sing N N 366 
TYR CE1 CZ   doub Y N 367 
TYR CE1 HE1  sing N N 368 
TYR CE2 CZ   sing Y N 369 
TYR CE2 HE2  sing N N 370 
TYR CZ  OH   sing N N 371 
TYR OH  HH   sing N N 372 
TYR OXT HXT  sing N N 373 
VAL N   CA   sing N N 374 
VAL N   H    sing N N 375 
VAL N   H2   sing N N 376 
VAL CA  C    sing N N 377 
VAL CA  CB   sing N N 378 
VAL CA  HA   sing N N 379 
VAL C   O    doub N N 380 
VAL C   OXT  sing N N 381 
VAL CB  CG1  sing N N 382 
VAL CB  CG2  sing N N 383 
VAL CB  HB   sing N N 384 
VAL CG1 HG11 sing N N 385 
VAL CG1 HG12 sing N N 386 
VAL CG1 HG13 sing N N 387 
VAL CG2 HG21 sing N N 388 
VAL CG2 HG22 sing N N 389 
VAL CG2 HG23 sing N N 390 
VAL OXT HXT  sing N N 391 
# 
_atom_sites.entry_id                    1DQL 
_atom_sites.fract_transf_matrix[1][1]   -0.00679424 
_atom_sites.fract_transf_matrix[1][2]   0.01233030 
_atom_sites.fract_transf_matrix[1][3]   0.01246443 
_atom_sites.fract_transf_matrix[2][1]   -0.00289458 
_atom_sites.fract_transf_matrix[2][2]   -0.01220750 
_atom_sites.fract_transf_matrix[2][3]   0.01049834 
_atom_sites.fract_transf_matrix[3][1]   0.02065836 
_atom_sites.fract_transf_matrix[3][2]   0.00459605 
_atom_sites.fract_transf_matrix[3][3]   0.01104017 
_atom_sites.fract_transf_vector[1]      0.024884 
_atom_sites.fract_transf_vector[2]      0.024364 
_atom_sites.fract_transf_vector[3]      0.286887 
# 
loop_
_atom_type.symbol 
C 
N 
O 
S 
# 
loop_
_atom_site.group_PDB 
_atom_site.id 
_atom_site.type_symbol 
_atom_site.label_atom_id 
_atom_site.label_alt_id 
_atom_site.label_comp_id 
_atom_site.label_asym_id 
_atom_site.label_entity_id 
_atom_site.label_seq_id 
_atom_site.pdbx_PDB_ins_code 
_atom_site.Cartn_x 
_atom_site.Cartn_y 
_atom_site.Cartn_z 
_atom_site.occupancy 
_atom_site.B_iso_or_equiv 
_atom_site.pdbx_formal_charge 
_atom_site.auth_seq_id 
_atom_site.auth_comp_id 
_atom_site.auth_asym_id 
_atom_site.auth_atom_id 
_atom_site.pdbx_PDB_model_num 
ATOM   1    N N   . ASP A 1 1   ? -5.061  -14.090 2.251   1.00 47.35 ? 1   ASP L N   1 
ATOM   2    C CA  . ASP A 1 1   ? -5.907  -13.487 1.176   1.00 48.91 ? 1   ASP L CA  1 
ATOM   3    C C   . ASP A 1 1   ? -7.380  -13.426 1.599   1.00 47.53 ? 1   ASP L C   1 
ATOM   4    O O   . ASP A 1 1   ? -8.216  -14.244 1.190   1.00 44.21 ? 1   ASP L O   1 
ATOM   5    C CB  . ASP A 1 1   ? -5.756  -14.283 -0.125  1.00 50.33 ? 1   ASP L CB  1 
ATOM   6    C CG  . ASP A 1 1   ? -6.113  -13.463 -1.347  1.00 56.00 ? 1   ASP L CG  1 
ATOM   7    O OD1 . ASP A 1 1   ? -7.320  -13.242 -1.586  1.00 53.66 ? 1   ASP L OD1 1 
ATOM   8    O OD2 . ASP A 1 1   ? -5.180  -13.026 -2.056  1.00 53.12 ? 1   ASP L OD2 1 
ATOM   9    N N   . ILE A 1 2   ? -7.672  -12.432 2.429   1.00 32.21 ? 2   ILE L N   1 
ATOM   10   C CA  . ILE A 1 2   ? -9.002  -12.197 2.953   1.00 24.98 ? 2   ILE L CA  1 
ATOM   11   C C   . ILE A 1 2   ? -9.689  -11.211 2.014   1.00 24.24 ? 2   ILE L C   1 
ATOM   12   O O   . ILE A 1 2   ? -9.012  -10.436 1.343   1.00 18.46 ? 2   ILE L O   1 
ATOM   13   C CB  . ILE A 1 2   ? -8.906  -11.556 4.348   1.00 31.45 ? 2   ILE L CB  1 
ATOM   14   C CG1 . ILE A 1 2   ? -7.635  -12.039 5.067   1.00 28.42 ? 2   ILE L CG1 1 
ATOM   15   C CG2 . ILE A 1 2   ? -10.147 -11.881 5.160   1.00 36.51 ? 2   ILE L CG2 1 
ATOM   16   C CD1 . ILE A 1 2   ? -7.552  -13.524 5.285   1.00 13.55 ? 2   ILE L CD1 1 
ATOM   17   N N   . GLN A 1 3   ? -11.020 -11.241 1.949   1.00 25.09 ? 3   GLN L N   1 
ATOM   18   C CA  . GLN A 1 3   ? -11.751 -10.301 1.097   1.00 25.37 ? 3   GLN L CA  1 
ATOM   19   C C   . GLN A 1 3   ? -12.147 -9.079  1.917   1.00 20.04 ? 3   GLN L C   1 
ATOM   20   O O   . GLN A 1 3   ? -13.058 -9.134  2.742   1.00 21.86 ? 3   GLN L O   1 
ATOM   21   C CB  . GLN A 1 3   ? -13.012 -10.932 0.495   1.00 31.38 ? 3   GLN L CB  1 
ATOM   22   C CG  . GLN A 1 3   ? -12.789 -11.835 -0.718  1.00 55.34 ? 3   GLN L CG  1 
ATOM   23   C CD  . GLN A 1 3   ? -12.588 -13.299 -0.343  1.00 69.90 ? 3   GLN L CD  1 
ATOM   24   O OE1 . GLN A 1 3   ? -11.464 -13.814 -0.350  1.00 71.89 ? 3   GLN L OE1 1 
ATOM   25   N NE2 . GLN A 1 3   ? -13.685 -13.976 -0.005  1.00 71.53 ? 3   GLN L NE2 1 
ATOM   26   N N   . MET A 1 4   ? -11.452 -7.976  1.688   1.00 17.73 ? 4   MET L N   1 
ATOM   27   C CA  . MET A 1 4   ? -11.725 -6.745  2.407   1.00 16.93 ? 4   MET L CA  1 
ATOM   28   C C   . MET A 1 4   ? -12.760 -5.976  1.590   1.00 18.84 ? 4   MET L C   1 
ATOM   29   O O   . MET A 1 4   ? -12.516 -5.637  0.429   1.00 19.92 ? 4   MET L O   1 
ATOM   30   C CB  . MET A 1 4   ? -10.420 -5.955  2.549   1.00 16.66 ? 4   MET L CB  1 
ATOM   31   C CG  . MET A 1 4   ? -10.165 -5.359  3.919   1.00 11.80 ? 4   MET L CG  1 
ATOM   32   S SD  . MET A 1 4   ? -10.580 -6.441  5.301   1.00 17.63 ? 4   MET L SD  1 
ATOM   33   C CE  . MET A 1 4   ? -9.711  -7.914  4.897   1.00 17.01 ? 4   MET L CE  1 
ATOM   34   N N   . THR A 1 5   ? -13.924 -5.718  2.182   1.00 19.97 ? 5   THR L N   1 
ATOM   35   C CA  . THR A 1 5   ? -14.990 -5.002  1.471   1.00 17.68 ? 5   THR L CA  1 
ATOM   36   C C   . THR A 1 5   ? -15.346 -3.661  2.126   1.00 14.38 ? 5   THR L C   1 
ATOM   37   O O   . THR A 1 5   ? -15.886 -3.616  3.232   1.00 15.24 ? 5   THR L O   1 
ATOM   38   C CB  . THR A 1 5   ? -16.251 -5.900  1.320   1.00 14.68 ? 5   THR L CB  1 
ATOM   39   O OG1 . THR A 1 5   ? -17.401 -5.081  1.108   1.00 21.43 ? 5   THR L OG1 1 
ATOM   40   C CG2 . THR A 1 5   ? -16.457 -6.765  2.544   1.00 17.75 ? 5   THR L CG2 1 
ATOM   41   N N   . GLN A 1 6   ? -15.027 -2.579  1.413   1.00 14.26 ? 6   GLN L N   1 
ATOM   42   C CA  . GLN A 1 6   ? -15.222 -1.192  1.861   1.00 15.75 ? 6   GLN L CA  1 
ATOM   43   C C   . GLN A 1 6   ? -16.475 -0.493  1.314   1.00 17.89 ? 6   GLN L C   1 
ATOM   44   O O   . GLN A 1 6   ? -16.888 -0.730  0.179   1.00 25.75 ? 6   GLN L O   1 
ATOM   45   C CB  . GLN A 1 6   ? -13.972 -0.379  1.478   1.00 5.51  ? 6   GLN L CB  1 
ATOM   46   C CG  . GLN A 1 6   ? -13.882 1.030   2.054   1.00 3.25  ? 6   GLN L CG  1 
ATOM   47   C CD  . GLN A 1 6   ? -12.543 1.698   1.743   1.00 9.30  ? 6   GLN L CD  1 
ATOM   48   O OE1 . GLN A 1 6   ? -11.535 1.026   1.528   1.00 8.52  ? 6   GLN L OE1 1 
ATOM   49   N NE2 . GLN A 1 6   ? -12.528 3.023   1.739   1.00 13.51 ? 6   GLN L NE2 1 
ATOM   50   N N   . SER A 1 7   ? -17.067 0.382   2.122   1.00 21.72 ? 7   SER L N   1 
ATOM   51   C CA  . SER A 1 7   ? -18.267 1.118   1.723   1.00 22.46 ? 7   SER L CA  1 
ATOM   52   C C   . SER A 1 7   ? -18.464 2.357   2.595   1.00 21.98 ? 7   SER L C   1 
ATOM   53   O O   . SER A 1 7   ? -18.097 2.353   3.766   1.00 25.78 ? 7   SER L O   1 
ATOM   54   C CB  . SER A 1 7   ? -19.492 0.222   1.863   1.00 22.75 ? 7   SER L CB  1 
ATOM   55   O OG  . SER A 1 7   ? -19.612 -0.233  3.197   1.00 30.07 ? 7   SER L OG  1 
ATOM   56   N N   . PRO A 1 8   ? -19.004 3.444   2.026   1.00 19.57 ? 8   PRO L N   1 
ATOM   57   C CA  . PRO A 1 8   ? -19.459 3.600   0.640   1.00 18.33 ? 8   PRO L CA  1 
ATOM   58   C C   . PRO A 1 8   ? -18.257 3.728   -0.288  1.00 12.15 ? 8   PRO L C   1 
ATOM   59   O O   . PRO A 1 8   ? -17.131 3.880   0.172   1.00 10.03 ? 8   PRO L O   1 
ATOM   60   C CB  . PRO A 1 8   ? -20.261 4.888   0.689   1.00 15.25 ? 8   PRO L CB  1 
ATOM   61   C CG  . PRO A 1 8   ? -19.451 5.711   1.655   1.00 21.65 ? 8   PRO L CG  1 
ATOM   62   C CD  . PRO A 1 8   ? -19.188 4.707   2.770   1.00 21.20 ? 8   PRO L CD  1 
ATOM   63   N N   . SER A 1 9   ? -18.500 3.672   -1.590  1.00 11.30 ? 9   SER L N   1 
ATOM   64   C CA  . SER A 1 9   ? -17.424 3.778   -2.560  1.00 17.35 ? 9   SER L CA  1 
ATOM   65   C C   . SER A 1 9   ? -17.104 5.245   -2.801  1.00 17.12 ? 9   SER L C   1 
ATOM   66   O O   . SER A 1 9   ? -16.012 5.596   -3.246  1.00 20.59 ? 9   SER L O   1 
ATOM   67   C CB  . SER A 1 9   ? -17.825 3.082   -3.861  1.00 16.77 ? 9   SER L CB  1 
ATOM   68   O OG  . SER A 1 9   ? -19.145 3.431   -4.229  1.00 31.80 ? 9   SER L OG  1 
ATOM   69   N N   . SER A 1 10  ? -18.064 6.102   -2.489  1.00 21.37 ? 10  SER L N   1 
ATOM   70   C CA  . SER A 1 10  ? -17.884 7.537   -2.646  1.00 26.92 ? 10  SER L CA  1 
ATOM   71   C C   . SER A 1 10  ? -19.016 8.255   -1.922  1.00 24.13 ? 10  SER L C   1 
ATOM   72   O O   . SER A 1 10  ? -20.057 7.663   -1.639  1.00 25.97 ? 10  SER L O   1 
ATOM   73   C CB  . SER A 1 10  ? -17.894 7.925   -4.127  1.00 24.03 ? 10  SER L CB  1 
ATOM   74   O OG  . SER A 1 10  ? -19.210 7.928   -4.644  1.00 32.28 ? 10  SER L OG  1 
ATOM   75   N N   . LEU A 1 11  ? -18.798 9.523   -1.603  1.00 24.95 ? 11  LEU L N   1 
ATOM   76   C CA  . LEU A 1 11  ? -19.813 10.312  -0.929  1.00 26.25 ? 11  LEU L CA  1 
ATOM   77   C C   . LEU A 1 11  ? -19.465 11.792  -0.988  1.00 26.60 ? 11  LEU L C   1 
ATOM   78   O O   . LEU A 1 11  ? -18.297 12.169  -0.842  1.00 21.17 ? 11  LEU L O   1 
ATOM   79   C CB  . LEU A 1 11  ? -19.983 9.847   0.530   1.00 29.09 ? 11  LEU L CB  1 
ATOM   80   C CG  . LEU A 1 11  ? -18.860 9.905   1.575   1.00 25.00 ? 11  LEU L CG  1 
ATOM   81   C CD1 . LEU A 1 11  ? -18.558 11.329  1.957   1.00 23.34 ? 11  LEU L CD1 1 
ATOM   82   C CD2 . LEU A 1 11  ? -19.300 9.147   2.806   1.00 30.81 ? 11  LEU L CD2 1 
ATOM   83   N N   . SER A 1 12  ? -20.481 12.618  -1.241  1.00 29.29 ? 12  SER L N   1 
ATOM   84   C CA  . SER A 1 12  ? -20.310 14.068  -1.304  1.00 29.48 ? 12  SER L CA  1 
ATOM   85   C C   . SER A 1 12  ? -20.575 14.652  0.070   1.00 26.10 ? 12  SER L C   1 
ATOM   86   O O   . SER A 1 12  ? -21.484 14.221  0.775   1.00 27.86 ? 12  SER L O   1 
ATOM   87   C CB  . SER A 1 12  ? -21.271 14.699  -2.318  1.00 31.08 ? 12  SER L CB  1 
ATOM   88   O OG  . SER A 1 12  ? -20.785 14.564  -3.641  1.00 35.40 ? 12  SER L OG  1 
ATOM   89   N N   . ALA A 1 13  ? -19.763 15.628  0.449   1.00 25.76 ? 13  ALA L N   1 
ATOM   90   C CA  . ALA A 1 13  ? -19.896 16.279  1.742   1.00 23.38 ? 13  ALA L CA  1 
ATOM   91   C C   . ALA A 1 13  ? -19.308 17.678  1.658   1.00 25.13 ? 13  ALA L C   1 
ATOM   92   O O   . ALA A 1 13  ? -18.690 18.051  0.657   1.00 23.07 ? 13  ALA L O   1 
ATOM   93   C CB  . ALA A 1 13  ? -19.169 15.477  2.817   1.00 12.69 ? 13  ALA L CB  1 
ATOM   94   N N   . SER A 1 14  ? -19.513 18.454  2.714   1.00 26.28 ? 14  SER L N   1 
ATOM   95   C CA  . SER A 1 14  ? -18.990 19.805  2.771   1.00 25.41 ? 14  SER L CA  1 
ATOM   96   C C   . SER A 1 14  ? -18.237 19.973  4.084   1.00 24.24 ? 14  SER L C   1 
ATOM   97   O O   . SER A 1 14  ? -18.422 19.183  5.018   1.00 18.92 ? 14  SER L O   1 
ATOM   98   C CB  . SER A 1 14  ? -20.131 20.821  2.639   1.00 24.07 ? 14  SER L CB  1 
ATOM   99   O OG  . SER A 1 14  ? -21.304 20.357  3.279   1.00 19.15 ? 14  SER L OG  1 
ATOM   100  N N   . VAL A 1 15  ? -17.375 20.986  4.140   1.00 23.17 ? 15  VAL L N   1 
ATOM   101  C CA  . VAL A 1 15  ? -16.573 21.250  5.327   1.00 25.36 ? 15  VAL L CA  1 
ATOM   102  C C   . VAL A 1 15  ? -17.393 21.235  6.611   1.00 24.26 ? 15  VAL L C   1 
ATOM   103  O O   . VAL A 1 15  ? -18.491 21.782  6.665   1.00 29.76 ? 15  VAL L O   1 
ATOM   104  C CB  . VAL A 1 15  ? -15.839 22.605  5.214   1.00 24.13 ? 15  VAL L CB  1 
ATOM   105  C CG1 . VAL A 1 15  ? -15.140 22.926  6.519   1.00 22.70 ? 15  VAL L CG1 1 
ATOM   106  C CG2 . VAL A 1 15  ? -14.818 22.553  4.077   1.00 23.99 ? 15  VAL L CG2 1 
ATOM   107  N N   . GLY A 1 16  ? -16.853 20.594  7.640   1.00 22.47 ? 16  GLY L N   1 
ATOM   108  C CA  . GLY A 1 16  ? -17.539 20.535  8.914   1.00 16.19 ? 16  GLY L CA  1 
ATOM   109  C C   . GLY A 1 16  ? -18.243 19.229  9.190   1.00 19.95 ? 16  GLY L C   1 
ATOM   110  O O   . GLY A 1 16  ? -18.302 18.793  10.337  1.00 29.21 ? 16  GLY L O   1 
ATOM   111  N N   . ASP A 1 17  ? -18.769 18.595  8.147   1.00 19.05 ? 17  ASP L N   1 
ATOM   112  C CA  . ASP A 1 17  ? -19.495 17.334  8.290   1.00 17.80 ? 17  ASP L CA  1 
ATOM   113  C C   . ASP A 1 17  ? -18.689 16.206  8.915   1.00 16.10 ? 17  ASP L C   1 
ATOM   114  O O   . ASP A 1 17  ? -17.476 16.146  8.771   1.00 21.99 ? 17  ASP L O   1 
ATOM   115  C CB  . ASP A 1 17  ? -20.001 16.863  6.926   1.00 17.73 ? 17  ASP L CB  1 
ATOM   116  C CG  . ASP A 1 17  ? -20.960 17.842  6.285   1.00 11.81 ? 17  ASP L CG  1 
ATOM   117  O OD1 . ASP A 1 17  ? -21.296 17.635  5.101   1.00 19.79 ? 17  ASP L OD1 1 
ATOM   118  O OD2 . ASP A 1 17  ? -21.382 18.809  6.957   1.00 26.55 ? 17  ASP L OD2 1 
ATOM   119  N N   . ARG A 1 18  ? -19.384 15.308  9.604   1.00 18.85 ? 18  ARG L N   1 
ATOM   120  C CA  . ARG A 1 18  ? -18.762 14.148  10.237  1.00 18.53 ? 18  ARG L CA  1 
ATOM   121  C C   . ARG A 1 18  ? -18.893 12.985  9.265   1.00 16.57 ? 18  ARG L C   1 
ATOM   122  O O   . ARG A 1 18  ? -19.986 12.468  9.062   1.00 23.10 ? 18  ARG L O   1 
ATOM   123  C CB  . ARG A 1 18  ? -19.480 13.811  11.547  1.00 19.32 ? 18  ARG L CB  1 
ATOM   124  C CG  . ARG A 1 18  ? -19.209 12.413  12.073  1.00 21.40 ? 18  ARG L CG  1 
ATOM   125  C CD  . ARG A 1 18  ? -20.047 12.120  13.311  1.00 32.07 ? 18  ARG L CD  1 
ATOM   126  N NE  . ARG A 1 18  ? -19.285 12.216  14.556  1.00 39.62 ? 18  ARG L NE  1 
ATOM   127  C CZ  . ARG A 1 18  ? -19.103 11.201  15.399  1.00 41.81 ? 18  ARG L CZ  1 
ATOM   128  N NH1 . ARG A 1 18  ? -19.624 10.009  15.128  1.00 43.80 ? 18  ARG L NH1 1 
ATOM   129  N NH2 . ARG A 1 18  ? -18.403 11.371  16.513  1.00 43.25 ? 18  ARG L NH2 1 
ATOM   130  N N   . VAL A 1 19  ? -17.783 12.581  8.660   1.00 14.70 ? 19  VAL L N   1 
ATOM   131  C CA  . VAL A 1 19  ? -17.788 11.490  7.689   1.00 11.46 ? 19  VAL L CA  1 
ATOM   132  C C   . VAL A 1 19  ? -17.428 10.158  8.335   1.00 11.94 ? 19  VAL L C   1 
ATOM   133  O O   . VAL A 1 19  ? -16.670 10.111  9.300   1.00 10.80 ? 19  VAL L O   1 
ATOM   134  C CB  . VAL A 1 19  ? -16.806 11.788  6.541   1.00 13.81 ? 19  VAL L CB  1 
ATOM   135  C CG1 . VAL A 1 19  ? -16.881 10.707  5.491   1.00 14.33 ? 19  VAL L CG1 1 
ATOM   136  C CG2 . VAL A 1 19  ? -17.134 13.133  5.929   1.00 7.33  ? 19  VAL L CG2 1 
ATOM   137  N N   . THR A 1 20  ? -17.973 9.070   7.796   1.00 21.65 ? 20  THR L N   1 
ATOM   138  C CA  . THR A 1 20  ? -17.726 7.730   8.337   1.00 24.37 ? 20  THR L CA  1 
ATOM   139  C C   . THR A 1 20  ? -17.534 6.671   7.242   1.00 23.09 ? 20  THR L C   1 
ATOM   140  O O   . THR A 1 20  ? -18.442 6.413   6.452   1.00 31.69 ? 20  THR L O   1 
ATOM   141  C CB  . THR A 1 20  ? -18.899 7.281   9.231   1.00 19.62 ? 20  THR L CB  1 
ATOM   142  O OG1 . THR A 1 20  ? -19.264 8.350   10.110  1.00 31.17 ? 20  THR L OG1 1 
ATOM   143  C CG2 . THR A 1 20  ? -18.506 6.077   10.059  1.00 28.94 ? 20  THR L CG2 1 
ATOM   144  N N   . ILE A 1 21  ? -16.355 6.057   7.209   1.00 12.74 ? 21  ILE L N   1 
ATOM   145  C CA  . ILE A 1 21  ? -16.044 5.030   6.222   1.00 8.27  ? 21  ILE L CA  1 
ATOM   146  C C   . ILE A 1 21  ? -15.826 3.734   6.993   1.00 13.05 ? 21  ILE L C   1 
ATOM   147  O O   . ILE A 1 21  ? -15.176 3.733   8.037   1.00 16.01 ? 21  ILE L O   1 
ATOM   148  C CB  . ILE A 1 21  ? -14.759 5.394   5.428   1.00 10.90 ? 21  ILE L CB  1 
ATOM   149  C CG1 . ILE A 1 21  ? -14.884 6.812   4.864   1.00 3.80  ? 21  ILE L CG1 1 
ATOM   150  C CG2 . ILE A 1 21  ? -14.549 4.429   4.272   1.00 9.44  ? 21  ILE L CG2 1 
ATOM   151  C CD1 . ILE A 1 21  ? -13.601 7.350   4.294   1.00 4.12  ? 21  ILE L CD1 1 
ATOM   152  N N   . THR A 1 22  ? -16.377 2.636   6.486   1.00 15.48 ? 22  THR L N   1 
ATOM   153  C CA  . THR A 1 22  ? -16.250 1.343   7.152   1.00 17.42 ? 22  THR L CA  1 
ATOM   154  C C   . THR A 1 22  ? -15.717 0.231   6.239   1.00 16.36 ? 22  THR L C   1 
ATOM   155  O O   . THR A 1 22  ? -15.909 0.269   5.024   1.00 17.48 ? 22  THR L O   1 
ATOM   156  C CB  . THR A 1 22  ? -17.618 0.914   7.762   1.00 22.32 ? 22  THR L CB  1 
ATOM   157  O OG1 . THR A 1 22  ? -17.756 -0.510  7.701   1.00 30.47 ? 22  THR L OG1 1 
ATOM   158  C CG2 . THR A 1 22  ? -18.774 1.571   7.017   1.00 22.83 ? 22  THR L CG2 1 
ATOM   159  N N   . CYS A 1 23  ? -15.024 -0.738  6.840   1.00 9.71  ? 23  CYS L N   1 
ATOM   160  C CA  . CYS A 1 23  ? -14.466 -1.891  6.125   1.00 8.05  ? 23  CYS L CA  1 
ATOM   161  C C   . CYS A 1 23  ? -14.791 -3.160  6.904   1.00 8.52  ? 23  CYS L C   1 
ATOM   162  O O   . CYS A 1 23  ? -14.706 -3.187  8.136   1.00 4.30  ? 23  CYS L O   1 
ATOM   163  C CB  . CYS A 1 23  ? -12.937 -1.791  5.987   1.00 3.25  ? 23  CYS L CB  1 
ATOM   164  S SG  . CYS A 1 23  ? -12.334 -1.066  4.430   1.00 13.53 ? 23  CYS L SG  1 
ATOM   165  N N   . ARG A 1 24  ? -15.163 -4.211  6.188   1.00 8.78  ? 24  ARG L N   1 
ATOM   166  C CA  . ARG A 1 24  ? -15.471 -5.476  6.835   1.00 7.53  ? 24  ARG L CA  1 
ATOM   167  C C   . ARG A 1 24  ? -14.655 -6.588  6.193   1.00 6.49  ? 24  ARG L C   1 
ATOM   168  O O   . ARG A 1 24  ? -14.411 -6.568  4.985   1.00 5.23  ? 24  ARG L O   1 
ATOM   169  C CB  . ARG A 1 24  ? -16.969 -5.766  6.735   1.00 11.23 ? 24  ARG L CB  1 
ATOM   170  C CG  . ARG A 1 24  ? -17.827 -4.683  7.375   1.00 13.37 ? 24  ARG L CG  1 
ATOM   171  C CD  . ARG A 1 24  ? -19.293 -5.077  7.438   1.00 21.83 ? 24  ARG L CD  1 
ATOM   172  N NE  . ARG A 1 24  ? -20.090 -4.041  8.089   1.00 27.63 ? 24  ARG L NE  1 
ATOM   173  C CZ  . ARG A 1 24  ? -20.673 -3.027  7.456   1.00 27.11 ? 24  ARG L CZ  1 
ATOM   174  N NH1 . ARG A 1 24  ? -21.369 -2.132  8.140   1.00 27.08 ? 24  ARG L NH1 1 
ATOM   175  N NH2 . ARG A 1 24  ? -20.580 -2.918  6.139   1.00 27.40 ? 24  ARG L NH2 1 
ATOM   176  N N   . ALA A 1 25  ? -14.232 -7.551  7.010   1.00 7.28  ? 25  ALA L N   1 
ATOM   177  C CA  . ALA A 1 25  ? -13.419 -8.670  6.543   1.00 8.85  ? 25  ALA L CA  1 
ATOM   178  C C   . ALA A 1 25  ? -14.212 -9.965  6.390   1.00 12.90 ? 25  ALA L C   1 
ATOM   179  O O   . ALA A 1 25  ? -15.226 -10.168 7.065   1.00 9.82  ? 25  ALA L O   1 
ATOM   180  C CB  . ALA A 1 25  ? -12.269 -8.890  7.498   1.00 16.67 ? 25  ALA L CB  1 
ATOM   181  N N   . SER A 1 26  ? -13.736 -10.843 5.507   1.00 12.83 ? 26  SER L N   1 
ATOM   182  C CA  . SER A 1 26  ? -14.398 -12.121 5.252   1.00 9.78  ? 26  SER L CA  1 
ATOM   183  C C   . SER A 1 26  ? -14.100 -13.138 6.345   1.00 12.01 ? 26  SER L C   1 
ATOM   184  O O   . SER A 1 26  ? -14.707 -14.210 6.392   1.00 14.14 ? 26  SER L O   1 
ATOM   185  C CB  . SER A 1 26  ? -13.987 -12.677 3.883   1.00 12.57 ? 26  SER L CB  1 
ATOM   186  O OG  . SER A 1 26  ? -12.584 -12.816 3.771   1.00 9.63  ? 26  SER L OG  1 
ATOM   187  N N   . GLN A 1 27  ? -13.157 -12.793 7.217   1.00 14.38 ? 27  GLN L N   1 
ATOM   188  C CA  . GLN A 1 27  ? -12.782 -13.636 8.344   1.00 15.43 ? 27  GLN L CA  1 
ATOM   189  C C   . GLN A 1 27  ? -12.034 -12.772 9.345   1.00 20.34 ? 27  GLN L C   1 
ATOM   190  O O   . GLN A 1 27  ? -11.493 -11.724 8.984   1.00 21.29 ? 27  GLN L O   1 
ATOM   191  C CB  . GLN A 1 27  ? -11.889 -14.784 7.908   1.00 22.33 ? 27  GLN L CB  1 
ATOM   192  C CG  . GLN A 1 27  ? -10.504 -14.358 7.506   1.00 26.46 ? 27  GLN L CG  1 
ATOM   193  C CD  . GLN A 1 27  ? -9.578  -15.540 7.392   1.00 30.23 ? 27  GLN L CD  1 
ATOM   194  O OE1 . GLN A 1 27  ? -8.568  -15.628 8.095   1.00 26.42 ? 27  GLN L OE1 1 
ATOM   195  N NE2 . GLN A 1 27  ? -9.923  -16.469 6.510   1.00 31.43 ? 27  GLN L NE2 1 
ATOM   196  N N   . ASP A 1 28  ? -12.004 -13.219 10.600  1.00 16.51 ? 28  ASP L N   1 
ATOM   197  C CA  . ASP A 1 28  ? -11.345 -12.484 11.670  1.00 9.39  ? 28  ASP L CA  1 
ATOM   198  C C   . ASP A 1 28  ? -9.888  -12.135 11.373  1.00 10.30 ? 28  ASP L C   1 
ATOM   199  O O   . ASP A 1 28  ? -9.057  -13.015 11.168  1.00 14.22 ? 28  ASP L O   1 
ATOM   200  C CB  . ASP A 1 28  ? -11.416 -13.283 12.971  1.00 13.82 ? 28  ASP L CB  1 
ATOM   201  C CG  . ASP A 1 28  ? -10.765 -12.561 14.139  1.00 27.04 ? 28  ASP L CG  1 
ATOM   202  O OD1 . ASP A 1 28  ? -10.296 -13.242 15.075  1.00 43.59 ? 28  ASP L OD1 1 
ATOM   203  O OD2 . ASP A 1 28  ? -10.727 -11.314 14.132  1.00 29.13 ? 28  ASP L OD2 1 
ATOM   204  N N   . ILE A 1 29  ? -9.594  -10.840 11.348  1.00 12.28 ? 29  ILE L N   1 
ATOM   205  C CA  . ILE A 1 29  ? -8.243  -10.352 11.121  1.00 11.03 ? 29  ILE L CA  1 
ATOM   206  C C   . ILE A 1 29  ? -7.790  -9.595  12.371  1.00 17.67 ? 29  ILE L C   1 
ATOM   207  O O   . ILE A 1 29  ? -6.833  -8.813  12.331  1.00 23.72 ? 29  ILE L O   1 
ATOM   208  C CB  . ILE A 1 29  ? -8.159  -9.399  9.907   1.00 11.20 ? 29  ILE L CB  1 
ATOM   209  C CG1 . ILE A 1 29  ? -9.166  -8.264  10.062  1.00 3.99  ? 29  ILE L CG1 1 
ATOM   210  C CG2 . ILE A 1 29  ? -8.383  -10.168 8.619   1.00 3.25  ? 29  ILE L CG2 1 
ATOM   211  C CD1 . ILE A 1 29  ? -8.914  -7.133  9.105   1.00 12.42 ? 29  ILE L CD1 1 
ATOM   212  N N   . ARG A 1 30  ? -8.491  -9.836  13.478  1.00 18.69 ? 30  ARG L N   1 
ATOM   213  C CA  . ARG A 1 30  ? -8.189  -9.210  14.766  1.00 17.70 ? 30  ARG L CA  1 
ATOM   214  C C   . ARG A 1 30  ? -8.177  -7.681  14.699  1.00 18.92 ? 30  ARG L C   1 
ATOM   215  O O   . ARG A 1 30  ? -9.195  -7.059  14.393  1.00 13.42 ? 30  ARG L O   1 
ATOM   216  C CB  . ARG A 1 30  ? -6.845  -9.735  15.291  1.00 16.39 ? 30  ARG L CB  1 
ATOM   217  C CG  . ARG A 1 30  ? -6.854  -11.225 15.602  1.00 12.72 ? 30  ARG L CG  1 
ATOM   218  C CD  . ARG A 1 30  ? -5.452  -11.759 15.854  1.00 23.94 ? 30  ARG L CD  1 
ATOM   219  N NE  . ARG A 1 30  ? -5.460  -13.175 16.221  1.00 38.02 ? 30  ARG L NE  1 
ATOM   220  C CZ  . ARG A 1 30  ? -5.763  -13.649 17.431  1.00 39.31 ? 30  ARG L CZ  1 
ATOM   221  N NH1 . ARG A 1 30  ? -6.082  -12.825 18.422  1.00 32.61 ? 30  ARG L NH1 1 
ATOM   222  N NH2 . ARG A 1 30  ? -5.750  -14.956 17.652  1.00 34.61 ? 30  ARG L NH2 1 
ATOM   223  N N   . ASN A 1 31  ? -7.033  -7.074  14.990  1.00 16.80 ? 31  ASN L N   1 
ATOM   224  C CA  . ASN A 1 31  ? -6.934  -5.623  14.951  1.00 18.17 ? 31  ASN L CA  1 
ATOM   225  C C   . ASN A 1 31  ? -5.831  -5.176  14.004  1.00 15.12 ? 31  ASN L C   1 
ATOM   226  O O   . ASN A 1 31  ? -5.403  -4.020  14.030  1.00 10.11 ? 31  ASN L O   1 
ATOM   227  C CB  . ASN A 1 31  ? -6.652  -5.089  16.349  1.00 32.09 ? 31  ASN L CB  1 
ATOM   228  C CG  . ASN A 1 31  ? -5.351  -5.609  16.907  1.00 42.31 ? 31  ASN L CG  1 
ATOM   229  O OD1 . ASN A 1 31  ? -4.462  -4.837  17.268  1.00 52.03 ? 31  ASN L OD1 1 
ATOM   230  N ND2 . ASN A 1 31  ? -5.228  -6.931  16.977  1.00 49.48 ? 31  ASN L ND2 1 
ATOM   231  N N   . ASP A 1 32  ? -5.374  -6.099  13.166  1.00 13.72 ? 32  ASP L N   1 
ATOM   232  C CA  . ASP A 1 32  ? -4.316  -5.812  12.214  1.00 10.83 ? 32  ASP L CA  1 
ATOM   233  C C   . ASP A 1 32  ? -4.866  -5.123  10.985  1.00 12.56 ? 32  ASP L C   1 
ATOM   234  O O   . ASP A 1 32  ? -4.980  -5.735  9.923   1.00 16.51 ? 32  ASP L O   1 
ATOM   235  C CB  . ASP A 1 32  ? -3.619  -7.100  11.797  1.00 17.34 ? 32  ASP L CB  1 
ATOM   236  C CG  . ASP A 1 32  ? -2.919  -7.779  12.949  1.00 24.85 ? 32  ASP L CG  1 
ATOM   237  O OD1 . ASP A 1 32  ? -3.092  -9.006  13.100  1.00 33.95 ? 32  ASP L OD1 1 
ATOM   238  O OD2 . ASP A 1 32  ? -2.193  -7.091  13.697  1.00 24.77 ? 32  ASP L OD2 1 
ATOM   239  N N   . LEU A 1 33  ? -5.213  -3.853  11.134  1.00 9.51  ? 33  LEU L N   1 
ATOM   240  C CA  . LEU A 1 33  ? -5.736  -3.076  10.027  1.00 6.77  ? 33  LEU L CA  1 
ATOM   241  C C   . LEU A 1 33  ? -5.216  -1.643  10.098  1.00 7.93  ? 33  LEU L C   1 
ATOM   242  O O   . LEU A 1 33  ? -4.932  -1.123  11.182  1.00 4.68  ? 33  LEU L O   1 
ATOM   243  C CB  . LEU A 1 33  ? -7.266  -3.081  10.043  1.00 6.88  ? 33  LEU L CB  1 
ATOM   244  C CG  . LEU A 1 33  ? -7.885  -2.478  8.774   1.00 9.60  ? 33  LEU L CG  1 
ATOM   245  C CD1 . LEU A 1 33  ? -9.198  -3.168  8.463   1.00 7.11  ? 33  LEU L CD1 1 
ATOM   246  C CD2 . LEU A 1 33  ? -8.069  -0.985  8.943   1.00 4.55  ? 33  LEU L CD2 1 
ATOM   247  N N   . GLY A 1 34  ? -5.080  -1.012  8.938   1.00 5.11  ? 34  GLY L N   1 
ATOM   248  C CA  . GLY A 1 34  ? -4.591  0.351   8.907   1.00 4.98  ? 34  GLY L CA  1 
ATOM   249  C C   . GLY A 1 34  ? -5.303  1.160   7.852   1.00 3.25  ? 34  GLY L C   1 
ATOM   250  O O   . GLY A 1 34  ? -5.682  0.623   6.819   1.00 10.42 ? 34  GLY L O   1 
ATOM   251  N N   . TRP A 1 35  ? -5.496  2.448   8.106   1.00 4.10  ? 35  TRP L N   1 
ATOM   252  C CA  . TRP A 1 35  ? -6.161  3.310   7.142   1.00 6.71  ? 35  TRP L CA  1 
ATOM   253  C C   . TRP A 1 35  ? -5.145  4.190   6.445   1.00 7.79  ? 35  TRP L C   1 
ATOM   254  O O   . TRP A 1 35  ? -4.171  4.631   7.054   1.00 14.01 ? 35  TRP L O   1 
ATOM   255  C CB  . TRP A 1 35  ? -7.231  4.167   7.830   1.00 12.37 ? 35  TRP L CB  1 
ATOM   256  C CG  . TRP A 1 35  ? -8.362  3.341   8.400   1.00 8.23  ? 35  TRP L CG  1 
ATOM   257  C CD1 . TRP A 1 35  ? -8.441  2.803   9.653   1.00 3.49  ? 35  TRP L CD1 1 
ATOM   258  C CD2 . TRP A 1 35  ? -9.547  2.924   7.709   1.00 8.39  ? 35  TRP L CD2 1 
ATOM   259  N NE1 . TRP A 1 35  ? -9.599  2.078   9.785   1.00 5.16  ? 35  TRP L NE1 1 
ATOM   260  C CE2 . TRP A 1 35  ? -10.298 2.136   8.609   1.00 4.32  ? 35  TRP L CE2 1 
ATOM   261  C CE3 . TRP A 1 35  ? -10.049 3.144   6.416   1.00 10.50 ? 35  TRP L CE3 1 
ATOM   262  C CZ2 . TRP A 1 35  ? -11.526 1.568   8.258   1.00 6.79  ? 35  TRP L CZ2 1 
ATOM   263  C CZ3 . TRP A 1 35  ? -11.270 2.578   6.068   1.00 9.73  ? 35  TRP L CZ3 1 
ATOM   264  C CH2 . TRP A 1 35  ? -11.995 1.799   6.988   1.00 11.22 ? 35  TRP L CH2 1 
ATOM   265  N N   . TYR A 1 36  ? -5.371  4.433   5.162   1.00 3.25  ? 36  TYR L N   1 
ATOM   266  C CA  . TYR A 1 36  ? -4.468  5.250   4.370   1.00 3.25  ? 36  TYR L CA  1 
ATOM   267  C C   . TYR A 1 36  ? -5.247  6.294   3.605   1.00 5.56  ? 36  TYR L C   1 
ATOM   268  O O   . TYR A 1 36  ? -6.419  6.088   3.276   1.00 5.56  ? 36  TYR L O   1 
ATOM   269  C CB  . TYR A 1 36  ? -3.701  4.385   3.355   1.00 9.31  ? 36  TYR L CB  1 
ATOM   270  C CG  . TYR A 1 36  ? -2.686  3.441   3.959   1.00 11.66 ? 36  TYR L CG  1 
ATOM   271  C CD1 . TYR A 1 36  ? -3.074  2.206   4.485   1.00 4.86  ? 36  TYR L CD1 1 
ATOM   272  C CD2 . TYR A 1 36  ? -1.342  3.810   4.058   1.00 11.03 ? 36  TYR L CD2 1 
ATOM   273  C CE1 . TYR A 1 36  ? -2.146  1.366   5.102   1.00 9.65  ? 36  TYR L CE1 1 
ATOM   274  C CE2 . TYR A 1 36  ? -0.406  2.976   4.679   1.00 7.67  ? 36  TYR L CE2 1 
ATOM   275  C CZ  . TYR A 1 36  ? -0.817  1.762   5.200   1.00 4.25  ? 36  TYR L CZ  1 
ATOM   276  O OH  . TYR A 1 36  ? 0.086   0.967   5.856   1.00 14.43 ? 36  TYR L OH  1 
ATOM   277  N N   . GLN A 1 37  ? -4.604  7.424   3.329   1.00 6.18  ? 37  GLN L N   1 
ATOM   278  C CA  . GLN A 1 37  ? -5.252  8.453   2.536   1.00 10.03 ? 37  GLN L CA  1 
ATOM   279  C C   . GLN A 1 37  ? -4.346  8.697   1.334   1.00 12.72 ? 37  GLN L C   1 
ATOM   280  O O   . GLN A 1 37  ? -3.120  8.653   1.448   1.00 19.41 ? 37  GLN L O   1 
ATOM   281  C CB  . GLN A 1 37  ? -5.460  9.745   3.339   1.00 9.62  ? 37  GLN L CB  1 
ATOM   282  C CG  . GLN A 1 37  ? -4.251  10.648  3.447   1.00 18.97 ? 37  GLN L CG  1 
ATOM   283  C CD  . GLN A 1 37  ? -4.620  12.128  3.454   1.00 22.43 ? 37  GLN L CD  1 
ATOM   284  O OE1 . GLN A 1 37  ? -3.810  12.967  3.071   1.00 30.53 ? 37  GLN L OE1 1 
ATOM   285  N NE2 . GLN A 1 37  ? -5.838  12.454  3.894   1.00 12.67 ? 37  GLN L NE2 1 
ATOM   286  N N   . GLN A 1 38  ? -4.953  8.909   0.176   1.00 11.49 ? 38  GLN L N   1 
ATOM   287  C CA  . GLN A 1 38  ? -4.199  9.163   -1.040  1.00 10.93 ? 38  GLN L CA  1 
ATOM   288  C C   . GLN A 1 38  ? -4.823  10.296  -1.831  1.00 14.48 ? 38  GLN L C   1 
ATOM   289  O O   . GLN A 1 38  ? -5.991  10.231  -2.239  1.00 12.01 ? 38  GLN L O   1 
ATOM   290  C CB  . GLN A 1 38  ? -4.120  7.909   -1.922  1.00 6.59  ? 38  GLN L CB  1 
ATOM   291  C CG  . GLN A 1 38  ? -3.559  8.185   -3.316  1.00 3.25  ? 38  GLN L CG  1 
ATOM   292  C CD  . GLN A 1 38  ? -3.129  6.924   -4.052  1.00 15.22 ? 38  GLN L CD  1 
ATOM   293  O OE1 . GLN A 1 38  ? -1.935  6.684   -4.246  1.00 12.80 ? 38  GLN L OE1 1 
ATOM   294  N NE2 . GLN A 1 38  ? -4.100  6.113   -4.462  1.00 15.90 ? 38  GLN L NE2 1 
ATOM   295  N N   . LYS A 1 39  ? -4.031  11.339  -2.035  1.00 14.31 ? 39  LYS L N   1 
ATOM   296  C CA  . LYS A 1 39  ? -4.465  12.501  -2.783  1.00 18.36 ? 39  LYS L CA  1 
ATOM   297  C C   . LYS A 1 39  ? -4.026  12.233  -4.218  1.00 17.89 ? 39  LYS L C   1 
ATOM   298  O O   . LYS A 1 39  ? -3.036  11.542  -4.451  1.00 15.26 ? 39  LYS L O   1 
ATOM   299  C CB  . LYS A 1 39  ? -3.789  13.749  -2.214  1.00 21.04 ? 39  LYS L CB  1 
ATOM   300  C CG  . LYS A 1 39  ? -3.656  13.705  -0.692  1.00 30.12 ? 39  LYS L CG  1 
ATOM   301  C CD  . LYS A 1 39  ? -4.506  14.750  0.007   1.00 38.80 ? 39  LYS L CD  1 
ATOM   302  C CE  . LYS A 1 39  ? -3.877  16.130  -0.084  1.00 44.83 ? 39  LYS L CE  1 
ATOM   303  N NZ  . LYS A 1 39  ? -4.695  17.158  0.618   1.00 42.43 ? 39  LYS L NZ  1 
ATOM   304  N N   . PRO A 1 40  ? -4.758  12.774  -5.201  1.00 20.85 ? 40  PRO L N   1 
ATOM   305  C CA  . PRO A 1 40  ? -4.428  12.574  -6.615  1.00 16.74 ? 40  PRO L CA  1 
ATOM   306  C C   . PRO A 1 40  ? -2.960  12.812  -6.994  1.00 19.75 ? 40  PRO L C   1 
ATOM   307  O O   . PRO A 1 40  ? -2.392  13.871  -6.710  1.00 21.32 ? 40  PRO L O   1 
ATOM   308  C CB  . PRO A 1 40  ? -5.363  13.548  -7.323  1.00 17.53 ? 40  PRO L CB  1 
ATOM   309  C CG  . PRO A 1 40  ? -6.544  13.612  -6.414  1.00 18.17 ? 40  PRO L CG  1 
ATOM   310  C CD  . PRO A 1 40  ? -5.900  13.693  -5.051  1.00 17.60 ? 40  PRO L CD  1 
ATOM   311  N N   . GLY A 1 41  ? -2.355  11.807  -7.628  1.00 23.84 ? 41  GLY L N   1 
ATOM   312  C CA  . GLY A 1 41  ? -0.975  11.908  -8.082  1.00 28.53 ? 41  GLY L CA  1 
ATOM   313  C C   . GLY A 1 41  ? 0.166   11.654  -7.109  1.00 29.19 ? 41  GLY L C   1 
ATOM   314  O O   . GLY A 1 41  ? 1.329   11.827  -7.479  1.00 27.59 ? 41  GLY L O   1 
ATOM   315  N N   . LYS A 1 42  ? -0.149  11.257  -5.878  1.00 27.60 ? 42  LYS L N   1 
ATOM   316  C CA  . LYS A 1 42  ? 0.874   10.989  -4.869  1.00 23.71 ? 42  LYS L CA  1 
ATOM   317  C C   . LYS A 1 42  ? 0.702   9.602   -4.273  1.00 24.76 ? 42  LYS L C   1 
ATOM   318  O O   . LYS A 1 42  ? -0.248  8.886   -4.592  1.00 21.30 ? 42  LYS L O   1 
ATOM   319  C CB  . LYS A 1 42  ? 0.826   12.032  -3.745  1.00 31.61 ? 42  LYS L CB  1 
ATOM   320  C CG  . LYS A 1 42  ? 1.305   13.429  -4.140  1.00 41.43 ? 42  LYS L CG  1 
ATOM   321  C CD  . LYS A 1 42  ? 0.337   14.093  -5.109  1.00 52.98 ? 42  LYS L CD  1 
ATOM   322  C CE  . LYS A 1 42  ? 0.949   15.309  -5.792  1.00 57.72 ? 42  LYS L CE  1 
ATOM   323  N NZ  . LYS A 1 42  ? 0.049   15.823  -6.869  1.00 56.62 ? 42  LYS L NZ  1 
ATOM   324  N N   . ALA A 1 43  ? 1.629   9.223   -3.398  1.00 24.12 ? 43  ALA L N   1 
ATOM   325  C CA  . ALA A 1 43  ? 1.581   7.914   -2.763  1.00 18.85 ? 43  ALA L CA  1 
ATOM   326  C C   . ALA A 1 43  ? 0.752   7.956   -1.495  1.00 17.23 ? 43  ALA L C   1 
ATOM   327  O O   . ALA A 1 43  ? 0.601   9.006   -0.868  1.00 14.60 ? 43  ALA L O   1 
ATOM   328  C CB  . ALA A 1 43  ? 2.982   7.437   -2.442  1.00 25.21 ? 43  ALA L CB  1 
ATOM   329  N N   . PRO A 1 44  ? 0.187   6.805   -1.105  1.00 21.21 ? 44  PRO L N   1 
ATOM   330  C CA  . PRO A 1 44  ? -0.635  6.712   0.104   1.00 18.02 ? 44  PRO L CA  1 
ATOM   331  C C   . PRO A 1 44  ? 0.138   6.999   1.382   1.00 15.08 ? 44  PRO L C   1 
ATOM   332  O O   . PRO A 1 44  ? 1.329   6.701   1.478   1.00 12.41 ? 44  PRO L O   1 
ATOM   333  C CB  . PRO A 1 44  ? -1.177  5.279   0.051   1.00 17.99 ? 44  PRO L CB  1 
ATOM   334  C CG  . PRO A 1 44  ? -0.186  4.546   -0.812  1.00 21.20 ? 44  PRO L CG  1 
ATOM   335  C CD  . PRO A 1 44  ? 0.132   5.553   -1.880  1.00 19.44 ? 44  PRO L CD  1 
ATOM   336  N N   . LYS A 1 45  ? -0.558  7.597   2.349   1.00 14.90 ? 45  LYS L N   1 
ATOM   337  C CA  . LYS A 1 45  ? 0.010   7.943   3.641   1.00 12.38 ? 45  LYS L CA  1 
ATOM   338  C C   . LYS A 1 45  ? -0.809  7.277   4.734   1.00 10.14 ? 45  LYS L C   1 
ATOM   339  O O   . LYS A 1 45  ? -2.039  7.368   4.737   1.00 12.40 ? 45  LYS L O   1 
ATOM   340  C CB  . LYS A 1 45  ? -0.009  9.460   3.839   1.00 20.63 ? 45  LYS L CB  1 
ATOM   341  C CG  . LYS A 1 45  ? 0.442   9.897   5.231   1.00 40.37 ? 45  LYS L CG  1 
ATOM   342  C CD  . LYS A 1 45  ? 0.698   11.399  5.319   1.00 47.18 ? 45  LYS L CD  1 
ATOM   343  C CE  . LYS A 1 45  ? -0.578  12.219  5.230   1.00 49.54 ? 45  LYS L CE  1 
ATOM   344  N NZ  . LYS A 1 45  ? -0.295  13.676  5.402   1.00 39.57 ? 45  LYS L NZ  1 
ATOM   345  N N   . LYS A 1 46  ? -0.132  6.614   5.664   1.00 8.96  ? 46  LYS L N   1 
ATOM   346  C CA  . LYS A 1 46  ? -0.823  5.926   6.750   1.00 12.56 ? 46  LYS L CA  1 
ATOM   347  C C   . LYS A 1 46  ? -1.342  6.926   7.769   1.00 12.19 ? 46  LYS L C   1 
ATOM   348  O O   . LYS A 1 46  ? -0.631  7.855   8.163   1.00 12.41 ? 46  LYS L O   1 
ATOM   349  C CB  . LYS A 1 46  ? 0.103   4.899   7.444   1.00 7.32  ? 46  LYS L CB  1 
ATOM   350  C CG  . LYS A 1 46  ? -0.621  3.961   8.414   1.00 5.90  ? 46  LYS L CG  1 
ATOM   351  C CD  . LYS A 1 46  ? 0.208   2.729   8.817   1.00 13.17 ? 46  LYS L CD  1 
ATOM   352  C CE  . LYS A 1 46  ? 1.216   3.009   9.937   1.00 11.91 ? 46  LYS L CE  1 
ATOM   353  N NZ  . LYS A 1 46  ? 2.008   1.792   10.296  1.00 3.25  ? 46  LYS L NZ  1 
ATOM   354  N N   . LEU A 1 47  ? -2.597  6.737   8.170   1.00 13.61 ? 47  LEU L N   1 
ATOM   355  C CA  . LEU A 1 47  ? -3.243  7.587   9.165   1.00 7.52  ? 47  LEU L CA  1 
ATOM   356  C C   . LEU A 1 47  ? -3.306  6.809   10.473  1.00 10.01 ? 47  LEU L C   1 
ATOM   357  O O   . LEU A 1 47  ? -2.868  7.284   11.519  1.00 7.96  ? 47  LEU L O   1 
ATOM   358  C CB  . LEU A 1 47  ? -4.670  7.932   8.738   1.00 6.73  ? 47  LEU L CB  1 
ATOM   359  C CG  . LEU A 1 47  ? -4.874  8.636   7.398   1.00 9.35  ? 47  LEU L CG  1 
ATOM   360  C CD1 . LEU A 1 47  ? -6.333  8.533   7.002   1.00 3.25  ? 47  LEU L CD1 1 
ATOM   361  C CD2 . LEU A 1 47  ? -4.431  10.078  7.488   1.00 3.25  ? 47  LEU L CD2 1 
ATOM   362  N N   . ILE A 1 48  ? -3.850  5.601   10.399  1.00 15.54 ? 48  ILE L N   1 
ATOM   363  C CA  . ILE A 1 48  ? -3.994  4.747   11.566  1.00 14.12 ? 48  ILE L CA  1 
ATOM   364  C C   . ILE A 1 48  ? -3.451  3.355   11.287  1.00 19.18 ? 48  ILE L C   1 
ATOM   365  O O   . ILE A 1 48  ? -3.336  2.938   10.131  1.00 14.95 ? 48  ILE L O   1 
ATOM   366  C CB  . ILE A 1 48  ? -5.495  4.645   11.981  1.00 18.79 ? 48  ILE L CB  1 
ATOM   367  C CG1 . ILE A 1 48  ? -5.987  6.028   12.411  1.00 15.50 ? 48  ILE L CG1 1 
ATOM   368  C CG2 . ILE A 1 48  ? -5.695  3.605   13.105  1.00 5.79  ? 48  ILE L CG2 1 
ATOM   369  C CD1 . ILE A 1 48  ? -7.404  6.057   12.894  1.00 26.45 ? 48  ILE L CD1 1 
ATOM   370  N N   . TYR A 1 49  ? -3.102  2.655   12.364  1.00 20.42 ? 49  TYR L N   1 
ATOM   371  C CA  . TYR A 1 49  ? -2.601  1.289   12.297  1.00 18.14 ? 49  TYR L CA  1 
ATOM   372  C C   . TYR A 1 49  ? -3.052  0.548   13.550  1.00 14.86 ? 49  TYR L C   1 
ATOM   373  O O   . TYR A 1 49  ? -3.419  1.166   14.543  1.00 24.99 ? 49  TYR L O   1 
ATOM   374  C CB  . TYR A 1 49  ? -1.074  1.258   12.190  1.00 17.56 ? 49  TYR L CB  1 
ATOM   375  C CG  . TYR A 1 49  ? -0.332  1.871   13.356  1.00 19.88 ? 49  TYR L CG  1 
ATOM   376  C CD1 . TYR A 1 49  ? -0.084  3.244   13.406  1.00 20.66 ? 49  TYR L CD1 1 
ATOM   377  C CD2 . TYR A 1 49  ? 0.143   1.074   14.399  1.00 15.44 ? 49  TYR L CD2 1 
ATOM   378  C CE1 . TYR A 1 49  ? 0.622   3.803   14.464  1.00 19.57 ? 49  TYR L CE1 1 
ATOM   379  C CE2 . TYR A 1 49  ? 0.849   1.624   15.461  1.00 15.46 ? 49  TYR L CE2 1 
ATOM   380  C CZ  . TYR A 1 49  ? 1.085   2.987   15.487  1.00 22.75 ? 49  TYR L CZ  1 
ATOM   381  O OH  . TYR A 1 49  ? 1.788   3.536   16.534  1.00 26.82 ? 49  TYR L OH  1 
ATOM   382  N N   . ALA A 1 50  ? -3.028  -0.778  13.506  1.00 14.66 ? 50  ALA L N   1 
ATOM   383  C CA  . ALA A 1 50  ? -3.454  -1.568  14.649  1.00 4.60  ? 50  ALA L CA  1 
ATOM   384  C C   . ALA A 1 50  ? -4.865  -1.129  15.044  1.00 6.00  ? 50  ALA L C   1 
ATOM   385  O O   . ALA A 1 50  ? -5.178  -1.001  16.226  1.00 12.26 ? 50  ALA L O   1 
ATOM   386  C CB  . ALA A 1 50  ? -2.492  -1.375  15.805  1.00 3.25  ? 50  ALA L CB  1 
ATOM   387  N N   . ALA A 1 51  ? -5.692  -0.886  14.028  1.00 4.73  ? 51  ALA L N   1 
ATOM   388  C CA  . ALA A 1 51  ? -7.090  -0.475  14.184  1.00 7.23  ? 51  ALA L CA  1 
ATOM   389  C C   . ALA A 1 51  ? -7.386  0.876   14.843  1.00 11.24 ? 51  ALA L C   1 
ATOM   390  O O   . ALA A 1 51  ? -8.233  1.621   14.350  1.00 11.32 ? 51  ALA L O   1 
ATOM   391  C CB  . ALA A 1 51  ? -7.877  -1.574  14.899  1.00 3.38  ? 51  ALA L CB  1 
ATOM   392  N N   . SER A 1 52  ? -6.700  1.201   15.939  1.00 16.90 ? 52  SER L N   1 
ATOM   393  C CA  . SER A 1 52  ? -6.968  2.455   16.644  1.00 16.81 ? 52  SER L CA  1 
ATOM   394  C C   . SER A 1 52  ? -5.823  3.448   16.836  1.00 18.85 ? 52  SER L C   1 
ATOM   395  O O   . SER A 1 52  ? -6.074  4.634   17.054  1.00 17.74 ? 52  SER L O   1 
ATOM   396  C CB  . SER A 1 52  ? -7.577  2.147   18.015  1.00 20.29 ? 52  SER L CB  1 
ATOM   397  O OG  . SER A 1 52  ? -8.850  1.536   17.884  1.00 26.35 ? 52  SER L OG  1 
ATOM   398  N N   . SER A 1 53  ? -4.579  2.983   16.759  1.00 13.19 ? 53  SER L N   1 
ATOM   399  C CA  . SER A 1 53  ? -3.430  3.862   16.957  1.00 9.57  ? 53  SER L CA  1 
ATOM   400  C C   . SER A 1 53  ? -3.243  4.936   15.888  1.00 13.59 ? 53  SER L C   1 
ATOM   401  O O   . SER A 1 53  ? -3.229  4.650   14.693  1.00 13.95 ? 53  SER L O   1 
ATOM   402  C CB  . SER A 1 53  ? -2.158  3.034   17.067  1.00 6.92  ? 53  SER L CB  1 
ATOM   403  O OG  . SER A 1 53  ? -2.240  2.150   18.168  1.00 21.57 ? 53  SER L OG  1 
ATOM   404  N N   . LEU A 1 54  ? -3.101  6.178   16.337  1.00 20.60 ? 54  LEU L N   1 
ATOM   405  C CA  . LEU A 1 54  ? -2.898  7.313   15.447  1.00 19.90 ? 54  LEU L CA  1 
ATOM   406  C C   . LEU A 1 54  ? -1.465  7.286   14.955  1.00 24.70 ? 54  LEU L C   1 
ATOM   407  O O   . LEU A 1 54  ? -0.563  6.840   15.664  1.00 29.46 ? 54  LEU L O   1 
ATOM   408  C CB  . LEU A 1 54  ? -3.124  8.626   16.198  1.00 20.64 ? 54  LEU L CB  1 
ATOM   409  C CG  . LEU A 1 54  ? -4.426  9.433   16.124  1.00 22.33 ? 54  LEU L CG  1 
ATOM   410  C CD1 . LEU A 1 54  ? -4.424  10.261  14.858  1.00 19.58 ? 54  LEU L CD1 1 
ATOM   411  C CD2 . LEU A 1 54  ? -5.644  8.511   16.205  1.00 22.21 ? 54  LEU L CD2 1 
ATOM   412  N N   . GLN A 1 55  ? -1.256  7.763   13.736  1.00 30.56 ? 55  GLN L N   1 
ATOM   413  C CA  . GLN A 1 55  ? 0.084   7.823   13.171  1.00 31.25 ? 55  GLN L CA  1 
ATOM   414  C C   . GLN A 1 55  ? 0.656   9.166   13.605  1.00 31.33 ? 55  GLN L C   1 
ATOM   415  O O   . GLN A 1 55  ? -0.060  10.166  13.643  1.00 37.94 ? 55  GLN L O   1 
ATOM   416  C CB  . GLN A 1 55  ? 0.018   7.755   11.642  1.00 28.15 ? 55  GLN L CB  1 
ATOM   417  C CG  . GLN A 1 55  ? 0.803   6.610   11.024  1.00 33.65 ? 55  GLN L CG  1 
ATOM   418  C CD  . GLN A 1 55  ? 2.279   6.912   10.889  1.00 35.97 ? 55  GLN L CD  1 
ATOM   419  O OE1 . GLN A 1 55  ? 3.124   6.118   11.299  1.00 40.49 ? 55  GLN L OE1 1 
ATOM   420  N NE2 . GLN A 1 55  ? 2.599   8.060   10.300  1.00 42.25 ? 55  GLN L NE2 1 
ATOM   421  N N   . SER A 1 56  ? 1.938   9.185   13.944  1.00 29.01 ? 56  SER L N   1 
ATOM   422  C CA  . SER A 1 56  ? 2.605   10.412  14.366  1.00 29.01 ? 56  SER L CA  1 
ATOM   423  C C   . SER A 1 56  ? 2.434   11.540  13.343  1.00 25.41 ? 56  SER L C   1 
ATOM   424  O O   . SER A 1 56  ? 2.745   11.370  12.166  1.00 24.01 ? 56  SER L O   1 
ATOM   425  C CB  . SER A 1 56  ? 4.093   10.136  14.581  1.00 32.29 ? 56  SER L CB  1 
ATOM   426  O OG  . SER A 1 56  ? 4.807   11.331  14.846  1.00 47.28 ? 56  SER L OG  1 
ATOM   427  N N   . GLY A 1 57  ? 1.934   12.686  13.796  1.00 23.17 ? 57  GLY L N   1 
ATOM   428  C CA  . GLY A 1 57  ? 1.753   13.822  12.904  1.00 21.87 ? 57  GLY L CA  1 
ATOM   429  C C   . GLY A 1 57  ? 0.387   13.921  12.250  1.00 24.71 ? 57  GLY L C   1 
ATOM   430  O O   . GLY A 1 57  ? 0.188   14.715  11.328  1.00 24.15 ? 57  GLY L O   1 
ATOM   431  N N   . VAL A 1 58  ? -0.558  13.121  12.735  1.00 23.97 ? 58  VAL L N   1 
ATOM   432  C CA  . VAL A 1 58  ? -1.908  13.100  12.192  1.00 23.67 ? 58  VAL L CA  1 
ATOM   433  C C   . VAL A 1 58  ? -2.911  13.731  13.165  1.00 24.49 ? 58  VAL L C   1 
ATOM   434  O O   . VAL A 1 58  ? -2.954  13.381  14.346  1.00 24.33 ? 58  VAL L O   1 
ATOM   435  C CB  . VAL A 1 58  ? -2.321  11.638  11.844  1.00 25.01 ? 58  VAL L CB  1 
ATOM   436  C CG1 . VAL A 1 58  ? -3.795  11.556  11.484  1.00 20.87 ? 58  VAL L CG1 1 
ATOM   437  C CG2 . VAL A 1 58  ? -1.486  11.142  10.670  1.00 26.68 ? 58  VAL L CG2 1 
ATOM   438  N N   . PRO A 1 59  ? -3.731  14.673  12.674  1.00 22.87 ? 59  PRO L N   1 
ATOM   439  C CA  . PRO A 1 59  ? -4.743  15.374  13.468  1.00 25.36 ? 59  PRO L CA  1 
ATOM   440  C C   . PRO A 1 59  ? -5.673  14.418  14.206  1.00 29.35 ? 59  PRO L C   1 
ATOM   441  O O   . PRO A 1 59  ? -6.046  13.369  13.683  1.00 31.26 ? 59  PRO L O   1 
ATOM   442  C CB  . PRO A 1 59  ? -5.486  16.203  12.423  1.00 25.47 ? 59  PRO L CB  1 
ATOM   443  C CG  . PRO A 1 59  ? -4.430  16.482  11.411  1.00 26.72 ? 59  PRO L CG  1 
ATOM   444  C CD  . PRO A 1 59  ? -3.768  15.133  11.276  1.00 22.66 ? 59  PRO L CD  1 
ATOM   445  N N   . SER A 1 60  ? -6.064  14.804  15.416  1.00 28.81 ? 60  SER L N   1 
ATOM   446  C CA  . SER A 1 60  ? -6.929  13.984  16.253  1.00 24.63 ? 60  SER L CA  1 
ATOM   447  C C   . SER A 1 60  ? -8.349  13.825  15.727  1.00 25.65 ? 60  SER L C   1 
ATOM   448  O O   . SER A 1 60  ? -9.118  13.008  16.254  1.00 18.47 ? 60  SER L O   1 
ATOM   449  C CB  . SER A 1 60  ? -6.970  14.561  17.666  1.00 28.50 ? 60  SER L CB  1 
ATOM   450  O OG  . SER A 1 60  ? -7.382  15.916  17.636  1.00 35.85 ? 60  SER L OG  1 
ATOM   451  N N   . ARG A 1 61  ? -8.711  14.595  14.701  1.00 24.77 ? 61  ARG L N   1 
ATOM   452  C CA  . ARG A 1 61  ? -10.059 14.476  14.158  1.00 22.94 ? 61  ARG L CA  1 
ATOM   453  C C   . ARG A 1 61  ? -10.225 13.129  13.458  1.00 24.45 ? 61  ARG L C   1 
ATOM   454  O O   . ARG A 1 61  ? -11.338 12.732  13.107  1.00 23.38 ? 61  ARG L O   1 
ATOM   455  C CB  . ARG A 1 61  ? -10.389 15.636  13.208  1.00 20.34 ? 61  ARG L CB  1 
ATOM   456  C CG  . ARG A 1 61  ? -9.568  15.728  11.955  1.00 20.28 ? 61  ARG L CG  1 
ATOM   457  C CD  . ARG A 1 61  ? -10.176 16.769  11.016  1.00 13.37 ? 61  ARG L CD  1 
ATOM   458  N NE  . ARG A 1 61  ? -9.364  16.957  9.819   1.00 13.96 ? 61  ARG L NE  1 
ATOM   459  C CZ  . ARG A 1 61  ? -8.153  17.502  9.818   1.00 16.21 ? 61  ARG L CZ  1 
ATOM   460  N NH1 . ARG A 1 61  ? -7.619  17.919  10.957  1.00 10.91 ? 61  ARG L NH1 1 
ATOM   461  N NH2 . ARG A 1 61  ? -7.467  17.603  8.685   1.00 7.34  ? 61  ARG L NH2 1 
ATOM   462  N N   . PHE A 1 62  ? -9.105  12.431  13.271  1.00 22.19 ? 62  PHE L N   1 
ATOM   463  C CA  . PHE A 1 62  ? -9.089  11.100  12.666  1.00 14.74 ? 62  PHE L CA  1 
ATOM   464  C C   . PHE A 1 62  ? -9.031  10.066  13.786  1.00 14.51 ? 62  PHE L C   1 
ATOM   465  O O   . PHE A 1 62  ? -8.152  10.118  14.648  1.00 19.63 ? 62  PHE L O   1 
ATOM   466  C CB  . PHE A 1 62  ? -7.849  10.907  11.790  1.00 7.61  ? 62  PHE L CB  1 
ATOM   467  C CG  . PHE A 1 62  ? -7.867  11.699  10.521  1.00 14.85 ? 62  PHE L CG  1 
ATOM   468  C CD1 . PHE A 1 62  ? -8.737  11.364  9.487   1.00 8.09  ? 62  PHE L CD1 1 
ATOM   469  C CD2 . PHE A 1 62  ? -7.018  12.795  10.359  1.00 19.63 ? 62  PHE L CD2 1 
ATOM   470  C CE1 . PHE A 1 62  ? -8.760  12.109  8.311   1.00 19.08 ? 62  PHE L CE1 1 
ATOM   471  C CE2 . PHE A 1 62  ? -7.031  13.548  9.184   1.00 17.10 ? 62  PHE L CE2 1 
ATOM   472  C CZ  . PHE A 1 62  ? -7.901  13.209  8.158   1.00 10.54 ? 62  PHE L CZ  1 
ATOM   473  N N   . SER A 1 63  ? -9.968  9.134   13.786  1.00 8.20  ? 63  SER L N   1 
ATOM   474  C CA  . SER A 1 63  ? -9.951  8.086   14.786  1.00 7.77  ? 63  SER L CA  1 
ATOM   475  C C   . SER A 1 63  ? -10.508 6.851   14.111  1.00 10.33 ? 63  SER L C   1 
ATOM   476  O O   . SER A 1 63  ? -11.288 6.949   13.162  1.00 11.70 ? 63  SER L O   1 
ATOM   477  C CB  . SER A 1 63  ? -10.790 8.467   16.012  1.00 13.91 ? 63  SER L CB  1 
ATOM   478  O OG  . SER A 1 63  ? -12.179 8.350   15.773  1.00 9.02  ? 63  SER L OG  1 
ATOM   479  N N   . GLY A 1 64  ? -10.079 5.688   14.579  1.00 6.11  ? 64  GLY L N   1 
ATOM   480  C CA  . GLY A 1 64  ? -10.551 4.449   14.001  1.00 5.08  ? 64  GLY L CA  1 
ATOM   481  C C   . GLY A 1 64  ? -10.932 3.510   15.121  1.00 9.30  ? 64  GLY L C   1 
ATOM   482  O O   . GLY A 1 64  ? -10.421 3.619   16.237  1.00 12.35 ? 64  GLY L O   1 
ATOM   483  N N   . SER A 1 65  ? -11.839 2.589   14.842  1.00 13.03 ? 65  SER L N   1 
ATOM   484  C CA  . SER A 1 65  ? -12.268 1.643   15.862  1.00 13.61 ? 65  SER L CA  1 
ATOM   485  C C   . SER A 1 65  ? -12.709 0.362   15.201  1.00 9.00  ? 65  SER L C   1 
ATOM   486  O O   . SER A 1 65  ? -12.981 0.336   14.001  1.00 14.18 ? 65  SER L O   1 
ATOM   487  C CB  . SER A 1 65  ? -13.429 2.223   16.671  1.00 13.68 ? 65  SER L CB  1 
ATOM   488  O OG  . SER A 1 65  ? -14.537 2.505   15.834  1.00 21.53 ? 65  SER L OG  1 
ATOM   489  N N   . GLY A 1 66  ? -12.787 -0.702  15.984  1.00 5.64  ? 66  GLY L N   1 
ATOM   490  C CA  . GLY A 1 66  ? -13.209 -1.971  15.428  1.00 3.25  ? 66  GLY L CA  1 
ATOM   491  C C   . GLY A 1 66  ? -12.192 -3.068  15.644  1.00 5.81  ? 66  GLY L C   1 
ATOM   492  O O   . GLY A 1 66  ? -11.006 -2.814  15.877  1.00 7.60  ? 66  GLY L O   1 
ATOM   493  N N   . SER A 1 67  ? -12.670 -4.300  15.570  1.00 9.49  ? 67  SER L N   1 
ATOM   494  C CA  . SER A 1 67  ? -11.832 -5.470  15.749  1.00 12.38 ? 67  SER L CA  1 
ATOM   495  C C   . SER A 1 67  ? -12.637 -6.638  15.208  1.00 16.99 ? 67  SER L C   1 
ATOM   496  O O   . SER A 1 67  ? -13.869 -6.572  15.161  1.00 21.55 ? 67  SER L O   1 
ATOM   497  C CB  . SER A 1 67  ? -11.515 -5.674  17.234  1.00 11.87 ? 67  SER L CB  1 
ATOM   498  O OG  . SER A 1 67  ? -12.680 -5.990  17.977  1.00 19.06 ? 67  SER L OG  1 
ATOM   499  N N   . GLY A 1 68  ? -11.950 -7.696  14.790  1.00 16.62 ? 68  GLY L N   1 
ATOM   500  C CA  . GLY A 1 68  ? -12.648 -8.847  14.247  1.00 19.58 ? 68  GLY L CA  1 
ATOM   501  C C   . GLY A 1 68  ? -12.897 -8.705  12.758  1.00 22.32 ? 68  GLY L C   1 
ATOM   502  O O   . GLY A 1 68  ? -11.970 -8.870  11.964  1.00 27.41 ? 68  GLY L O   1 
ATOM   503  N N   . THR A 1 69  ? -14.138 -8.394  12.375  1.00 18.63 ? 69  THR L N   1 
ATOM   504  C CA  . THR A 1 69  ? -14.490 -8.239  10.965  1.00 6.05  ? 69  THR L CA  1 
ATOM   505  C C   . THR A 1 69  ? -15.183 -6.921  10.625  1.00 5.33  ? 69  THR L C   1 
ATOM   506  O O   . THR A 1 69  ? -15.481 -6.663  9.458   1.00 5.76  ? 69  THR L O   1 
ATOM   507  C CB  . THR A 1 69  ? -15.392 -9.396  10.477  1.00 13.48 ? 69  THR L CB  1 
ATOM   508  O OG1 . THR A 1 69  ? -16.597 -9.442  11.254  1.00 8.77  ? 69  THR L OG1 1 
ATOM   509  C CG2 . THR A 1 69  ? -14.661 -10.720 10.590  1.00 15.73 ? 69  THR L CG2 1 
ATOM   510  N N   . ASP A 1 70  ? -15.433 -6.083  11.624  1.00 6.91  ? 70  ASP L N   1 
ATOM   511  C CA  . ASP A 1 70  ? -16.102 -4.799  11.387  1.00 6.81  ? 70  ASP L CA  1 
ATOM   512  C C   . ASP A 1 70  ? -15.237 -3.643  11.871  1.00 5.86  ? 70  ASP L C   1 
ATOM   513  O O   . ASP A 1 70  ? -15.012 -3.497  13.073  1.00 7.22  ? 70  ASP L O   1 
ATOM   514  C CB  . ASP A 1 70  ? -17.456 -4.754  12.108  1.00 10.72 ? 70  ASP L CB  1 
ATOM   515  C CG  . ASP A 1 70  ? -18.380 -3.682  11.554  1.00 26.78 ? 70  ASP L CG  1 
ATOM   516  O OD1 . ASP A 1 70  ? -18.960 -3.903  10.470  1.00 41.79 ? 70  ASP L OD1 1 
ATOM   517  O OD2 . ASP A 1 70  ? -18.524 -2.617  12.193  1.00 39.22 ? 70  ASP L OD2 1 
ATOM   518  N N   . PHE A 1 71  ? -14.758 -2.824  10.935  1.00 4.00  ? 71  PHE L N   1 
ATOM   519  C CA  . PHE A 1 71  ? -13.907 -1.685  11.267  1.00 6.44  ? 71  PHE L CA  1 
ATOM   520  C C   . PHE A 1 71  ? -14.505 -0.378  10.780  1.00 10.25 ? 71  PHE L C   1 
ATOM   521  O O   . PHE A 1 71  ? -15.377 -0.366  9.911   1.00 14.99 ? 71  PHE L O   1 
ATOM   522  C CB  . PHE A 1 71  ? -12.511 -1.879  10.677  1.00 8.42  ? 71  PHE L CB  1 
ATOM   523  C CG  . PHE A 1 71  ? -11.823 -3.124  11.164  1.00 8.43  ? 71  PHE L CG  1 
ATOM   524  C CD1 . PHE A 1 71  ? -12.312 -4.382  10.823  1.00 12.55 ? 71  PHE L CD1 1 
ATOM   525  C CD2 . PHE A 1 71  ? -10.716 -3.042  11.999  1.00 8.45  ? 71  PHE L CD2 1 
ATOM   526  C CE1 . PHE A 1 71  ? -11.713 -5.542  11.302  1.00 8.66  ? 71  PHE L CE1 1 
ATOM   527  C CE2 . PHE A 1 71  ? -10.110 -4.193  12.484  1.00 20.21 ? 71  PHE L CE2 1 
ATOM   528  C CZ  . PHE A 1 71  ? -10.613 -5.448  12.136  1.00 18.33 ? 71  PHE L CZ  1 
ATOM   529  N N   . THR A 1 72  ? -14.027 0.726   11.333  1.00 12.85 ? 72  THR L N   1 
ATOM   530  C CA  . THR A 1 72  ? -14.575 2.024   10.972  1.00 17.90 ? 72  THR L CA  1 
ATOM   531  C C   . THR A 1 72  ? -13.588 3.173   11.105  1.00 13.50 ? 72  THR L C   1 
ATOM   532  O O   . THR A 1 72  ? -12.878 3.294   12.102  1.00 18.02 ? 72  THR L O   1 
ATOM   533  C CB  . THR A 1 72  ? -15.807 2.356   11.854  1.00 18.40 ? 72  THR L CB  1 
ATOM   534  O OG1 . THR A 1 72  ? -16.746 1.277   11.790  1.00 38.72 ? 72  THR L OG1 1 
ATOM   535  C CG2 . THR A 1 72  ? -16.484 3.617   11.375  1.00 22.70 ? 72  THR L CG2 1 
ATOM   536  N N   . LEU A 1 73  ? -13.549 4.010   10.078  1.00 10.07 ? 73  LEU L N   1 
ATOM   537  C CA  . LEU A 1 73  ? -12.694 5.187   10.083  1.00 14.94 ? 73  LEU L CA  1 
ATOM   538  C C   . LEU A 1 73  ? -13.666 6.344   10.294  1.00 10.38 ? 73  LEU L C   1 
ATOM   539  O O   . LEU A 1 73  ? -14.670 6.451   9.590   1.00 11.49 ? 73  LEU L O   1 
ATOM   540  C CB  . LEU A 1 73  ? -11.971 5.347   8.737   1.00 12.56 ? 73  LEU L CB  1 
ATOM   541  C CG  . LEU A 1 73  ? -10.739 6.264   8.672   1.00 5.90  ? 73  LEU L CG  1 
ATOM   542  C CD1 . LEU A 1 73  ? -10.240 6.368   7.244   1.00 15.22 ? 73  LEU L CD1 1 
ATOM   543  C CD2 . LEU A 1 73  ? -11.078 7.633   9.179   1.00 15.67 ? 73  LEU L CD2 1 
ATOM   544  N N   . THR A 1 74  ? -13.384 7.201   11.264  1.00 10.05 ? 74  THR L N   1 
ATOM   545  C CA  . THR A 1 74  ? -14.264 8.330   11.530  1.00 14.03 ? 74  THR L CA  1 
ATOM   546  C C   . THR A 1 74  ? -13.519 9.656   11.465  1.00 16.44 ? 74  THR L C   1 
ATOM   547  O O   . THR A 1 74  ? -12.378 9.762   11.913  1.00 14.99 ? 74  THR L O   1 
ATOM   548  C CB  . THR A 1 74  ? -14.885 8.225   12.928  1.00 14.30 ? 74  THR L CB  1 
ATOM   549  O OG1 . THR A 1 74  ? -15.422 6.909   13.120  1.00 20.38 ? 74  THR L OG1 1 
ATOM   550  C CG2 . THR A 1 74  ? -15.979 9.252   13.094  1.00 6.69  ? 74  THR L CG2 1 
ATOM   551  N N   . ILE A 1 75  ? -14.161 10.662  10.890  1.00 16.51 ? 75  ILE L N   1 
ATOM   552  C CA  . ILE A 1 75  ? -13.575 11.993  10.827  1.00 22.02 ? 75  ILE L CA  1 
ATOM   553  C C   . ILE A 1 75  ? -14.580 12.882  11.562  1.00 25.71 ? 75  ILE L C   1 
ATOM   554  O O   . ILE A 1 75  ? -15.781 12.824  11.289  1.00 23.72 ? 75  ILE L O   1 
ATOM   555  C CB  . ILE A 1 75  ? -13.378 12.465  9.370   1.00 27.74 ? 75  ILE L CB  1 
ATOM   556  C CG1 . ILE A 1 75  ? -12.000 13.097  9.219   1.00 15.41 ? 75  ILE L CG1 1 
ATOM   557  C CG2 . ILE A 1 75  ? -14.425 13.508  8.987   1.00 36.38 ? 75  ILE L CG2 1 
ATOM   558  C CD1 . ILE A 1 75  ? -11.700 13.510  7.816   1.00 26.19 ? 75  ILE L CD1 1 
ATOM   559  N N   . SER A 1 76  ? -14.097 13.676  12.512  1.00 32.49 ? 76  SER L N   1 
ATOM   560  C CA  . SER A 1 76  ? -14.973 14.544  13.296  1.00 32.02 ? 76  SER L CA  1 
ATOM   561  C C   . SER A 1 76  ? -15.471 15.744  12.519  1.00 27.37 ? 76  SER L C   1 
ATOM   562  O O   . SER A 1 76  ? -16.677 15.956  12.411  1.00 28.84 ? 76  SER L O   1 
ATOM   563  C CB  . SER A 1 76  ? -14.264 15.022  14.565  1.00 36.64 ? 76  SER L CB  1 
ATOM   564  O OG  . SER A 1 76  ? -14.144 13.967  15.506  1.00 51.47 ? 76  SER L OG  1 
ATOM   565  N N   . SER A 1 77  ? -14.550 16.535  11.985  1.00 13.76 ? 77  SER L N   1 
ATOM   566  C CA  . SER A 1 77  ? -14.950 17.701  11.227  1.00 10.16 ? 77  SER L CA  1 
ATOM   567  C C   . SER A 1 77  ? -14.139 17.739  9.943   1.00 10.71 ? 77  SER L C   1 
ATOM   568  O O   . SER A 1 77  ? -12.946 18.041  9.947   1.00 11.80 ? 77  SER L O   1 
ATOM   569  C CB  . SER A 1 77  ? -14.716 18.959  12.055  1.00 16.76 ? 77  SER L CB  1 
ATOM   570  O OG  . SER A 1 77  ? -15.592 19.995  11.651  1.00 32.77 ? 77  SER L OG  1 
ATOM   571  N N   . LEU A 1 78  ? -14.797 17.431  8.836   1.00 6.41  ? 78  LEU L N   1 
ATOM   572  C CA  . LEU A 1 78  ? -14.128 17.394  7.553   1.00 11.88 ? 78  LEU L CA  1 
ATOM   573  C C   . LEU A 1 78  ? -13.470 18.738  7.190   1.00 15.27 ? 78  LEU L C   1 
ATOM   574  O O   . LEU A 1 78  ? -14.136 19.775  7.159   1.00 22.07 ? 78  LEU L O   1 
ATOM   575  C CB  . LEU A 1 78  ? -15.141 16.953  6.487   1.00 14.12 ? 78  LEU L CB  1 
ATOM   576  C CG  . LEU A 1 78  ? -14.647 16.154  5.272   1.00 9.58  ? 78  LEU L CG  1 
ATOM   577  C CD1 . LEU A 1 78  ? -13.845 17.048  4.358   1.00 19.11 ? 78  LEU L CD1 1 
ATOM   578  C CD2 . LEU A 1 78  ? -13.803 14.982  5.737   1.00 5.69  ? 78  LEU L CD2 1 
ATOM   579  N N   . GLN A 1 79  ? -12.160 18.716  6.931   1.00 14.79 ? 79  GLN L N   1 
ATOM   580  C CA  . GLN A 1 79  ? -11.414 19.926  6.564   1.00 16.81 ? 79  GLN L CA  1 
ATOM   581  C C   . GLN A 1 79  ? -11.126 20.019  5.068   1.00 17.81 ? 79  GLN L C   1 
ATOM   582  O O   . GLN A 1 79  ? -11.087 19.007  4.365   1.00 21.07 ? 79  GLN L O   1 
ATOM   583  C CB  . GLN A 1 79  ? -10.092 19.999  7.330   1.00 17.62 ? 79  GLN L CB  1 
ATOM   584  C CG  . GLN A 1 79  ? -10.262 20.353  8.786   1.00 21.50 ? 79  GLN L CG  1 
ATOM   585  C CD  . GLN A 1 79  ? -10.947 21.688  8.955   1.00 24.80 ? 79  GLN L CD  1 
ATOM   586  O OE1 . GLN A 1 79  ? -10.336 22.747  8.770   1.00 21.82 ? 79  GLN L OE1 1 
ATOM   587  N NE2 . GLN A 1 79  ? -12.231 21.649  9.283   1.00 15.43 ? 79  GLN L NE2 1 
ATOM   588  N N   . PRO A 1 80  ? -10.899 21.242  4.566   1.00 27.59 ? 80  PRO L N   1 
ATOM   589  C CA  . PRO A 1 80  ? -10.615 21.486  3.148   1.00 31.60 ? 80  PRO L CA  1 
ATOM   590  C C   . PRO A 1 80  ? -9.501  20.628  2.550   1.00 32.24 ? 80  PRO L C   1 
ATOM   591  O O   . PRO A 1 80  ? -9.437  20.453  1.332   1.00 35.67 ? 80  PRO L O   1 
ATOM   592  C CB  . PRO A 1 80  ? -10.269 22.975  3.117   1.00 32.87 ? 80  PRO L CB  1 
ATOM   593  C CG  . PRO A 1 80  ? -11.108 23.530  4.232   1.00 32.12 ? 80  PRO L CG  1 
ATOM   594  C CD  . PRO A 1 80  ? -10.897 22.507  5.323   1.00 23.84 ? 80  PRO L CD  1 
ATOM   595  N N   . GLU A 1 81  ? -8.633  20.090  3.403   1.00 27.77 ? 81  GLU L N   1 
ATOM   596  C CA  . GLU A 1 81  ? -7.525  19.271  2.921   1.00 30.84 ? 81  GLU L CA  1 
ATOM   597  C C   . GLU A 1 81  ? -7.775  17.781  3.072   1.00 28.75 ? 81  GLU L C   1 
ATOM   598  O O   . GLU A 1 81  ? -6.942  16.966  2.691   1.00 34.41 ? 81  GLU L O   1 
ATOM   599  C CB  . GLU A 1 81  ? -6.231  19.622  3.664   1.00 35.60 ? 81  GLU L CB  1 
ATOM   600  C CG  . GLU A 1 81  ? -6.168  21.026  4.243   1.00 51.46 ? 81  GLU L CG  1 
ATOM   601  C CD  . GLU A 1 81  ? -6.813  21.120  5.617   1.00 60.82 ? 81  GLU L CD  1 
ATOM   602  O OE1 . GLU A 1 81  ? -6.480  20.286  6.490   1.00 61.95 ? 81  GLU L OE1 1 
ATOM   603  O OE2 . GLU A 1 81  ? -7.642  22.033  5.828   1.00 65.27 ? 81  GLU L OE2 1 
ATOM   604  N N   . ASP A 1 82  ? -8.926  17.419  3.620   1.00 25.27 ? 82  ASP L N   1 
ATOM   605  C CA  . ASP A 1 82  ? -9.240  16.016  3.832   1.00 20.15 ? 82  ASP L CA  1 
ATOM   606  C C   . ASP A 1 82  ? -9.890  15.316  2.652   1.00 21.39 ? 82  ASP L C   1 
ATOM   607  O O   . ASP A 1 82  ? -10.233 14.136  2.736   1.00 18.33 ? 82  ASP L O   1 
ATOM   608  C CB  . ASP A 1 82  ? -10.114 15.879  5.073   1.00 17.18 ? 82  ASP L CB  1 
ATOM   609  C CG  . ASP A 1 82  ? -9.381  16.270  6.329   1.00 11.05 ? 82  ASP L CG  1 
ATOM   610  O OD1 . ASP A 1 82  ? -10.053 16.519  7.345   1.00 27.88 ? 82  ASP L OD1 1 
ATOM   611  O OD2 . ASP A 1 82  ? -8.129  16.328  6.304   1.00 19.08 ? 82  ASP L OD2 1 
ATOM   612  N N   . PHE A 1 83  ? -10.059 16.037  1.551   1.00 24.44 ? 83  PHE L N   1 
ATOM   613  C CA  . PHE A 1 83  ? -10.653 15.446  0.368   1.00 22.71 ? 83  PHE L CA  1 
ATOM   614  C C   . PHE A 1 83  ? -9.618  14.625  -0.397  1.00 24.55 ? 83  PHE L C   1 
ATOM   615  O O   . PHE A 1 83  ? -8.614  15.144  -0.895  1.00 22.71 ? 83  PHE L O   1 
ATOM   616  C CB  . PHE A 1 83  ? -11.256 16.530  -0.517  1.00 23.51 ? 83  PHE L CB  1 
ATOM   617  C CG  . PHE A 1 83  ? -12.393 17.269  0.128   1.00 25.50 ? 83  PHE L CG  1 
ATOM   618  C CD1 . PHE A 1 83  ? -12.168 18.450  0.830   1.00 27.25 ? 83  PHE L CD1 1 
ATOM   619  C CD2 . PHE A 1 83  ? -13.692 16.774  0.047   1.00 20.41 ? 83  PHE L CD2 1 
ATOM   620  C CE1 . PHE A 1 83  ? -13.226 19.129  1.444   1.00 27.00 ? 83  PHE L CE1 1 
ATOM   621  C CE2 . PHE A 1 83  ? -14.755 17.443  0.658   1.00 25.69 ? 83  PHE L CE2 1 
ATOM   622  C CZ  . PHE A 1 83  ? -14.521 18.625  1.357   1.00 23.53 ? 83  PHE L CZ  1 
ATOM   623  N N   . ALA A 1 84  ? -9.874  13.322  -0.459  1.00 18.26 ? 84  ALA L N   1 
ATOM   624  C CA  . ALA A 1 84  ? -9.006  12.376  -1.139  1.00 16.93 ? 84  ALA L CA  1 
ATOM   625  C C   . ALA A 1 84  ? -9.658  11.006  -0.997  1.00 17.12 ? 84  ALA L C   1 
ATOM   626  O O   . ALA A 1 84  ? -10.759 10.901  -0.459  1.00 18.37 ? 84  ALA L O   1 
ATOM   627  C CB  . ALA A 1 84  ? -7.622  12.375  -0.500  1.00 19.59 ? 84  ALA L CB  1 
ATOM   628  N N   . THR A 1 85  ? -9.001  9.958   -1.479  1.00 14.14 ? 85  THR L N   1 
ATOM   629  C CA  . THR A 1 85  ? -9.590  8.635   -1.358  1.00 13.63 ? 85  THR L CA  1 
ATOM   630  C C   . THR A 1 85  ? -8.948  7.933   -0.162  1.00 12.63 ? 85  THR L C   1 
ATOM   631  O O   . THR A 1 85  ? -7.761  8.108   0.106   1.00 11.05 ? 85  THR L O   1 
ATOM   632  C CB  . THR A 1 85  ? -9.396  7.803   -2.656  1.00 13.48 ? 85  THR L CB  1 
ATOM   633  O OG1 . THR A 1 85  ? -8.143  7.117   -2.616  1.00 20.92 ? 85  THR L OG1 1 
ATOM   634  C CG2 . THR A 1 85  ? -9.424  8.709   -3.874  1.00 12.79 ? 85  THR L CG2 1 
ATOM   635  N N   . TYR A 1 86  ? -9.745  7.161   0.569   1.00 5.99  ? 86  TYR L N   1 
ATOM   636  C CA  . TYR A 1 86  ? -9.249  6.455   1.741   1.00 12.39 ? 86  TYR L CA  1 
ATOM   637  C C   . TYR A 1 86  ? -9.299  4.949   1.537   1.00 15.14 ? 86  TYR L C   1 
ATOM   638  O O   . TYR A 1 86  ? -10.273 4.425   0.992   1.00 20.07 ? 86  TYR L O   1 
ATOM   639  C CB  . TYR A 1 86  ? -10.066 6.842   2.980   1.00 10.24 ? 86  TYR L CB  1 
ATOM   640  C CG  . TYR A 1 86  ? -9.881  8.281   3.394   1.00 9.01  ? 86  TYR L CG  1 
ATOM   641  C CD1 . TYR A 1 86  ? -10.425 9.330   2.638   1.00 15.12 ? 86  TYR L CD1 1 
ATOM   642  C CD2 . TYR A 1 86  ? -9.115  8.600   4.506   1.00 3.25  ? 86  TYR L CD2 1 
ATOM   643  C CE1 . TYR A 1 86  ? -10.203 10.666  2.987   1.00 5.94  ? 86  TYR L CE1 1 
ATOM   644  C CE2 . TYR A 1 86  ? -8.881  9.933   4.866   1.00 5.61  ? 86  TYR L CE2 1 
ATOM   645  C CZ  . TYR A 1 86  ? -9.427  10.958  4.106   1.00 17.00 ? 86  TYR L CZ  1 
ATOM   646  O OH  . TYR A 1 86  ? -9.200  12.267  4.476   1.00 19.23 ? 86  TYR L OH  1 
ATOM   647  N N   . TYR A 1 87  ? -8.248  4.265   1.991   1.00 9.90  ? 87  TYR L N   1 
ATOM   648  C CA  . TYR A 1 87  ? -8.132  2.815   1.858   1.00 8.00  ? 87  TYR L CA  1 
ATOM   649  C C   . TYR A 1 87  ? -7.867  2.116   3.180   1.00 12.25 ? 87  TYR L C   1 
ATOM   650  O O   . TYR A 1 87  ? -7.147  2.643   4.030   1.00 16.15 ? 87  TYR L O   1 
ATOM   651  C CB  . TYR A 1 87  ? -6.969  2.463   0.941   1.00 3.25  ? 87  TYR L CB  1 
ATOM   652  C CG  . TYR A 1 87  ? -7.146  2.838   -0.501  1.00 3.25  ? 87  TYR L CG  1 
ATOM   653  C CD1 . TYR A 1 87  ? -7.986  2.107   -1.333  1.00 3.25  ? 87  TYR L CD1 1 
ATOM   654  C CD2 . TYR A 1 87  ? -6.438  3.904   -1.052  1.00 3.25  ? 87  TYR L CD2 1 
ATOM   655  C CE1 . TYR A 1 87  ? -8.118  2.427   -2.680  1.00 13.00 ? 87  TYR L CE1 1 
ATOM   656  C CE2 . TYR A 1 87  ? -6.565  4.230   -2.395  1.00 3.25  ? 87  TYR L CE2 1 
ATOM   657  C CZ  . TYR A 1 87  ? -7.400  3.489   -3.202  1.00 5.74  ? 87  TYR L CZ  1 
ATOM   658  O OH  . TYR A 1 87  ? -7.520  3.807   -4.535  1.00 20.29 ? 87  TYR L OH  1 
ATOM   659  N N   . CYS A 1 88  ? -8.435  0.927   3.351   1.00 8.54  ? 88  CYS L N   1 
ATOM   660  C CA  . CYS A 1 88  ? -8.178  0.151   4.555   1.00 8.14  ? 88  CYS L CA  1 
ATOM   661  C C   . CYS A 1 88  ? -7.274  -1.014  4.123   1.00 10.00 ? 88  CYS L C   1 
ATOM   662  O O   . CYS A 1 88  ? -7.438  -1.560  3.031   1.00 10.43 ? 88  CYS L O   1 
ATOM   663  C CB  . CYS A 1 88  ? -9.480  -0.363  5.188   1.00 5.41  ? 88  CYS L CB  1 
ATOM   664  S SG  . CYS A 1 88  ? -10.398 -1.664  4.306   1.00 11.29 ? 88  CYS L SG  1 
ATOM   665  N N   . LEU A 1 89  ? -6.304  -1.370  4.961   1.00 8.77  ? 89  LEU L N   1 
ATOM   666  C CA  . LEU A 1 89  ? -5.377  -2.447  4.639   1.00 4.23  ? 89  LEU L CA  1 
ATOM   667  C C   . LEU A 1 89  ? -5.412  -3.573  5.653   1.00 8.23  ? 89  LEU L C   1 
ATOM   668  O O   . LEU A 1 89  ? -5.322  -3.332  6.855   1.00 12.45 ? 89  LEU L O   1 
ATOM   669  C CB  . LEU A 1 89  ? -3.939  -1.917  4.549   1.00 7.08  ? 89  LEU L CB  1 
ATOM   670  C CG  . LEU A 1 89  ? -2.820  -2.965  4.381   1.00 9.42  ? 89  LEU L CG  1 
ATOM   671  C CD1 . LEU A 1 89  ? -2.929  -3.605  3.009   1.00 16.02 ? 89  LEU L CD1 1 
ATOM   672  C CD2 . LEU A 1 89  ? -1.447  -2.314  4.542   1.00 10.82 ? 89  LEU L CD2 1 
ATOM   673  N N   . GLN A 1 90  ? -5.529  -4.803  5.152   1.00 10.93 ? 90  GLN L N   1 
ATOM   674  C CA  . GLN A 1 90  ? -5.554  -5.997  5.984   1.00 4.26  ? 90  GLN L CA  1 
ATOM   675  C C   . GLN A 1 90  ? -4.125  -6.506  6.128   1.00 9.99  ? 90  GLN L C   1 
ATOM   676  O O   . GLN A 1 90  ? -3.507  -6.909  5.146   1.00 12.35 ? 90  GLN L O   1 
ATOM   677  C CB  . GLN A 1 90  ? -6.435  -7.060  5.333   1.00 7.38  ? 90  GLN L CB  1 
ATOM   678  C CG  . GLN A 1 90  ? -6.465  -8.403  6.046   1.00 14.58 ? 90  GLN L CG  1 
ATOM   679  C CD  . GLN A 1 90  ? -5.351  -9.323  5.598   1.00 7.51  ? 90  GLN L CD  1 
ATOM   680  O OE1 . GLN A 1 90  ? -4.643  -9.894  6.415   1.00 9.35  ? 90  GLN L OE1 1 
ATOM   681  N NE2 . GLN A 1 90  ? -5.195  -9.471  4.290   1.00 13.17 ? 90  GLN L NE2 1 
ATOM   682  N N   . GLN A 1 91  ? -3.603  -6.479  7.352   1.00 13.16 ? 91  GLN L N   1 
ATOM   683  C CA  . GLN A 1 91  ? -2.236  -6.918  7.612   1.00 15.34 ? 91  GLN L CA  1 
ATOM   684  C C   . GLN A 1 91  ? -2.121  -8.172  8.470   1.00 13.14 ? 91  GLN L C   1 
ATOM   685  O O   . GLN A 1 91  ? -1.064  -8.396  9.069   1.00 15.22 ? 91  GLN L O   1 
ATOM   686  C CB  . GLN A 1 91  ? -1.428  -5.803  8.291   1.00 19.55 ? 91  GLN L CB  1 
ATOM   687  C CG  . GLN A 1 91  ? -1.392  -4.487  7.533   1.00 26.13 ? 91  GLN L CG  1 
ATOM   688  C CD  . GLN A 1 91  ? -0.477  -3.456  8.181   1.00 26.46 ? 91  GLN L CD  1 
ATOM   689  O OE1 . GLN A 1 91  ? -0.900  -2.340  8.493   1.00 30.45 ? 91  GLN L OE1 1 
ATOM   690  N NE2 . GLN A 1 91  ? 0.786   -3.824  8.375   1.00 25.22 ? 91  GLN L NE2 1 
ATOM   691  N N   . ASN A 1 92  ? -3.180  -8.981  8.541   1.00 8.96  ? 92  ASN L N   1 
ATOM   692  C CA  . ASN A 1 92  ? -3.117  -10.208 9.336   1.00 4.82  ? 92  ASN L CA  1 
ATOM   693  C C   . ASN A 1 92  ? -2.345  -11.300 8.588   1.00 3.90  ? 92  ASN L C   1 
ATOM   694  O O   . ASN A 1 92  ? -1.570  -12.042 9.187   1.00 12.87 ? 92  ASN L O   1 
ATOM   695  C CB  . ASN A 1 92  ? -4.512  -10.724 9.694   1.00 3.25  ? 92  ASN L CB  1 
ATOM   696  C CG  . ASN A 1 92  ? -4.466  -11.819 10.757  1.00 5.77  ? 92  ASN L CG  1 
ATOM   697  O OD1 . ASN A 1 92  ? -4.168  -11.557 11.922  1.00 6.55  ? 92  ASN L OD1 1 
ATOM   698  N ND2 . ASN A 1 92  ? -4.738  -13.051 10.352  1.00 7.53  ? 92  ASN L ND2 1 
ATOM   699  N N   . SER A 1 93  ? -2.560  -11.386 7.280   1.00 3.25  ? 93  SER L N   1 
ATOM   700  C CA  . SER A 1 93  ? -1.876  -12.357 6.425   1.00 5.60  ? 93  SER L CA  1 
ATOM   701  C C   . SER A 1 93  ? -1.472  -11.617 5.148   1.00 6.74  ? 93  SER L C   1 
ATOM   702  O O   . SER A 1 93  ? -1.217  -10.417 5.198   1.00 7.93  ? 93  SER L O   1 
ATOM   703  C CB  . SER A 1 93  ? -2.803  -13.530 6.096   1.00 3.25  ? 93  SER L CB  1 
ATOM   704  O OG  . SER A 1 93  ? -2.112  -14.549 5.396   1.00 17.16 ? 93  SER L OG  1 
ATOM   705  N N   . ASN A 1 94  ? -1.423  -12.310 4.008   1.00 17.29 ? 94  ASN L N   1 
ATOM   706  C CA  . ASN A 1 94  ? -1.039  -11.665 2.739   1.00 13.88 ? 94  ASN L CA  1 
ATOM   707  C C   . ASN A 1 94  ? -1.810  -10.364 2.541   1.00 11.29 ? 94  ASN L C   1 
ATOM   708  O O   . ASN A 1 94  ? -3.042  -10.348 2.578   1.00 12.52 ? 94  ASN L O   1 
ATOM   709  C CB  . ASN A 1 94  ? -1.292  -12.596 1.551   1.00 15.54 ? 94  ASN L CB  1 
ATOM   710  C CG  . ASN A 1 94  ? -0.445  -13.852 1.604   1.00 19.22 ? 94  ASN L CG  1 
ATOM   711  O OD1 . ASN A 1 94  ? -0.736  -14.779 2.362   1.00 19.28 ? 94  ASN L OD1 1 
ATOM   712  N ND2 . ASN A 1 94  ? 0.618   -13.887 0.802   1.00 14.82 ? 94  ASN L ND2 1 
ATOM   713  N N   . TRP A 1 95  ? -1.081  -9.277  2.323   1.00 9.41  ? 95  TRP L N   1 
ATOM   714  C CA  . TRP A 1 95  ? -1.694  -7.964  2.157   1.00 15.80 ? 95  TRP L CA  1 
ATOM   715  C C   . TRP A 1 95  ? -2.860  -7.883  1.182   1.00 19.59 ? 95  TRP L C   1 
ATOM   716  O O   . TRP A 1 95  ? -2.748  -8.269  0.016   1.00 25.14 ? 95  TRP L O   1 
ATOM   717  C CB  . TRP A 1 95  ? -0.638  -6.938  1.752   1.00 11.89 ? 95  TRP L CB  1 
ATOM   718  C CG  . TRP A 1 95  ? 0.252   -6.516  2.870   1.00 11.70 ? 95  TRP L CG  1 
ATOM   719  C CD1 . TRP A 1 95  ? 0.422   -7.147  4.070   1.00 11.07 ? 95  TRP L CD1 1 
ATOM   720  C CD2 . TRP A 1 95  ? 1.133   -5.388  2.880   1.00 11.98 ? 95  TRP L CD2 1 
ATOM   721  N NE1 . TRP A 1 95  ? 1.358   -6.483  4.825   1.00 11.34 ? 95  TRP L NE1 1 
ATOM   722  C CE2 . TRP A 1 95  ? 1.809   -5.398  4.118   1.00 12.02 ? 95  TRP L CE2 1 
ATOM   723  C CE3 . TRP A 1 95  ? 1.418   -4.370  1.960   1.00 9.21  ? 95  TRP L CE3 1 
ATOM   724  C CZ2 . TRP A 1 95  ? 2.756   -4.430  4.461   1.00 7.76  ? 95  TRP L CZ2 1 
ATOM   725  C CZ3 . TRP A 1 95  ? 2.360   -3.407  2.301   1.00 8.82  ? 95  TRP L CZ3 1 
ATOM   726  C CH2 . TRP A 1 95  ? 3.016   -3.446  3.542   1.00 12.44 ? 95  TRP L CH2 1 
ATOM   727  N N   . THR A 1 96  ? -3.976  -7.354  1.676   1.00 14.50 ? 96  THR L N   1 
ATOM   728  C CA  . THR A 1 96  ? -5.184  -7.191  0.887   1.00 14.94 ? 96  THR L CA  1 
ATOM   729  C C   . THR A 1 96  ? -5.789  -5.843  1.231   1.00 16.41 ? 96  THR L C   1 
ATOM   730  O O   . THR A 1 96  ? -5.752  -5.420  2.386   1.00 18.44 ? 96  THR L O   1 
ATOM   731  C CB  . THR A 1 96  ? -6.208  -8.280  1.203   1.00 13.66 ? 96  THR L CB  1 
ATOM   732  O OG1 . THR A 1 96  ? -5.616  -9.564  0.982   1.00 23.50 ? 96  THR L OG1 1 
ATOM   733  C CG2 . THR A 1 96  ? -7.430  -8.125  0.310   1.00 29.04 ? 96  THR L CG2 1 
ATOM   734  N N   . PHE A 1 97  ? -6.353  -5.173  0.234   1.00 14.84 ? 97  PHE L N   1 
ATOM   735  C CA  . PHE A 1 97  ? -6.935  -3.862  0.447   1.00 12.07 ? 97  PHE L CA  1 
ATOM   736  C C   . PHE A 1 97  ? -8.445  -3.826  0.283   1.00 13.18 ? 97  PHE L C   1 
ATOM   737  O O   . PHE A 1 97  ? -9.076  -4.840  -0.005  1.00 12.80 ? 97  PHE L O   1 
ATOM   738  C CB  . PHE A 1 97  ? -6.315  -2.856  -0.524  1.00 10.91 ? 97  PHE L CB  1 
ATOM   739  C CG  . PHE A 1 97  ? -4.858  -2.582  -0.279  1.00 13.19 ? 97  PHE L CG  1 
ATOM   740  C CD1 . PHE A 1 97  ? -3.892  -3.504  -0.646  1.00 12.90 ? 97  PHE L CD1 1 
ATOM   741  C CD2 . PHE A 1 97  ? -4.450  -1.380  0.294   1.00 18.93 ? 97  PHE L CD2 1 
ATOM   742  C CE1 . PHE A 1 97  ? -2.538  -3.233  -0.451  1.00 13.39 ? 97  PHE L CE1 1 
ATOM   743  C CE2 . PHE A 1 97  ? -3.094  -1.103  0.494   1.00 18.50 ? 97  PHE L CE2 1 
ATOM   744  C CZ  . PHE A 1 97  ? -2.140  -2.033  0.117   1.00 9.35  ? 97  PHE L CZ  1 
ATOM   745  N N   . GLY A 1 98  ? -9.008  -2.637  0.499   1.00 10.13 ? 98  GLY L N   1 
ATOM   746  C CA  . GLY A 1 98  ? -10.430 -2.416  0.327   1.00 8.27  ? 98  GLY L CA  1 
ATOM   747  C C   . GLY A 1 98  ? -10.548 -1.672  -0.990  1.00 6.02  ? 98  GLY L C   1 
ATOM   748  O O   . GLY A 1 98  ? -9.568  -1.072  -1.435  1.00 10.41 ? 98  GLY L O   1 
ATOM   749  N N   . GLN A 1 99  ? -11.719 -1.689  -1.620  1.00 7.22  ? 99  GLN L N   1 
ATOM   750  C CA  . GLN A 1 99  ? -11.889 -1.020  -2.913  1.00 7.29  ? 99  GLN L CA  1 
ATOM   751  C C   . GLN A 1 99  ? -11.627 0.485   -2.898  1.00 4.70  ? 99  GLN L C   1 
ATOM   752  O O   . GLN A 1 99  ? -11.232 1.060   -3.918  1.00 3.25  ? 99  GLN L O   1 
ATOM   753  C CB  . GLN A 1 99  ? -13.283 -1.283  -3.480  1.00 15.42 ? 99  GLN L CB  1 
ATOM   754  C CG  . GLN A 1 99  ? -13.649 -2.756  -3.632  1.00 29.72 ? 99  GLN L CG  1 
ATOM   755  C CD  . GLN A 1 99  ? -14.225 -3.352  -2.357  1.00 35.45 ? 99  GLN L CD  1 
ATOM   756  O OE1 . GLN A 1 99  ? -13.496 -3.817  -1.473  1.00 25.88 ? 99  GLN L OE1 1 
ATOM   757  N NE2 . GLN A 1 99  ? -15.550 -3.327  -2.252  1.00 43.10 ? 99  GLN L NE2 1 
ATOM   758  N N   . GLY A 1 100 ? -11.859 1.123   -1.755  1.00 3.25  ? 100 GLY L N   1 
ATOM   759  C CA  . GLY A 1 100 ? -11.613 2.548   -1.658  1.00 9.28  ? 100 GLY L CA  1 
ATOM   760  C C   . GLY A 1 100 ? -12.836 3.431   -1.522  1.00 11.34 ? 100 GLY L C   1 
ATOM   761  O O   . GLY A 1 100 ? -13.911 3.124   -2.036  1.00 18.20 ? 100 GLY L O   1 
ATOM   762  N N   . THR A 1 101 ? -12.656 4.543   -0.820  1.00 11.61 ? 101 THR L N   1 
ATOM   763  C CA  . THR A 1 101 ? -13.726 5.504   -0.601  1.00 6.51  ? 101 THR L CA  1 
ATOM   764  C C   . THR A 1 101 ? -13.206 6.897   -0.926  1.00 4.78  ? 101 THR L C   1 
ATOM   765  O O   . THR A 1 101 ? -12.298 7.398   -0.266  1.00 3.25  ? 101 THR L O   1 
ATOM   766  C CB  . THR A 1 101 ? -14.199 5.481   0.867   1.00 4.37  ? 101 THR L CB  1 
ATOM   767  O OG1 . THR A 1 101 ? -14.793 4.209   1.157   1.00 8.42  ? 101 THR L OG1 1 
ATOM   768  C CG2 . THR A 1 101 ? -15.209 6.582   1.127   1.00 3.25  ? 101 THR L CG2 1 
ATOM   769  N N   . LYS A 1 102 ? -13.756 7.520   -1.957  1.00 3.25  ? 102 LYS L N   1 
ATOM   770  C CA  . LYS A 1 102 ? -13.309 8.860   -2.282  1.00 11.58 ? 102 LYS L CA  1 
ATOM   771  C C   . LYS A 1 102 ? -14.337 9.861   -1.780  1.00 10.32 ? 102 LYS L C   1 
ATOM   772  O O   . LYS A 1 102 ? -15.522 9.768   -2.086  1.00 12.28 ? 102 LYS L O   1 
ATOM   773  C CB  . LYS A 1 102 ? -13.089 9.035   -3.785  1.00 14.46 ? 102 LYS L CB  1 
ATOM   774  C CG  . LYS A 1 102 ? -14.345 9.110   -4.615  1.00 27.24 ? 102 LYS L CG  1 
ATOM   775  C CD  . LYS A 1 102 ? -14.057 9.751   -5.968  1.00 44.72 ? 102 LYS L CD  1 
ATOM   776  C CE  . LYS A 1 102 ? -13.523 11.175  -5.813  1.00 43.69 ? 102 LYS L CE  1 
ATOM   777  N NZ  . LYS A 1 102 ? -13.367 11.889  -7.117  1.00 47.31 ? 102 LYS L NZ  1 
ATOM   778  N N   . VAL A 1 103 ? -13.875 10.806  -0.978  1.00 16.39 ? 103 VAL L N   1 
ATOM   779  C CA  . VAL A 1 103 ? -14.759 11.823  -0.440  1.00 21.22 ? 103 VAL L CA  1 
ATOM   780  C C   . VAL A 1 103 ? -14.537 13.115  -1.223  1.00 17.81 ? 103 VAL L C   1 
ATOM   781  O O   . VAL A 1 103 ? -13.431 13.655  -1.231  1.00 10.43 ? 103 VAL L O   1 
ATOM   782  C CB  . VAL A 1 103 ? -14.483 12.041  1.073   1.00 25.98 ? 103 VAL L CB  1 
ATOM   783  C CG1 . VAL A 1 103 ? -14.716 10.737  1.829   1.00 18.75 ? 103 VAL L CG1 1 
ATOM   784  C CG2 . VAL A 1 103 ? -13.056 12.514  1.290   1.00 34.39 ? 103 VAL L CG2 1 
ATOM   785  N N   . ASP A 1 104 ? -15.576 13.592  -1.908  1.00 21.95 ? 104 ASP L N   1 
ATOM   786  C CA  . ASP A 1 104 ? -15.441 14.817  -2.689  1.00 33.07 ? 104 ASP L CA  1 
ATOM   787  C C   . ASP A 1 104 ? -16.455 15.921  -2.391  1.00 32.08 ? 104 ASP L C   1 
ATOM   788  O O   . ASP A 1 104 ? -17.558 15.669  -1.898  1.00 29.38 ? 104 ASP L O   1 
ATOM   789  C CB  . ASP A 1 104 ? -15.424 14.513  -4.203  1.00 45.30 ? 104 ASP L CB  1 
ATOM   790  C CG  . ASP A 1 104 ? -16.645 13.739  -4.674  1.00 56.00 ? 104 ASP L CG  1 
ATOM   791  O OD1 . ASP A 1 104 ? -16.923 13.757  -5.896  1.00 54.57 ? 104 ASP L OD1 1 
ATOM   792  O OD2 . ASP A 1 104 ? -17.317 13.103  -3.835  1.00 64.21 ? 104 ASP L OD2 1 
ATOM   793  N N   . ILE A 1 105 ? -16.035 17.147  -2.697  1.00 32.96 ? 105 ILE L N   1 
ATOM   794  C CA  . ILE A 1 105 ? -16.808 18.372  -2.501  1.00 37.58 ? 105 ILE L CA  1 
ATOM   795  C C   . ILE A 1 105 ? -18.297 18.288  -2.834  1.00 41.32 ? 105 ILE L C   1 
ATOM   796  O O   . ILE A 1 105 ? -18.689 17.745  -3.871  1.00 41.35 ? 105 ILE L O   1 
ATOM   797  C CB  . ILE A 1 105 ? -16.195 19.519  -3.336  1.00 39.98 ? 105 ILE L CB  1 
ATOM   798  C CG1 . ILE A 1 105 ? -14.777 19.819  -2.845  1.00 39.64 ? 105 ILE L CG1 1 
ATOM   799  C CG2 . ILE A 1 105 ? -17.072 20.761  -3.259  1.00 43.24 ? 105 ILE L CG2 1 
ATOM   800  C CD1 . ILE A 1 105 ? -14.725 20.407  -1.461  1.00 44.74 ? 105 ILE L CD1 1 
ATOM   801  N N   . LYS A 1 106 ? -19.119 18.848  -1.951  1.00 45.74 ? 106 LYS L N   1 
ATOM   802  C CA  . LYS A 1 106 ? -20.566 18.875  -2.139  1.00 45.27 ? 106 LYS L CA  1 
ATOM   803  C C   . LYS A 1 106 ? -20.904 19.970  -3.156  1.00 48.14 ? 106 LYS L C   1 
ATOM   804  O O   . LYS A 1 106 ? -20.483 21.132  -2.941  1.00 41.86 ? 106 LYS L O   1 
ATOM   805  C CB  . LYS A 1 106 ? -21.255 19.159  -0.799  1.00 47.07 ? 106 LYS L CB  1 
ATOM   806  C CG  . LYS A 1 106 ? -22.753 19.414  -0.880  1.00 51.72 ? 106 LYS L CG  1 
ATOM   807  C CD  . LYS A 1 106 ? -23.522 18.180  -1.309  1.00 58.82 ? 106 LYS L CD  1 
ATOM   808  C CE  . LYS A 1 106 ? -25.002 18.500  -1.491  1.00 62.56 ? 106 LYS L CE  1 
ATOM   809  N NZ  . LYS A 1 106 ? -25.793 17.321  -1.946  1.00 58.80 ? 106 LYS L NZ  1 
ATOM   810  O OXT . LYS A 1 106 ? -21.575 19.651  -4.165  1.00 44.85 ? 106 LYS L OXT 1 
HETATM 811  N N   . PCA B 2 1   ? 16.581  10.936  7.834   1.00 15.72 ? 1   PCA H N   1 
HETATM 812  C CA  . PCA B 2 1   ? 15.185  10.477  7.805   1.00 14.10 ? 1   PCA H CA  1 
HETATM 813  C CB  . PCA B 2 1   ? 14.431  11.768  7.453   1.00 18.61 ? 1   PCA H CB  1 
HETATM 814  C CG  . PCA B 2 1   ? 15.472  12.551  6.604   1.00 31.06 ? 1   PCA H CG  1 
HETATM 815  C CD  . PCA B 2 1   ? 16.788  12.101  7.220   1.00 34.70 ? 1   PCA H CD  1 
HETATM 816  O OE  . PCA B 2 1   ? 17.864  12.671  7.088   1.00 36.62 ? 1   PCA H OE  1 
HETATM 817  C C   . PCA B 2 1   ? 14.992  9.368   6.737   1.00 22.94 ? 1   PCA H C   1 
HETATM 818  O O   . PCA B 2 1   ? 15.758  9.248   5.767   1.00 27.38 ? 1   PCA H O   1 
ATOM   819  N N   . VAL B 2 2   ? 14.008  8.518   6.979   1.00 29.91 ? 2   VAL H N   1 
ATOM   820  C CA  . VAL B 2 2   ? 13.678  7.423   6.073   1.00 24.03 ? 2   VAL H CA  1 
ATOM   821  C C   . VAL B 2 2   ? 13.222  8.021   4.759   1.00 24.20 ? 2   VAL H C   1 
ATOM   822  O O   . VAL B 2 2   ? 12.461  9.000   4.709   1.00 25.51 ? 2   VAL H O   1 
ATOM   823  C CB  . VAL B 2 2   ? 12.584  6.582   6.668   1.00 22.66 ? 2   VAL H CB  1 
ATOM   824  C CG1 . VAL B 2 2   ? 12.482  5.335   5.893   1.00 12.28 ? 2   VAL H CG1 1 
ATOM   825  C CG2 . VAL B 2 2   ? 12.903  6.302   8.144   1.00 19.09 ? 2   VAL H CG2 1 
ATOM   826  N N   . GLN B 2 3   ? 13.792  7.469   3.696   1.00 20.00 ? 3   GLN H N   1 
ATOM   827  C CA  . GLN B 2 3   ? 13.503  7.886   2.336   1.00 18.02 ? 3   GLN H CA  1 
ATOM   828  C C   . GLN B 2 3   ? 13.672  6.713   1.370   1.00 16.85 ? 3   GLN H C   1 
ATOM   829  O O   . GLN B 2 3   ? 14.666  5.982   1.419   1.00 15.30 ? 3   GLN H O   1 
ATOM   830  C CB  . GLN B 2 3   ? 14.418  9.035   1.921   1.00 19.27 ? 3   GLN H CB  1 
ATOM   831  C CG  . GLN B 2 3   ? 14.330  9.348   0.449   1.00 26.58 ? 3   GLN H CG  1 
ATOM   832  C CD  . GLN B 2 3   ? 15.185  10.525  0.068   1.00 37.16 ? 3   GLN H CD  1 
ATOM   833  O OE1 . GLN B 2 3   ? 16.396  10.522  0.299   1.00 43.07 ? 3   GLN H OE1 1 
ATOM   834  N NE2 . GLN B 2 3   ? 14.566  11.549  -0.515  1.00 41.40 ? 3   GLN H NE2 1 
ATOM   835  N N   . LEU B 2 4   ? 12.681  6.542   0.497   1.00 17.25 ? 4   LEU H N   1 
ATOM   836  C CA  . LEU B 2 4   ? 12.675  5.471   -0.505  1.00 11.77 ? 4   LEU H CA  1 
ATOM   837  C C   . LEU B 2 4   ? 12.472  6.080   -1.893  1.00 7.39  ? 4   LEU H C   1 
ATOM   838  O O   . LEU B 2 4   ? 11.718  7.038   -2.047  1.00 6.91  ? 4   LEU H O   1 
ATOM   839  C CB  . LEU B 2 4   ? 11.550  4.468   -0.202  1.00 12.98 ? 4   LEU H CB  1 
ATOM   840  C CG  . LEU B 2 4   ? 11.588  3.771   1.170   1.00 12.76 ? 4   LEU H CG  1 
ATOM   841  C CD1 . LEU B 2 4   ? 10.280  3.044   1.425   1.00 3.25  ? 4   LEU H CD1 1 
ATOM   842  C CD2 . LEU B 2 4   ? 12.755  2.786   1.231   1.00 5.36  ? 4   LEU H CD2 1 
ATOM   843  N N   . VAL B 2 5   ? 13.153  5.538   -2.901  1.00 8.38  ? 5   VAL H N   1 
ATOM   844  C CA  . VAL B 2 5   ? 13.035  6.058   -4.265  1.00 8.81  ? 5   VAL H CA  1 
ATOM   845  C C   . VAL B 2 5   ? 13.029  4.962   -5.329  1.00 7.33  ? 5   VAL H C   1 
ATOM   846  O O   . VAL B 2 5   ? 13.968  4.173   -5.422  1.00 11.17 ? 5   VAL H O   1 
ATOM   847  C CB  . VAL B 2 5   ? 14.184  7.059   -4.586  1.00 7.92  ? 5   VAL H CB  1 
ATOM   848  C CG1 . VAL B 2 5   ? 14.097  7.515   -6.032  1.00 3.25  ? 5   VAL H CG1 1 
ATOM   849  C CG2 . VAL B 2 5   ? 14.089  8.263   -3.673  1.00 4.05  ? 5   VAL H CG2 1 
ATOM   850  N N   . GLU B 2 6   ? 11.968  4.923   -6.134  1.00 3.73  ? 6   GLU H N   1 
ATOM   851  C CA  . GLU B 2 6   ? 11.843  3.925   -7.197  1.00 5.68  ? 6   GLU H CA  1 
ATOM   852  C C   . GLU B 2 6   ? 12.330  4.473   -8.536  1.00 3.25  ? 6   GLU H C   1 
ATOM   853  O O   . GLU B 2 6   ? 12.285  5.671   -8.776  1.00 11.74 ? 6   GLU H O   1 
ATOM   854  C CB  . GLU B 2 6   ? 10.382  3.471   -7.355  1.00 3.25  ? 6   GLU H CB  1 
ATOM   855  C CG  . GLU B 2 6   ? 9.751   2.827   -6.118  1.00 6.37  ? 6   GLU H CG  1 
ATOM   856  C CD  . GLU B 2 6   ? 9.039   3.829   -5.209  1.00 14.10 ? 6   GLU H CD  1 
ATOM   857  O OE1 . GLU B 2 6   ? 8.213   3.385   -4.380  1.00 9.77  ? 6   GLU H OE1 1 
ATOM   858  O OE2 . GLU B 2 6   ? 9.303   5.052   -5.312  1.00 6.76  ? 6   GLU H OE2 1 
ATOM   859  N N   . SER B 2 7   ? 12.795  3.596   -9.413  1.00 3.79  ? 7   SER H N   1 
ATOM   860  C CA  . SER B 2 7   ? 13.260  4.039   -10.719 1.00 5.99  ? 7   SER H CA  1 
ATOM   861  C C   . SER B 2 7   ? 13.301  2.871   -11.683 1.00 9.87  ? 7   SER H C   1 
ATOM   862  O O   . SER B 2 7   ? 13.245  1.708   -11.265 1.00 7.25  ? 7   SER H O   1 
ATOM   863  C CB  . SER B 2 7   ? 14.652  4.656   -10.606 1.00 12.16 ? 7   SER H CB  1 
ATOM   864  O OG  . SER B 2 7   ? 15.583  3.697   -10.139 1.00 22.88 ? 7   SER H OG  1 
ATOM   865  N N   . GLY B 2 8   ? 13.386  3.183   -12.974 1.00 6.95  ? 8   GLY H N   1 
ATOM   866  C CA  . GLY B 2 8   ? 13.447  2.137   -13.978 1.00 15.07 ? 8   GLY H CA  1 
ATOM   867  C C   . GLY B 2 8   ? 12.156  1.911   -14.741 1.00 21.57 ? 8   GLY H C   1 
ATOM   868  O O   . GLY B 2 8   ? 12.138  1.188   -15.737 1.00 31.24 ? 8   GLY H O   1 
ATOM   869  N N   . GLY B 2 9   ? 11.069  2.518   -14.280 1.00 21.20 ? 9   GLY H N   1 
ATOM   870  C CA  . GLY B 2 9   ? 9.806   2.356   -14.970 1.00 16.91 ? 9   GLY H CA  1 
ATOM   871  C C   . GLY B 2 9   ? 9.858   3.067   -16.303 1.00 17.21 ? 9   GLY H C   1 
ATOM   872  O O   . GLY B 2 9   ? 10.688  3.956   -16.498 1.00 23.23 ? 9   GLY H O   1 
ATOM   873  N N   . GLY B 2 10  ? 8.984   2.679   -17.224 1.00 19.62 ? 10  GLY H N   1 
ATOM   874  C CA  . GLY B 2 10  ? 8.963   3.313   -18.531 1.00 18.25 ? 10  GLY H CA  1 
ATOM   875  C C   . GLY B 2 10  ? 7.988   2.662   -19.490 1.00 22.05 ? 10  GLY H C   1 
ATOM   876  O O   . GLY B 2 10  ? 7.071   1.948   -19.077 1.00 21.24 ? 10  GLY H O   1 
ATOM   877  N N   . LEU B 2 11  ? 8.197   2.906   -20.779 1.00 23.42 ? 11  LEU H N   1 
ATOM   878  C CA  . LEU B 2 11  ? 7.343   2.359   -21.821 1.00 23.88 ? 11  LEU H CA  1 
ATOM   879  C C   . LEU B 2 11  ? 7.957   1.074   -22.370 1.00 23.08 ? 11  LEU H C   1 
ATOM   880  O O   . LEU B 2 11  ? 9.110   1.071   -22.790 1.00 28.77 ? 11  LEU H O   1 
ATOM   881  C CB  . LEU B 2 11  ? 7.205   3.385   -22.938 1.00 31.51 ? 11  LEU H CB  1 
ATOM   882  C CG  . LEU B 2 11  ? 5.891   3.406   -23.704 1.00 33.94 ? 11  LEU H CG  1 
ATOM   883  C CD1 . LEU B 2 11  ? 5.664   2.087   -24.410 1.00 39.15 ? 11  LEU H CD1 1 
ATOM   884  C CD2 . LEU B 2 11  ? 4.777   3.698   -22.725 1.00 44.96 ? 11  LEU H CD2 1 
ATOM   885  N N   . VAL B 2 12  ? 7.183   -0.008  -22.365 1.00 19.91 ? 12  VAL H N   1 
ATOM   886  C CA  . VAL B 2 12  ? 7.646   -1.306  -22.855 1.00 21.86 ? 12  VAL H CA  1 
ATOM   887  C C   . VAL B 2 12  ? 6.581   -1.940  -23.750 1.00 23.03 ? 12  VAL H C   1 
ATOM   888  O O   . VAL B 2 12  ? 5.396   -1.640  -23.620 1.00 21.66 ? 12  VAL H O   1 
ATOM   889  C CB  . VAL B 2 12  ? 7.929   -2.289  -21.680 1.00 24.14 ? 12  VAL H CB  1 
ATOM   890  C CG1 . VAL B 2 12  ? 8.547   -3.564  -22.206 1.00 25.78 ? 12  VAL H CG1 1 
ATOM   891  C CG2 . VAL B 2 12  ? 8.848   -1.648  -20.662 1.00 30.17 ? 12  VAL H CG2 1 
ATOM   892  N N   . GLN B 2 13  ? 6.999   -2.820  -24.654 1.00 26.52 ? 13  GLN H N   1 
ATOM   893  C CA  . GLN B 2 13  ? 6.060   -3.490  -25.548 1.00 29.53 ? 13  GLN H CA  1 
ATOM   894  C C   . GLN B 2 13  ? 5.542   -4.780  -24.909 1.00 26.35 ? 13  GLN H C   1 
ATOM   895  O O   . GLN B 2 13  ? 6.260   -5.455  -24.170 1.00 24.85 ? 13  GLN H O   1 
ATOM   896  C CB  . GLN B 2 13  ? 6.736   -3.812  -26.878 1.00 33.59 ? 13  GLN H CB  1 
ATOM   897  C CG  . GLN B 2 13  ? 7.388   -2.614  -27.539 1.00 47.35 ? 13  GLN H CG  1 
ATOM   898  C CD  . GLN B 2 13  ? 8.073   -2.974  -28.843 1.00 53.30 ? 13  GLN H CD  1 
ATOM   899  O OE1 . GLN B 2 13  ? 9.046   -3.734  -28.863 1.00 43.33 ? 13  GLN H OE1 1 
ATOM   900  N NE2 . GLN B 2 13  ? 7.566   -2.428  -29.944 1.00 59.80 ? 13  GLN H NE2 1 
ATOM   901  N N   . PRO B 2 14  ? 4.283   -5.145  -25.195 1.00 25.89 ? 14  PRO H N   1 
ATOM   902  C CA  . PRO B 2 14  ? 3.706   -6.366  -24.621 1.00 22.29 ? 14  PRO H CA  1 
ATOM   903  C C   . PRO B 2 14  ? 4.607   -7.573  -24.848 1.00 17.27 ? 14  PRO H C   1 
ATOM   904  O O   . PRO B 2 14  ? 4.864   -7.959  -25.982 1.00 25.64 ? 14  PRO H O   1 
ATOM   905  C CB  . PRO B 2 14  ? 2.372   -6.488  -25.349 1.00 19.02 ? 14  PRO H CB  1 
ATOM   906  C CG  . PRO B 2 14  ? 2.017   -5.046  -25.644 1.00 25.07 ? 14  PRO H CG  1 
ATOM   907  C CD  . PRO B 2 14  ? 3.334   -4.488  -26.110 1.00 19.44 ? 14  PRO H CD  1 
ATOM   908  N N   . GLY B 2 15  ? 5.099   -8.157  -23.766 1.00 16.29 ? 15  GLY H N   1 
ATOM   909  C CA  . GLY B 2 15  ? 5.973   -9.308  -23.902 1.00 17.74 ? 15  GLY H CA  1 
ATOM   910  C C   . GLY B 2 15  ? 7.412   -9.073  -23.475 1.00 15.02 ? 15  GLY H C   1 
ATOM   911  O O   . GLY B 2 15  ? 8.110   -10.014 -23.118 1.00 11.91 ? 15  GLY H O   1 
ATOM   912  N N   . GLY B 2 16  ? 7.867   -7.826  -23.513 1.00 17.30 ? 16  GLY H N   1 
ATOM   913  C CA  . GLY B 2 16  ? 9.229   -7.536  -23.107 1.00 13.05 ? 16  GLY H CA  1 
ATOM   914  C C   . GLY B 2 16  ? 9.438   -7.752  -21.615 1.00 19.17 ? 16  GLY H C   1 
ATOM   915  O O   . GLY B 2 16  ? 8.531   -8.203  -20.900 1.00 17.53 ? 16  GLY H O   1 
ATOM   916  N N   . SER B 2 17  ? 10.648  -7.448  -21.149 1.00 20.95 ? 17  SER H N   1 
ATOM   917  C CA  . SER B 2 17  ? 11.014  -7.571  -19.738 1.00 20.43 ? 17  SER H CA  1 
ATOM   918  C C   . SER B 2 17  ? 11.478  -6.196  -19.267 1.00 23.76 ? 17  SER H C   1 
ATOM   919  O O   . SER B 2 17  ? 11.911  -5.362  -20.068 1.00 24.70 ? 17  SER H O   1 
ATOM   920  C CB  . SER B 2 17  ? 12.142  -8.596  -19.541 1.00 22.89 ? 17  SER H CB  1 
ATOM   921  O OG  . SER B 2 17  ? 11.694  -9.921  -19.781 1.00 22.83 ? 17  SER H OG  1 
ATOM   922  N N   . LEU B 2 18  ? 11.405  -5.967  -17.962 1.00 21.54 ? 18  LEU H N   1 
ATOM   923  C CA  . LEU B 2 18  ? 11.782  -4.674  -17.412 1.00 18.35 ? 18  LEU H CA  1 
ATOM   924  C C   . LEU B 2 18  ? 12.164  -4.891  -15.947 1.00 18.33 ? 18  LEU H C   1 
ATOM   925  O O   . LEU B 2 18  ? 11.572  -5.737  -15.267 1.00 13.49 ? 18  LEU H O   1 
ATOM   926  C CB  . LEU B 2 18  ? 10.568  -3.740  -17.546 1.00 14.31 ? 18  LEU H CB  1 
ATOM   927  C CG  . LEU B 2 18  ? 10.579  -2.208  -17.641 1.00 7.51  ? 18  LEU H CG  1 
ATOM   928  C CD1 . LEU B 2 18  ? 10.120  -1.612  -16.321 1.00 5.33  ? 18  LEU H CD1 1 
ATOM   929  C CD2 . LEU B 2 18  ? 11.950  -1.708  -18.052 1.00 3.25  ? 18  LEU H CD2 1 
ATOM   930  N N   . ARG B 2 19  ? 13.169  -4.166  -15.463 1.00 12.13 ? 19  ARG H N   1 
ATOM   931  C CA  . ARG B 2 19  ? 13.558  -4.314  -14.067 1.00 16.35 ? 19  ARG H CA  1 
ATOM   932  C C   . ARG B 2 19  ? 13.408  -3.015  -13.276 1.00 20.78 ? 19  ARG H C   1 
ATOM   933  O O   . ARG B 2 19  ? 13.890  -1.958  -13.688 1.00 15.70 ? 19  ARG H O   1 
ATOM   934  C CB  . ARG B 2 19  ? 14.998  -4.814  -13.932 1.00 18.01 ? 19  ARG H CB  1 
ATOM   935  C CG  . ARG B 2 19  ? 15.299  -5.312  -12.516 1.00 21.13 ? 19  ARG H CG  1 
ATOM   936  C CD  . ARG B 2 19  ? 16.759  -5.672  -12.303 1.00 15.87 ? 19  ARG H CD  1 
ATOM   937  N NE  . ARG B 2 19  ? 17.617  -4.500  -12.443 1.00 29.64 ? 19  ARG H NE  1 
ATOM   938  C CZ  . ARG B 2 19  ? 18.860  -4.419  -11.977 1.00 37.82 ? 19  ARG H CZ  1 
ATOM   939  N NH1 . ARG B 2 19  ? 19.398  -5.450  -11.331 1.00 38.53 ? 19  ARG H NH1 1 
ATOM   940  N NH2 . ARG B 2 19  ? 19.564  -3.305  -12.153 1.00 30.91 ? 19  ARG H NH2 1 
ATOM   941  N N   . LEU B 2 20  ? 12.724  -3.121  -12.139 1.00 22.14 ? 20  LEU H N   1 
ATOM   942  C CA  . LEU B 2 20  ? 12.487  -2.001  -11.238 1.00 18.72 ? 20  LEU H CA  1 
ATOM   943  C C   . LEU B 2 20  ? 13.516  -1.985  -10.121 1.00 19.01 ? 20  LEU H C   1 
ATOM   944  O O   . LEU B 2 20  ? 14.009  -3.034  -9.679  1.00 7.91  ? 20  LEU H O   1 
ATOM   945  C CB  . LEU B 2 20  ? 11.105  -2.099  -10.599 1.00 23.11 ? 20  LEU H CB  1 
ATOM   946  C CG  . LEU B 2 20  ? 9.891   -1.550  -11.333 1.00 15.62 ? 20  LEU H CG  1 
ATOM   947  C CD1 . LEU B 2 20  ? 9.937   -1.933  -12.791 1.00 16.55 ? 20  LEU H CD1 1 
ATOM   948  C CD2 . LEU B 2 20  ? 8.650   -2.084  -10.649 1.00 3.25  ? 20  LEU H CD2 1 
ATOM   949  N N   . SER B 2 21  ? 13.801  -0.777  -9.648  1.00 23.23 ? 21  SER H N   1 
ATOM   950  C CA  . SER B 2 21  ? 14.765  -0.565  -8.584  1.00 20.09 ? 21  SER H CA  1 
ATOM   951  C C   . SER B 2 21  ? 14.188  0.394   -7.543  1.00 19.48 ? 21  SER H C   1 
ATOM   952  O O   . SER B 2 21  ? 13.520  1.373   -7.884  1.00 22.47 ? 21  SER H O   1 
ATOM   953  C CB  . SER B 2 21  ? 16.049  0.014   -9.171  1.00 12.35 ? 21  SER H CB  1 
ATOM   954  O OG  . SER B 2 21  ? 17.152  -0.234  -8.324  1.00 24.63 ? 21  SER H OG  1 
ATOM   955  N N   . CYS B 2 22  ? 14.447  0.091   -6.275  1.00 12.82 ? 22  CYS H N   1 
ATOM   956  C CA  . CYS B 2 22  ? 13.992  0.910   -5.157  1.00 7.26  ? 22  CYS H CA  1 
ATOM   957  C C   . CYS B 2 22  ? 15.176  1.185   -4.238  1.00 8.48  ? 22  CYS H C   1 
ATOM   958  O O   . CYS B 2 22  ? 15.604  0.306   -3.484  1.00 8.02  ? 22  CYS H O   1 
ATOM   959  C CB  . CYS B 2 22  ? 12.904  0.174   -4.390  1.00 10.89 ? 22  CYS H CB  1 
ATOM   960  S SG  . CYS B 2 22  ? 12.507  0.772   -2.713  1.00 8.19  ? 22  CYS H SG  1 
ATOM   961  N N   . ALA B 2 23  ? 15.705  2.405   -4.308  1.00 5.10  ? 23  ALA H N   1 
ATOM   962  C CA  . ALA B 2 23  ? 16.840  2.805   -3.485  1.00 7.74  ? 23  ALA H CA  1 
ATOM   963  C C   . ALA B 2 23  ? 16.393  3.275   -2.103  1.00 8.39  ? 23  ALA H C   1 
ATOM   964  O O   . ALA B 2 23  ? 15.600  4.201   -1.986  1.00 9.22  ? 23  ALA H O   1 
ATOM   965  C CB  . ALA B 2 23  ? 17.626  3.908   -4.187  1.00 5.20  ? 23  ALA H CB  1 
ATOM   966  N N   . ALA B 2 24  ? 16.916  2.634   -1.060  1.00 22.41 ? 24  ALA H N   1 
ATOM   967  C CA  . ALA B 2 24  ? 16.576  2.975   0.327   1.00 24.95 ? 24  ALA H CA  1 
ATOM   968  C C   . ALA B 2 24  ? 17.709  3.697   1.075   1.00 28.74 ? 24  ALA H C   1 
ATOM   969  O O   . ALA B 2 24  ? 18.893  3.482   0.802   1.00 32.10 ? 24  ALA H O   1 
ATOM   970  C CB  . ALA B 2 24  ? 16.188  1.705   1.089   1.00 19.11 ? 24  ALA H CB  1 
ATOM   971  N N   . SER B 2 25  ? 17.332  4.553   2.023   1.00 29.28 ? 25  SER H N   1 
ATOM   972  C CA  . SER B 2 25  ? 18.298  5.291   2.836   1.00 24.63 ? 25  SER H CA  1 
ATOM   973  C C   . SER B 2 25  ? 17.610  5.804   4.099   1.00 22.88 ? 25  SER H C   1 
ATOM   974  O O   . SER B 2 25  ? 16.387  5.797   4.190   1.00 25.23 ? 25  SER H O   1 
ATOM   975  C CB  . SER B 2 25  ? 18.875  6.473   2.049   1.00 21.85 ? 25  SER H CB  1 
ATOM   976  O OG  . SER B 2 25  ? 17.950  7.544   1.958   1.00 15.30 ? 25  SER H OG  1 
ATOM   977  N N   . GLY B 2 26  ? 18.394  6.228   5.084   1.00 17.67 ? 26  GLY H N   1 
ATOM   978  C CA  . GLY B 2 26  ? 17.809  6.765   6.300   1.00 13.13 ? 26  GLY H CA  1 
ATOM   979  C C   . GLY B 2 26  ? 17.428  5.789   7.391   1.00 11.78 ? 26  GLY H C   1 
ATOM   980  O O   . GLY B 2 26  ? 16.844  6.195   8.395   1.00 7.19  ? 26  GLY H O   1 
ATOM   981  N N   . PHE B 2 27  ? 17.735  4.509   7.195   1.00 11.79 ? 27  PHE H N   1 
ATOM   982  C CA  . PHE B 2 27  ? 17.440  3.488   8.195   1.00 15.11 ? 27  PHE H CA  1 
ATOM   983  C C   . PHE B 2 27  ? 18.310  2.265   7.962   1.00 16.57 ? 27  PHE H C   1 
ATOM   984  O O   . PHE B 2 27  ? 19.053  2.211   6.987   1.00 23.99 ? 27  PHE H O   1 
ATOM   985  C CB  . PHE B 2 27  ? 15.951  3.096   8.173   1.00 13.78 ? 27  PHE H CB  1 
ATOM   986  C CG  . PHE B 2 27  ? 15.489  2.459   6.884   1.00 13.93 ? 27  PHE H CG  1 
ATOM   987  C CD1 . PHE B 2 27  ? 15.299  3.228   5.731   1.00 13.18 ? 27  PHE H CD1 1 
ATOM   988  C CD2 . PHE B 2 27  ? 15.192  1.095   6.837   1.00 10.82 ? 27  PHE H CD2 1 
ATOM   989  C CE1 . PHE B 2 27  ? 14.821  2.652   4.549   1.00 3.25  ? 27  PHE H CE1 1 
ATOM   990  C CE2 . PHE B 2 27  ? 14.712  0.505   5.661   1.00 9.57  ? 27  PHE H CE2 1 
ATOM   991  C CZ  . PHE B 2 27  ? 14.523  1.288   4.514   1.00 3.92  ? 27  PHE H CZ  1 
ATOM   992  N N   . THR B 2 28  ? 18.237  1.290   8.858   1.00 13.94 ? 28  THR H N   1 
ATOM   993  C CA  . THR B 2 28  ? 19.033  0.077   8.705   1.00 20.18 ? 28  THR H CA  1 
ATOM   994  C C   . THR B 2 28  ? 18.372  -0.934  7.751   1.00 22.16 ? 28  THR H C   1 
ATOM   995  O O   . THR B 2 28  ? 17.821  -1.953  8.169   1.00 21.48 ? 28  THR H O   1 
ATOM   996  C CB  . THR B 2 28  ? 19.288  -0.569  10.076  1.00 27.72 ? 28  THR H CB  1 
ATOM   997  O OG1 . THR B 2 28  ? 18.148  -0.357  10.926  1.00 39.20 ? 28  THR H OG1 1 
ATOM   998  C CG2 . THR B 2 28  ? 20.531  0.040   10.723  1.00 29.80 ? 28  THR H CG2 1 
ATOM   999  N N   . PHE B 2 29  ? 18.459  -0.639  6.456   1.00 22.02 ? 29  PHE H N   1 
ATOM   1000 C CA  . PHE B 2 29  ? 17.862  -1.460  5.409   1.00 22.40 ? 29  PHE H CA  1 
ATOM   1001 C C   . PHE B 2 29  ? 17.977  -2.960  5.631   1.00 22.78 ? 29  PHE H C   1 
ATOM   1002 O O   . PHE B 2 29  ? 17.010  -3.704  5.446   1.00 24.18 ? 29  PHE H O   1 
ATOM   1003 C CB  . PHE B 2 29  ? 18.481  -1.090  4.057   1.00 28.19 ? 29  PHE H CB  1 
ATOM   1004 C CG  . PHE B 2 29  ? 17.905  -1.847  2.887   1.00 33.11 ? 29  PHE H CG  1 
ATOM   1005 C CD1 . PHE B 2 29  ? 16.570  -1.693  2.528   1.00 27.54 ? 29  PHE H CD1 1 
ATOM   1006 C CD2 . PHE B 2 29  ? 18.705  -2.710  2.140   1.00 33.45 ? 29  PHE H CD2 1 
ATOM   1007 C CE1 . PHE B 2 29  ? 16.044  -2.382  1.444   1.00 24.59 ? 29  PHE H CE1 1 
ATOM   1008 C CE2 . PHE B 2 29  ? 18.183  -3.403  1.051   1.00 30.48 ? 29  PHE H CE2 1 
ATOM   1009 C CZ  . PHE B 2 29  ? 16.852  -3.241  0.704   1.00 19.18 ? 29  PHE H CZ  1 
ATOM   1010 N N   . SER B 2 30  ? 19.156  -3.406  6.033   1.00 23.81 ? 30  SER H N   1 
ATOM   1011 C CA  . SER B 2 30  ? 19.393  -4.827  6.250   1.00 26.18 ? 30  SER H CA  1 
ATOM   1012 C C   . SER B 2 30  ? 18.461  -5.507  7.266   1.00 27.86 ? 30  SER H C   1 
ATOM   1013 O O   . SER B 2 30  ? 18.291  -6.726  7.227   1.00 27.64 ? 30  SER H O   1 
ATOM   1014 C CB  . SER B 2 30  ? 20.851  -5.044  6.662   1.00 25.13 ? 30  SER H CB  1 
ATOM   1015 O OG  . SER B 2 30  ? 21.110  -6.415  6.907   1.00 44.31 ? 30  SER H OG  1 
ATOM   1016 N N   . SER B 2 31  ? 17.844  -4.735  8.161   1.00 26.46 ? 31  SER H N   1 
ATOM   1017 C CA  . SER B 2 31  ? 16.973  -5.331  9.170   1.00 25.42 ? 31  SER H CA  1 
ATOM   1018 C C   . SER B 2 31  ? 15.470  -5.153  8.958   1.00 27.59 ? 31  SER H C   1 
ATOM   1019 O O   . SER B 2 31  ? 14.675  -5.284  9.897   1.00 26.90 ? 31  SER H O   1 
ATOM   1020 C CB  . SER B 2 31  ? 17.368  -4.834  10.568  1.00 28.29 ? 31  SER H CB  1 
ATOM   1021 O OG  . SER B 2 31  ? 17.425  -3.421  10.623  1.00 24.08 ? 31  SER H OG  1 
ATOM   1022 N N   . TYR B 2 32  ? 15.079  -4.878  7.719   1.00 29.17 ? 32  TYR H N   1 
ATOM   1023 C CA  . TYR B 2 32  ? 13.669  -4.710  7.390   1.00 26.54 ? 32  TYR H CA  1 
ATOM   1024 C C   . TYR B 2 32  ? 13.226  -5.614  6.249   1.00 24.16 ? 32  TYR H C   1 
ATOM   1025 O O   . TYR B 2 32  ? 14.045  -6.139  5.495   1.00 25.67 ? 32  TYR H O   1 
ATOM   1026 C CB  . TYR B 2 32  ? 13.366  -3.262  6.998   1.00 23.37 ? 32  TYR H CB  1 
ATOM   1027 C CG  . TYR B 2 32  ? 13.170  -2.340  8.164   1.00 25.40 ? 32  TYR H CG  1 
ATOM   1028 C CD1 . TYR B 2 32  ? 14.221  -1.567  8.651   1.00 25.92 ? 32  TYR H CD1 1 
ATOM   1029 C CD2 . TYR B 2 32  ? 11.931  -2.252  8.800   1.00 26.01 ? 32  TYR H CD2 1 
ATOM   1030 C CE1 . TYR B 2 32  ? 14.045  -0.727  9.743   1.00 20.12 ? 32  TYR H CE1 1 
ATOM   1031 C CE2 . TYR B 2 32  ? 11.744  -1.412  9.895   1.00 22.08 ? 32  TYR H CE2 1 
ATOM   1032 C CZ  . TYR B 2 32  ? 12.805  -0.653  10.359  1.00 21.60 ? 32  TYR H CZ  1 
ATOM   1033 O OH  . TYR B 2 32  ? 12.625  0.185   11.434  1.00 27.65 ? 32  TYR H OH  1 
ATOM   1034 N N   . ALA B 2 33  ? 11.915  -5.787  6.139   1.00 15.65 ? 33  ALA H N   1 
ATOM   1035 C CA  . ALA B 2 33  ? 11.327  -6.579  5.079   1.00 10.52 ? 33  ALA H CA  1 
ATOM   1036 C C   . ALA B 2 33  ? 10.883  -5.530  4.069   1.00 11.40 ? 33  ALA H C   1 
ATOM   1037 O O   . ALA B 2 33  ? 10.586  -4.398  4.454   1.00 15.21 ? 33  ALA H O   1 
ATOM   1038 C CB  . ALA B 2 33  ? 10.134  -7.349  5.608   1.00 9.86  ? 33  ALA H CB  1 
ATOM   1039 N N   . MET B 2 34  ? 10.852  -5.879  2.787   1.00 8.57  ? 34  MET H N   1 
ATOM   1040 C CA  . MET B 2 34  ? 10.437  -4.920  1.765   1.00 4.27  ? 34  MET H CA  1 
ATOM   1041 C C   . MET B 2 34  ? 9.317   -5.456  0.873   1.00 8.64  ? 34  MET H C   1 
ATOM   1042 O O   . MET B 2 34  ? 9.285   -6.645  0.549   1.00 4.84  ? 34  MET H O   1 
ATOM   1043 C CB  . MET B 2 34  ? 11.631  -4.519  0.900   1.00 4.12  ? 34  MET H CB  1 
ATOM   1044 C CG  . MET B 2 34  ? 12.707  -3.744  1.641   1.00 3.25  ? 34  MET H CG  1 
ATOM   1045 S SD  . MET B 2 34  ? 12.086  -2.281  2.490   1.00 13.23 ? 34  MET H SD  1 
ATOM   1046 C CE  . MET B 2 34  ? 11.682  -1.207  1.117   1.00 7.46  ? 34  MET H CE  1 
ATOM   1047 N N   . HIS B 2 35  ? 8.408   -4.566  0.471   1.00 7.92  ? 35  HIS H N   1 
ATOM   1048 C CA  . HIS B 2 35  ? 7.275   -4.936  -0.375  1.00 7.28  ? 35  HIS H CA  1 
ATOM   1049 C C   . HIS B 2 35  ? 7.181   -4.130  -1.668  1.00 8.90  ? 35  HIS H C   1 
ATOM   1050 O O   . HIS B 2 35  ? 7.781   -3.065  -1.817  1.00 8.43  ? 35  HIS H O   1 
ATOM   1051 C CB  . HIS B 2 35  ? 5.953   -4.718  0.367   1.00 3.84  ? 35  HIS H CB  1 
ATOM   1052 C CG  . HIS B 2 35  ? 5.832   -5.472  1.655   1.00 7.84  ? 35  HIS H CG  1 
ATOM   1053 N ND1 . HIS B 2 35  ? 4.904   -6.475  1.839   1.00 4.27  ? 35  HIS H ND1 1 
ATOM   1054 C CD2 . HIS B 2 35  ? 6.490   -5.341  2.828   1.00 3.25  ? 35  HIS H CD2 1 
ATOM   1055 C CE1 . HIS B 2 35  ? 5.000   -6.933  3.076   1.00 3.25  ? 35  HIS H CE1 1 
ATOM   1056 N NE2 . HIS B 2 35  ? 5.951   -6.265  3.697   1.00 3.25  ? 35  HIS H NE2 1 
ATOM   1057 N N   . TRP B 2 36  ? 6.394   -4.653  -2.598  1.00 13.07 ? 36  TRP H N   1 
ATOM   1058 C CA  . TRP B 2 36  ? 6.127   -3.979  -3.857  1.00 9.24  ? 36  TRP H CA  1 
ATOM   1059 C C   . TRP B 2 36  ? 4.608   -3.986  -3.975  1.00 11.87 ? 36  TRP H C   1 
ATOM   1060 O O   . TRP B 2 36  ? 3.961   -5.013  -3.739  1.00 12.31 ? 36  TRP H O   1 
ATOM   1061 C CB  . TRP B 2 36  ? 6.730   -4.726  -5.054  1.00 7.46  ? 36  TRP H CB  1 
ATOM   1062 C CG  . TRP B 2 36  ? 8.185   -4.445  -5.317  1.00 8.45  ? 36  TRP H CG  1 
ATOM   1063 C CD1 . TRP B 2 36  ? 9.247   -5.259  -5.028  1.00 8.81  ? 36  TRP H CD1 1 
ATOM   1064 C CD2 . TRP B 2 36  ? 8.736   -3.270  -5.926  1.00 5.03  ? 36  TRP H CD2 1 
ATOM   1065 N NE1 . TRP B 2 36  ? 10.420  -4.663  -5.420  1.00 3.58  ? 36  TRP H NE1 1 
ATOM   1066 C CE2 . TRP B 2 36  ? 10.139  -3.443  -5.972  1.00 5.78  ? 36  TRP H CE2 1 
ATOM   1067 C CE3 . TRP B 2 36  ? 8.185   -2.086  -6.432  1.00 3.25  ? 36  TRP H CE3 1 
ATOM   1068 C CZ2 . TRP B 2 36  ? 10.995  -2.477  -6.506  1.00 14.58 ? 36  TRP H CZ2 1 
ATOM   1069 C CZ3 . TRP B 2 36  ? 9.037   -1.124  -6.962  1.00 3.25  ? 36  TRP H CZ3 1 
ATOM   1070 C CH2 . TRP B 2 36  ? 10.427  -1.325  -6.994  1.00 15.16 ? 36  TRP H CH2 1 
ATOM   1071 N N   . VAL B 2 37  ? 4.037   -2.837  -4.308  1.00 9.51  ? 37  VAL H N   1 
ATOM   1072 C CA  . VAL B 2 37  ? 2.595   -2.731  -4.479  1.00 11.15 ? 37  VAL H CA  1 
ATOM   1073 C C   . VAL B 2 37  ? 2.389   -1.933  -5.759  1.00 9.44  ? 37  VAL H C   1 
ATOM   1074 O O   . VAL B 2 37  ? 3.281   -1.201  -6.176  1.00 11.16 ? 37  VAL H O   1 
ATOM   1075 C CB  . VAL B 2 37  ? 1.930   -2.004  -3.271  1.00 15.27 ? 37  VAL H CB  1 
ATOM   1076 C CG1 . VAL B 2 37  ? 0.455   -1.758  -3.549  1.00 10.48 ? 37  VAL H CG1 1 
ATOM   1077 C CG2 . VAL B 2 37  ? 2.070   -2.850  -2.007  1.00 4.39  ? 37  VAL H CG2 1 
ATOM   1078 N N   . ARG B 2 38  ? 1.226   -2.080  -6.385  1.00 9.60  ? 38  ARG H N   1 
ATOM   1079 C CA  . ARG B 2 38  ? 0.928   -1.369  -7.630  1.00 11.24 ? 38  ARG H CA  1 
ATOM   1080 C C   . ARG B 2 38  ? -0.495  -0.850  -7.673  1.00 9.18  ? 38  ARG H C   1 
ATOM   1081 O O   . ARG B 2 38  ? -1.354  -1.268  -6.899  1.00 9.02  ? 38  ARG H O   1 
ATOM   1082 C CB  . ARG B 2 38  ? 1.141   -2.282  -8.839  1.00 17.98 ? 38  ARG H CB  1 
ATOM   1083 C CG  . ARG B 2 38  ? 0.335   -3.579  -8.779  1.00 25.09 ? 38  ARG H CG  1 
ATOM   1084 C CD  . ARG B 2 38  ? 0.566   -4.425  -10.015 1.00 38.12 ? 38  ARG H CD  1 
ATOM   1085 N NE  . ARG B 2 38  ? -0.494  -4.238  -10.995 1.00 40.95 ? 38  ARG H NE  1 
ATOM   1086 C CZ  . ARG B 2 38  ? -1.538  -5.049  -11.120 1.00 48.36 ? 38  ARG H CZ  1 
ATOM   1087 N NH1 . ARG B 2 38  ? -1.655  -6.113  -10.326 1.00 41.17 ? 38  ARG H NH1 1 
ATOM   1088 N NH2 . ARG B 2 38  ? -2.469  -4.793  -12.035 1.00 39.22 ? 38  ARG H NH2 1 
ATOM   1089 N N   . GLN B 2 39  ? -0.744  0.054   -8.606  1.00 10.69 ? 39  GLN H N   1 
ATOM   1090 C CA  . GLN B 2 39  ? -2.066  0.621   -8.744  1.00 16.01 ? 39  GLN H CA  1 
ATOM   1091 C C   . GLN B 2 39  ? -2.361  0.940   -10.204 1.00 15.47 ? 39  GLN H C   1 
ATOM   1092 O O   . GLN B 2 39  ? -1.761  1.841   -10.789 1.00 17.41 ? 39  GLN H O   1 
ATOM   1093 C CB  . GLN B 2 39  ? -2.175  1.885   -7.889  1.00 12.01 ? 39  GLN H CB  1 
ATOM   1094 C CG  . GLN B 2 39  ? -3.551  2.515   -7.897  1.00 12.25 ? 39  GLN H CG  1 
ATOM   1095 C CD  . GLN B 2 39  ? -3.606  3.815   -7.113  1.00 21.00 ? 39  GLN H CD  1 
ATOM   1096 O OE1 . GLN B 2 39  ? -2.737  4.683   -7.254  1.00 11.31 ? 39  GLN H OE1 1 
ATOM   1097 N NE2 . GLN B 2 39  ? -4.639  3.961   -6.294  1.00 26.34 ? 39  GLN H NE2 1 
ATOM   1098 N N   . ALA B 2 40  ? -3.291  0.187   -10.784 1.00 15.93 ? 40  ALA H N   1 
ATOM   1099 C CA  . ALA B 2 40  ? -3.700  0.366   -12.172 1.00 14.69 ? 40  ALA H CA  1 
ATOM   1100 C C   . ALA B 2 40  ? -4.412  1.707   -12.334 1.00 14.56 ? 40  ALA H C   1 
ATOM   1101 O O   . ALA B 2 40  ? -5.015  2.214   -11.389 1.00 10.91 ? 40  ALA H O   1 
ATOM   1102 C CB  . ALA B 2 40  ? -4.623  -0.772  -12.590 1.00 14.75 ? 40  ALA H CB  1 
ATOM   1103 N N   . PRO B 2 41  ? -4.365  2.293   -13.541 1.00 16.66 ? 41  PRO H N   1 
ATOM   1104 C CA  . PRO B 2 41  ? -5.024  3.584   -13.756 1.00 17.23 ? 41  PRO H CA  1 
ATOM   1105 C C   . PRO B 2 41  ? -6.498  3.579   -13.369 1.00 19.05 ? 41  PRO H C   1 
ATOM   1106 O O   . PRO B 2 41  ? -7.295  2.822   -13.930 1.00 20.33 ? 41  PRO H O   1 
ATOM   1107 C CB  . PRO B 2 41  ? -4.823  3.834   -15.249 1.00 11.03 ? 41  PRO H CB  1 
ATOM   1108 C CG  . PRO B 2 41  ? -3.536  3.128   -15.536 1.00 17.49 ? 41  PRO H CG  1 
ATOM   1109 C CD  . PRO B 2 41  ? -3.701  1.834   -14.773 1.00 14.09 ? 41  PRO H CD  1 
ATOM   1110 N N   . GLY B 2 42  ? -6.847  4.417   -12.397 1.00 13.51 ? 42  GLY H N   1 
ATOM   1111 C CA  . GLY B 2 42  ? -8.228  4.516   -11.969 1.00 13.10 ? 42  GLY H CA  1 
ATOM   1112 C C   . GLY B 2 42  ? -8.686  3.421   -11.035 1.00 17.28 ? 42  GLY H C   1 
ATOM   1113 O O   . GLY B 2 42  ? -9.850  3.395   -10.636 1.00 24.80 ? 42  GLY H O   1 
ATOM   1114 N N   . LYS B 2 43  ? -7.788  2.507   -10.687 1.00 16.69 ? 43  LYS H N   1 
ATOM   1115 C CA  . LYS B 2 43  ? -8.139  1.422   -9.780  1.00 17.62 ? 43  LYS H CA  1 
ATOM   1116 C C   . LYS B 2 43  ? -7.507  1.623   -8.413  1.00 16.85 ? 43  LYS H C   1 
ATOM   1117 O O   . LYS B 2 43  ? -6.888  2.656   -8.149  1.00 15.87 ? 43  LYS H O   1 
ATOM   1118 C CB  . LYS B 2 43  ? -7.711  0.070   -10.357 1.00 24.22 ? 43  LYS H CB  1 
ATOM   1119 C CG  . LYS B 2 43  ? -8.726  -0.562  -11.303 1.00 31.62 ? 43  LYS H CG  1 
ATOM   1120 C CD  . LYS B 2 43  ? -9.020  0.347   -12.476 1.00 45.01 ? 43  LYS H CD  1 
ATOM   1121 C CE  . LYS B 2 43  ? -10.049 -0.261  -13.411 1.00 51.45 ? 43  LYS H CE  1 
ATOM   1122 N NZ  . LYS B 2 43  ? -10.420 0.705   -14.485 1.00 55.15 ? 43  LYS H NZ  1 
ATOM   1123 N N   . GLY B 2 44  ? -7.675  0.628   -7.546  1.00 15.87 ? 44  GLY H N   1 
ATOM   1124 C CA  . GLY B 2 44  ? -7.124  0.704   -6.204  1.00 14.83 ? 44  GLY H CA  1 
ATOM   1125 C C   . GLY B 2 44  ? -5.734  0.111   -6.053  1.00 17.28 ? 44  GLY H C   1 
ATOM   1126 O O   . GLY B 2 44  ? -5.032  -0.148  -7.037  1.00 17.64 ? 44  GLY H O   1 
ATOM   1127 N N   . LEU B 2 45  ? -5.341  -0.100  -4.801  1.00 16.06 ? 45  LEU H N   1 
ATOM   1128 C CA  . LEU B 2 45  ? -4.035  -0.656  -4.455  1.00 15.77 ? 45  LEU H CA  1 
ATOM   1129 C C   . LEU B 2 45  ? -4.022  -2.181  -4.440  1.00 19.98 ? 45  LEU H C   1 
ATOM   1130 O O   . LEU B 2 45  ? -4.978  -2.815  -3.990  1.00 20.70 ? 45  LEU H O   1 
ATOM   1131 C CB  . LEU B 2 45  ? -3.611  -0.149  -3.077  1.00 9.69  ? 45  LEU H CB  1 
ATOM   1132 C CG  . LEU B 2 45  ? -2.712  1.081   -2.950  1.00 5.83  ? 45  LEU H CG  1 
ATOM   1133 C CD1 . LEU B 2 45  ? -2.834  2.016   -4.143  1.00 3.25  ? 45  LEU H CD1 1 
ATOM   1134 C CD2 . LEU B 2 45  ? -3.093  1.771   -1.666  1.00 3.25  ? 45  LEU H CD2 1 
ATOM   1135 N N   . GLU B 2 46  ? -2.925  -2.763  -4.919  1.00 18.48 ? 46  GLU H N   1 
ATOM   1136 C CA  . GLU B 2 46  ? -2.783  -4.214  -4.951  1.00 19.48 ? 46  GLU H CA  1 
ATOM   1137 C C   . GLU B 2 46  ? -1.378  -4.616  -4.587  1.00 15.73 ? 46  GLU H C   1 
ATOM   1138 O O   . GLU B 2 46  ? -0.417  -4.180  -5.215  1.00 19.62 ? 46  GLU H O   1 
ATOM   1139 C CB  . GLU B 2 46  ? -3.085  -4.767  -6.339  1.00 22.63 ? 46  GLU H CB  1 
ATOM   1140 C CG  . GLU B 2 46  ? -4.519  -4.611  -6.780  1.00 41.17 ? 46  GLU H CG  1 
ATOM   1141 C CD  . GLU B 2 46  ? -4.722  -5.090  -8.198  1.00 48.41 ? 46  GLU H CD  1 
ATOM   1142 O OE1 . GLU B 2 46  ? -4.016  -4.575  -9.096  1.00 42.60 ? 46  GLU H OE1 1 
ATOM   1143 O OE2 . GLU B 2 46  ? -5.581  -5.976  -8.409  1.00 53.38 ? 46  GLU H OE2 1 
ATOM   1144 N N   . TRP B 2 47  ? -1.266  -5.463  -3.578  1.00 7.88  ? 47  TRP H N   1 
ATOM   1145 C CA  . TRP B 2 47  ? 0.025   -5.946  -3.127  1.00 8.47  ? 47  TRP H CA  1 
ATOM   1146 C C   . TRP B 2 47  ? 0.585   -6.896  -4.184  1.00 8.87  ? 47  TRP H C   1 
ATOM   1147 O O   . TRP B 2 47  ? -0.178  -7.650  -4.793  1.00 11.93 ? 47  TRP H O   1 
ATOM   1148 C CB  . TRP B 2 47  ? -0.163  -6.675  -1.798  1.00 3.25  ? 47  TRP H CB  1 
ATOM   1149 C CG  . TRP B 2 47  ? 1.042   -7.435  -1.341  1.00 7.36  ? 47  TRP H CG  1 
ATOM   1150 C CD1 . TRP B 2 47  ? 2.179   -6.919  -0.810  1.00 3.25  ? 47  TRP H CD1 1 
ATOM   1151 C CD2 . TRP B 2 47  ? 1.219   -8.859  -1.370  1.00 9.51  ? 47  TRP H CD2 1 
ATOM   1152 N NE1 . TRP B 2 47  ? 3.057   -7.929  -0.497  1.00 11.66 ? 47  TRP H NE1 1 
ATOM   1153 C CE2 . TRP B 2 47  ? 2.495   -9.130  -0.832  1.00 10.14 ? 47  TRP H CE2 1 
ATOM   1154 C CE3 . TRP B 2 47  ? 0.421   -9.932  -1.796  1.00 6.24  ? 47  TRP H CE3 1 
ATOM   1155 C CZ2 . TRP B 2 47  ? 2.999   -10.434 -0.707  1.00 17.98 ? 47  TRP H CZ2 1 
ATOM   1156 C CZ3 . TRP B 2 47  ? 0.919   -11.230 -1.670  1.00 12.23 ? 47  TRP H CZ3 1 
ATOM   1157 C CH2 . TRP B 2 47  ? 2.199   -11.466 -1.129  1.00 11.68 ? 47  TRP H CH2 1 
ATOM   1158 N N   . VAL B 2 48  ? 1.898   -6.868  -4.418  1.00 11.51 ? 48  VAL H N   1 
ATOM   1159 C CA  . VAL B 2 48  ? 2.474   -7.782  -5.409  1.00 13.88 ? 48  VAL H CA  1 
ATOM   1160 C C   . VAL B 2 48  ? 3.541   -8.730  -4.863  1.00 13.84 ? 48  VAL H C   1 
ATOM   1161 O O   . VAL B 2 48  ? 3.485   -9.930  -5.135  1.00 12.48 ? 48  VAL H O   1 
ATOM   1162 C CB  . VAL B 2 48  ? 3.042   -7.033  -6.683  1.00 11.67 ? 48  VAL H CB  1 
ATOM   1163 C CG1 . VAL B 2 48  ? 2.642   -5.582  -6.665  1.00 20.16 ? 48  VAL H CG1 1 
ATOM   1164 C CG2 . VAL B 2 48  ? 4.550   -7.187  -6.789  1.00 6.15  ? 48  VAL H CG2 1 
ATOM   1165 N N   . ALA B 2 49  ? 4.495   -8.218  -4.088  1.00 9.93  ? 49  ALA H N   1 
ATOM   1166 C CA  . ALA B 2 49  ? 5.543   -9.087  -3.558  1.00 12.88 ? 49  ALA H CA  1 
ATOM   1167 C C   . ALA B 2 49  ? 6.231   -8.627  -2.275  1.00 15.70 ? 49  ALA H C   1 
ATOM   1168 O O   . ALA B 2 49  ? 6.217   -7.444  -1.921  1.00 23.42 ? 49  ALA H O   1 
ATOM   1169 C CB  . ALA B 2 49  ? 6.592   -9.319  -4.630  1.00 11.99 ? 49  ALA H CB  1 
ATOM   1170 N N   . VAL B 2 50  ? 6.847   -9.584  -1.591  1.00 12.94 ? 50  VAL H N   1 
ATOM   1171 C CA  . VAL B 2 50  ? 7.572   -9.313  -0.352  1.00 7.51  ? 50  VAL H CA  1 
ATOM   1172 C C   . VAL B 2 50  ? 8.823   -10.196 -0.205  1.00 6.92  ? 50  VAL H C   1 
ATOM   1173 O O   . VAL B 2 50  ? 8.816   -11.386 -0.539  1.00 9.35  ? 50  VAL H O   1 
ATOM   1174 C CB  . VAL B 2 50  ? 6.655   -9.515  0.896   1.00 8.21  ? 50  VAL H CB  1 
ATOM   1175 C CG1 . VAL B 2 50  ? 6.170   -10.965 0.982   1.00 4.09  ? 50  VAL H CG1 1 
ATOM   1176 C CG2 . VAL B 2 50  ? 7.406   -9.124  2.167   1.00 4.04  ? 50  VAL H CG2 1 
ATOM   1177 N N   . ILE B 2 51  ? 9.904   -9.596  0.277   1.00 7.11  ? 51  ILE H N   1 
ATOM   1178 C CA  . ILE B 2 51  ? 11.143  -10.330 0.511   1.00 9.36  ? 51  ILE H CA  1 
ATOM   1179 C C   . ILE B 2 51  ? 11.570  -10.060 1.947   1.00 8.56  ? 51  ILE H C   1 
ATOM   1180 O O   . ILE B 2 51  ? 11.541  -8.910  2.399   1.00 7.15  ? 51  ILE H O   1 
ATOM   1181 C CB  . ILE B 2 51  ? 12.291  -9.873  -0.437  1.00 15.68 ? 51  ILE H CB  1 
ATOM   1182 C CG1 . ILE B 2 51  ? 13.538  -10.732 -0.189  1.00 6.47  ? 51  ILE H CG1 1 
ATOM   1183 C CG2 . ILE B 2 51  ? 12.613  -8.388  -0.212  1.00 12.28 ? 51  ILE H CG2 1 
ATOM   1184 C CD1 . ILE B 2 51  ? 14.695  -10.412 -1.103  1.00 4.34  ? 51  ILE H CD1 1 
ATOM   1185 N N   . SER B 2 52  ? 11.943  -11.113 2.672   1.00 8.64  ? 52  SER H N   1 
ATOM   1186 C CA  . SER B 2 52  ? 12.398  -10.948 4.053   1.00 10.01 ? 52  SER H CA  1 
ATOM   1187 C C   . SER B 2 52  ? 13.763  -10.248 4.073   1.00 8.51  ? 52  SER H C   1 
ATOM   1188 O O   . SER B 2 52  ? 14.413  -10.108 3.035   1.00 8.40  ? 52  SER H O   1 
ATOM   1189 C CB  . SER B 2 52  ? 12.476  -12.303 4.762   1.00 8.63  ? 52  SER H CB  1 
ATOM   1190 O OG  . SER B 2 52  ? 13.300  -13.210 4.052   1.00 19.13 ? 52  SER H OG  1 
ATOM   1191 N N   . SER B 2 53  ? 14.191  -9.808  5.253   1.00 18.07 ? 53  SER H N   1 
ATOM   1192 C CA  . SER B 2 53  ? 15.455  -9.086  5.416   1.00 18.95 ? 53  SER H CA  1 
ATOM   1193 C C   . SER B 2 53  ? 16.689  -9.724  4.788   1.00 22.99 ? 53  SER H C   1 
ATOM   1194 O O   . SER B 2 53  ? 17.414  -9.067  4.037   1.00 25.14 ? 53  SER H O   1 
ATOM   1195 C CB  . SER B 2 53  ? 15.712  -8.826  6.905   1.00 19.22 ? 53  SER H CB  1 
ATOM   1196 O OG  . SER B 2 53  ? 15.430  -9.976  7.678   1.00 13.58 ? 53  SER H OG  1 
ATOM   1197 N N   . ASP B 2 54  ? 16.929  -10.996 5.094   1.00 24.82 ? 54  ASP H N   1 
ATOM   1198 C CA  . ASP B 2 54  ? 18.092  -11.713 4.572   1.00 26.53 ? 54  ASP H CA  1 
ATOM   1199 C C   . ASP B 2 54  ? 17.863  -12.328 3.202   1.00 28.92 ? 54  ASP H C   1 
ATOM   1200 O O   . ASP B 2 54  ? 18.657  -13.154 2.750   1.00 31.80 ? 54  ASP H O   1 
ATOM   1201 C CB  . ASP B 2 54  ? 18.524  -12.804 5.561   1.00 26.99 ? 54  ASP H CB  1 
ATOM   1202 C CG  . ASP B 2 54  ? 17.391  -13.758 5.924   1.00 29.92 ? 54  ASP H CG  1 
ATOM   1203 O OD1 . ASP B 2 54  ? 17.477  -14.389 7.000   1.00 33.36 ? 54  ASP H OD1 1 
ATOM   1204 O OD2 . ASP B 2 54  ? 16.426  -13.885 5.139   1.00 27.18 ? 54  ASP H OD2 1 
ATOM   1205 N N   . GLY B 2 55  ? 16.780  -11.917 2.548   1.00 33.30 ? 55  GLY H N   1 
ATOM   1206 C CA  . GLY B 2 55  ? 16.453  -12.432 1.229   1.00 28.48 ? 55  GLY H CA  1 
ATOM   1207 C C   . GLY B 2 55  ? 16.090  -13.900 1.274   1.00 28.20 ? 55  GLY H C   1 
ATOM   1208 O O   . GLY B 2 55  ? 15.859  -14.519 0.235   1.00 33.55 ? 55  GLY H O   1 
ATOM   1209 N N   . GLY B 2 56  ? 16.032  -14.449 2.485   1.00 27.49 ? 56  GLY H N   1 
ATOM   1210 C CA  . GLY B 2 56  ? 15.714  -15.856 2.675   1.00 24.70 ? 56  GLY H CA  1 
ATOM   1211 C C   . GLY B 2 56  ? 14.332  -16.284 2.229   1.00 24.49 ? 56  GLY H C   1 
ATOM   1212 O O   . GLY B 2 56  ? 14.173  -17.396 1.739   1.00 32.48 ? 56  GLY H O   1 
ATOM   1213 N N   . ASN B 2 57  ? 13.335  -15.416 2.395   1.00 23.64 ? 57  ASN H N   1 
ATOM   1214 C CA  . ASN B 2 57  ? 11.959  -15.728 2.004   1.00 22.23 ? 57  ASN H CA  1 
ATOM   1215 C C   . ASN B 2 57  ? 11.397  -14.742 0.991   1.00 19.64 ? 57  ASN H C   1 
ATOM   1216 O O   . ASN B 2 57  ? 11.666  -13.545 1.063   1.00 25.80 ? 57  ASN H O   1 
ATOM   1217 C CB  . ASN B 2 57  ? 11.047  -15.722 3.227   1.00 29.63 ? 57  ASN H CB  1 
ATOM   1218 C CG  . ASN B 2 57  ? 11.440  -16.759 4.249   1.00 42.43 ? 57  ASN H CG  1 
ATOM   1219 O OD1 . ASN B 2 57  ? 11.358  -16.516 5.453   1.00 51.98 ? 57  ASN H OD1 1 
ATOM   1220 N ND2 . ASN B 2 57  ? 11.855  -17.930 3.780   1.00 48.51 ? 57  ASN H ND2 1 
ATOM   1221 N N   . LYS B 2 58  ? 10.598  -15.249 0.057   1.00 13.56 ? 58  LYS H N   1 
ATOM   1222 C CA  . LYS B 2 58  ? 9.971   -14.427 -0.974  1.00 6.54  ? 58  LYS H CA  1 
ATOM   1223 C C   . LYS B 2 58  ? 8.546   -14.946 -1.190  1.00 9.71  ? 58  LYS H C   1 
ATOM   1224 O O   . LYS B 2 58  ? 8.317   -16.156 -1.166  1.00 11.12 ? 58  LYS H O   1 
ATOM   1225 C CB  . LYS B 2 58  ? 10.766  -14.534 -2.280  1.00 5.46  ? 58  LYS H CB  1 
ATOM   1226 C CG  . LYS B 2 58  ? 12.280  -14.486 -2.096  1.00 11.75 ? 58  LYS H CG  1 
ATOM   1227 C CD  . LYS B 2 58  ? 13.027  -14.435 -3.420  1.00 16.25 ? 58  LYS H CD  1 
ATOM   1228 C CE  . LYS B 2 58  ? 14.534  -14.307 -3.192  1.00 29.94 ? 58  LYS H CE  1 
ATOM   1229 N NZ  . LYS B 2 58  ? 15.291  -13.972 -4.439  1.00 33.82 ? 58  LYS H NZ  1 
ATOM   1230 N N   . TYR B 2 59  ? 7.590   -14.041 -1.373  1.00 9.50  ? 59  TYR H N   1 
ATOM   1231 C CA  . TYR B 2 59  ? 6.197   -14.432 -1.622  1.00 12.44 ? 59  TYR H CA  1 
ATOM   1232 C C   . TYR B 2 59  ? 5.593   -13.523 -2.700  1.00 12.04 ? 59  TYR H C   1 
ATOM   1233 O O   . TYR B 2 59  ? 5.858   -12.318 -2.714  1.00 10.86 ? 59  TYR H O   1 
ATOM   1234 C CB  . TYR B 2 59  ? 5.355   -14.317 -0.351  1.00 19.19 ? 59  TYR H CB  1 
ATOM   1235 C CG  . TYR B 2 59  ? 5.838   -15.141 0.820   1.00 28.14 ? 59  TYR H CG  1 
ATOM   1236 C CD1 . TYR B 2 59  ? 6.708   -14.600 1.766   1.00 34.12 ? 59  TYR H CD1 1 
ATOM   1237 C CD2 . TYR B 2 59  ? 5.398   -16.451 1.003   1.00 34.26 ? 59  TYR H CD2 1 
ATOM   1238 C CE1 . TYR B 2 59  ? 7.126   -15.339 2.867   1.00 35.58 ? 59  TYR H CE1 1 
ATOM   1239 C CE2 . TYR B 2 59  ? 5.810   -17.201 2.102   1.00 39.71 ? 59  TYR H CE2 1 
ATOM   1240 C CZ  . TYR B 2 59  ? 6.675   -16.639 3.030   1.00 44.14 ? 59  TYR H CZ  1 
ATOM   1241 O OH  . TYR B 2 59  ? 7.095   -17.374 4.117   1.00 48.47 ? 59  TYR H OH  1 
ATOM   1242 N N   . TYR B 2 60  ? 4.783   -14.095 -3.593  1.00 7.41  ? 60  TYR H N   1 
ATOM   1243 C CA  . TYR B 2 60  ? 4.149   -13.322 -4.674  1.00 9.50  ? 60  TYR H CA  1 
ATOM   1244 C C   . TYR B 2 60  ? 2.651   -13.634 -4.797  1.00 13.02 ? 60  TYR H C   1 
ATOM   1245 O O   . TYR B 2 60  ? 2.200   -14.694 -4.355  1.00 10.92 ? 60  TYR H O   1 
ATOM   1246 C CB  . TYR B 2 60  ? 4.794   -13.642 -6.032  1.00 3.25  ? 60  TYR H CB  1 
ATOM   1247 C CG  . TYR B 2 60  ? 6.303   -13.738 -6.057  1.00 4.21  ? 60  TYR H CG  1 
ATOM   1248 C CD1 . TYR B 2 60  ? 7.082   -12.741 -6.647  1.00 9.81  ? 60  TYR H CD1 1 
ATOM   1249 C CD2 . TYR B 2 60  ? 6.954   -14.853 -5.536  1.00 7.13  ? 60  TYR H CD2 1 
ATOM   1250 C CE1 . TYR B 2 60  ? 8.485   -12.857 -6.721  1.00 11.94 ? 60  TYR H CE1 1 
ATOM   1251 C CE2 . TYR B 2 60  ? 8.350   -14.978 -5.602  1.00 10.63 ? 60  TYR H CE2 1 
ATOM   1252 C CZ  . TYR B 2 60  ? 9.107   -13.985 -6.198  1.00 13.87 ? 60  TYR H CZ  1 
ATOM   1253 O OH  . TYR B 2 60  ? 10.480  -14.139 -6.281  1.00 21.09 ? 60  TYR H OH  1 
ATOM   1254 N N   . THR B 2 61  ? 1.882   -12.717 -5.391  1.00 18.73 ? 61  THR H N   1 
ATOM   1255 C CA  . THR B 2 61  ? 0.449   -12.960 -5.602  1.00 22.12 ? 61  THR H CA  1 
ATOM   1256 C C   . THR B 2 61  ? 0.341   -13.894 -6.794  1.00 27.15 ? 61  THR H C   1 
ATOM   1257 O O   . THR B 2 61  ? 1.186   -13.863 -7.694  1.00 29.94 ? 61  THR H O   1 
ATOM   1258 C CB  . THR B 2 61  ? -0.368  -11.685 -5.959  1.00 15.95 ? 61  THR H CB  1 
ATOM   1259 O OG1 . THR B 2 61  ? 0.393   -10.848 -6.834  1.00 20.70 ? 61  THR H OG1 1 
ATOM   1260 C CG2 . THR B 2 61  ? -0.769  -10.925 -4.717  1.00 20.75 ? 61  THR H CG2 1 
ATOM   1261 N N   . ASP B 2 62  ? -0.706  -14.710 -6.807  1.00 31.47 ? 62  ASP H N   1 
ATOM   1262 C CA  . ASP B 2 62  ? -0.936  -15.661 -7.887  1.00 32.91 ? 62  ASP H CA  1 
ATOM   1263 C C   . ASP B 2 62  ? -0.700  -15.061 -9.275  1.00 28.07 ? 62  ASP H C   1 
ATOM   1264 O O   . ASP B 2 62  ? -0.036  -15.661 -10.118 1.00 25.53 ? 62  ASP H O   1 
ATOM   1265 C CB  . ASP B 2 62  ? -2.366  -16.197 -7.794  1.00 43.33 ? 62  ASP H CB  1 
ATOM   1266 C CG  . ASP B 2 62  ? -2.597  -17.022 -6.545  1.00 53.50 ? 62  ASP H CG  1 
ATOM   1267 O OD1 . ASP B 2 62  ? -1.858  -16.826 -5.554  1.00 62.82 ? 62  ASP H OD1 1 
ATOM   1268 O OD2 . ASP B 2 62  ? -3.525  -17.856 -6.549  1.00 59.56 ? 62  ASP H OD2 1 
ATOM   1269 N N   . SER B 2 63  ? -1.233  -13.866 -9.494  1.00 24.95 ? 63  SER H N   1 
ATOM   1270 C CA  . SER B 2 63  ? -1.124  -13.181 -10.777 1.00 23.59 ? 63  SER H CA  1 
ATOM   1271 C C   . SER B 2 63  ? 0.255   -12.967 -11.400 1.00 21.84 ? 63  SER H C   1 
ATOM   1272 O O   . SER B 2 63  ? 0.344   -12.769 -12.611 1.00 24.54 ? 63  SER H O   1 
ATOM   1273 C CB  . SER B 2 63  ? -1.854  -11.839 -10.697 1.00 25.31 ? 63  SER H CB  1 
ATOM   1274 O OG  . SER B 2 63  ? -1.564  -11.185 -9.476  1.00 28.35 ? 63  SER H OG  1 
ATOM   1275 N N   . VAL B 2 64  ? 1.327   -12.992 -10.616 1.00 15.85 ? 64  VAL H N   1 
ATOM   1276 C CA  . VAL B 2 64  ? 2.649   -12.786 -11.213 1.00 17.55 ? 64  VAL H CA  1 
ATOM   1277 C C   . VAL B 2 64  ? 3.646   -13.916 -10.985 1.00 20.84 ? 64  VAL H C   1 
ATOM   1278 O O   . VAL B 2 64  ? 4.805   -13.809 -11.390 1.00 25.49 ? 64  VAL H O   1 
ATOM   1279 C CB  . VAL B 2 64  ? 3.303   -11.463 -10.727 1.00 8.89  ? 64  VAL H CB  1 
ATOM   1280 C CG1 . VAL B 2 64  ? 2.443   -10.286 -11.124 1.00 12.77 ? 64  VAL H CG1 1 
ATOM   1281 C CG2 . VAL B 2 64  ? 3.496   -11.485 -9.223  1.00 12.80 ? 64  VAL H CG2 1 
ATOM   1282 N N   . LYS B 2 65  ? 3.196   -14.993 -10.345 1.00 23.93 ? 65  LYS H N   1 
ATOM   1283 C CA  . LYS B 2 65  ? 4.053   -16.144 -10.052 1.00 24.46 ? 65  LYS H CA  1 
ATOM   1284 C C   . LYS B 2 65  ? 4.709   -16.736 -11.296 1.00 24.28 ? 65  LYS H C   1 
ATOM   1285 O O   . LYS B 2 65  ? 4.033   -17.153 -12.229 1.00 28.35 ? 65  LYS H O   1 
ATOM   1286 C CB  . LYS B 2 65  ? 3.248   -17.236 -9.342  1.00 24.80 ? 65  LYS H CB  1 
ATOM   1287 C CG  . LYS B 2 65  ? 2.917   -16.947 -7.883  1.00 28.64 ? 65  LYS H CG  1 
ATOM   1288 C CD  . LYS B 2 65  ? 3.748   -17.821 -6.938  1.00 34.69 ? 65  LYS H CD  1 
ATOM   1289 C CE  . LYS B 2 65  ? 3.275   -17.721 -5.485  1.00 33.35 ? 65  LYS H CE  1 
ATOM   1290 N NZ  . LYS B 2 65  ? 1.857   -18.173 -5.294  1.00 26.98 ? 65  LYS H NZ  1 
ATOM   1291 N N   . GLY B 2 66  ? 6.035   -16.785 -11.295 1.00 26.16 ? 66  GLY H N   1 
ATOM   1292 C CA  . GLY B 2 66  ? 6.752   -17.330 -12.431 1.00 20.57 ? 66  GLY H CA  1 
ATOM   1293 C C   . GLY B 2 66  ? 7.236   -16.251 -13.374 1.00 20.31 ? 66  GLY H C   1 
ATOM   1294 O O   . GLY B 2 66  ? 8.185   -16.463 -14.121 1.00 26.13 ? 66  GLY H O   1 
ATOM   1295 N N   . ARG B 2 67  ? 6.595   -15.086 -13.328 1.00 19.36 ? 67  ARG H N   1 
ATOM   1296 C CA  . ARG B 2 67  ? 6.948   -13.962 -14.194 1.00 16.12 ? 67  ARG H CA  1 
ATOM   1297 C C   . ARG B 2 67  ? 7.798   -12.890 -13.510 1.00 20.35 ? 67  ARG H C   1 
ATOM   1298 O O   . ARG B 2 67  ? 8.659   -12.277 -14.148 1.00 18.78 ? 67  ARG H O   1 
ATOM   1299 C CB  . ARG B 2 67  ? 5.677   -13.317 -14.743 1.00 14.28 ? 67  ARG H CB  1 
ATOM   1300 C CG  . ARG B 2 67  ? 4.907   -14.164 -15.741 1.00 12.77 ? 67  ARG H CG  1 
ATOM   1301 C CD  . ARG B 2 67  ? 3.469   -13.685 -15.839 1.00 17.91 ? 67  ARG H CD  1 
ATOM   1302 N NE  . ARG B 2 67  ? 3.393   -12.250 -16.086 1.00 22.47 ? 67  ARG H NE  1 
ATOM   1303 C CZ  . ARG B 2 67  ? 2.524   -11.436 -15.496 1.00 16.21 ? 67  ARG H CZ  1 
ATOM   1304 N NH1 . ARG B 2 67  ? 1.652   -11.912 -14.618 1.00 20.28 ? 67  ARG H NH1 1 
ATOM   1305 N NH2 . ARG B 2 67  ? 2.520   -10.148 -15.790 1.00 14.84 ? 67  ARG H NH2 1 
ATOM   1306 N N   . PHE B 2 68  ? 7.541   -12.644 -12.224 1.00 21.03 ? 68  PHE H N   1 
ATOM   1307 C CA  . PHE B 2 68  ? 8.300   -11.645 -11.468 1.00 21.07 ? 68  PHE H CA  1 
ATOM   1308 C C   . PHE B 2 68  ? 9.228   -12.306 -10.448 1.00 23.20 ? 68  PHE H C   1 
ATOM   1309 O O   . PHE B 2 68  ? 8.914   -13.360 -9.890  1.00 21.87 ? 68  PHE H O   1 
ATOM   1310 C CB  . PHE B 2 68  ? 7.367   -10.685 -10.720 1.00 13.95 ? 68  PHE H CB  1 
ATOM   1311 C CG  . PHE B 2 68  ? 6.518   -9.816  -11.612 1.00 23.54 ? 68  PHE H CG  1 
ATOM   1312 C CD1 . PHE B 2 68  ? 6.421   -10.058 -12.981 1.00 27.46 ? 68  PHE H CD1 1 
ATOM   1313 C CD2 . PHE B 2 68  ? 5.764   -8.782  -11.065 1.00 25.13 ? 68  PHE H CD2 1 
ATOM   1314 C CE1 . PHE B 2 68  ? 5.578   -9.288  -13.789 1.00 18.73 ? 68  PHE H CE1 1 
ATOM   1315 C CE2 . PHE B 2 68  ? 4.922   -8.010  -11.860 1.00 25.78 ? 68  PHE H CE2 1 
ATOM   1316 C CZ  . PHE B 2 68  ? 4.829   -8.264  -13.228 1.00 23.70 ? 68  PHE H CZ  1 
ATOM   1317 N N   . THR B 2 69  ? 10.371  -11.673 -10.212 1.00 21.67 ? 69  THR H N   1 
ATOM   1318 C CA  . THR B 2 69  ? 11.349  -12.164 -9.257  1.00 14.56 ? 69  THR H CA  1 
ATOM   1319 C C   . THR B 2 69  ? 11.822  -10.985 -8.417  1.00 18.11 ? 69  THR H C   1 
ATOM   1320 O O   . THR B 2 69  ? 12.333  -9.986  -8.946  1.00 14.74 ? 69  THR H O   1 
ATOM   1321 C CB  . THR B 2 69  ? 12.572  -12.804 -9.964  1.00 13.83 ? 69  THR H CB  1 
ATOM   1322 O OG1 . THR B 2 69  ? 12.180  -14.023 -10.602 1.00 19.63 ? 69  THR H OG1 1 
ATOM   1323 C CG2 . THR B 2 69  ? 13.663  -13.121 -8.963  1.00 7.07  ? 69  THR H CG2 1 
ATOM   1324 N N   . ILE B 2 70  ? 11.637  -11.096 -7.105  1.00 16.00 ? 70  ILE H N   1 
ATOM   1325 C CA  . ILE B 2 70  ? 12.060  -10.041 -6.198  1.00 11.90 ? 70  ILE H CA  1 
ATOM   1326 C C   . ILE B 2 70  ? 13.410  -10.412 -5.580  1.00 12.55 ? 70  ILE H C   1 
ATOM   1327 O O   . ILE B 2 70  ? 13.694  -11.580 -5.307  1.00 10.05 ? 70  ILE H O   1 
ATOM   1328 C CB  . ILE B 2 70  ? 11.008  -9.807  -5.084  1.00 15.56 ? 70  ILE H CB  1 
ATOM   1329 C CG1 . ILE B 2 70  ? 11.345  -8.520  -4.325  1.00 13.48 ? 70  ILE H CG1 1 
ATOM   1330 C CG2 . ILE B 2 70  ? 10.936  -11.027 -4.151  1.00 3.25  ? 70  ILE H CG2 1 
ATOM   1331 C CD1 . ILE B 2 70  ? 10.308  -8.124  -3.303  1.00 9.55  ? 70  ILE H CD1 1 
ATOM   1332 N N   . SER B 2 71  ? 14.243  -9.405  -5.372  1.00 12.62 ? 71  SER H N   1 
ATOM   1333 C CA  . SER B 2 71  ? 15.563  -9.616  -4.806  1.00 10.17 ? 71  SER H CA  1 
ATOM   1334 C C   . SER B 2 71  ? 16.047  -8.321  -4.152  1.00 16.80 ? 71  SER H C   1 
ATOM   1335 O O   . SER B 2 71  ? 15.429  -7.264  -4.315  1.00 18.54 ? 71  SER H O   1 
ATOM   1336 C CB  . SER B 2 71  ? 16.525  -10.041 -5.919  1.00 11.68 ? 71  SER H CB  1 
ATOM   1337 O OG  . SER B 2 71  ? 16.642  -9.027  -6.910  1.00 13.77 ? 71  SER H OG  1 
ATOM   1338 N N   . ARG B 2 72  ? 17.151  -8.407  -3.413  1.00 19.12 ? 72  ARG H N   1 
ATOM   1339 C CA  . ARG B 2 72  ? 17.712  -7.245  -2.734  1.00 15.81 ? 72  ARG H CA  1 
ATOM   1340 C C   . ARG B 2 72  ? 19.230  -7.352  -2.595  1.00 17.76 ? 72  ARG H C   1 
ATOM   1341 O O   . ARG B 2 72  ? 19.798  -8.439  -2.689  1.00 17.84 ? 72  ARG H O   1 
ATOM   1342 C CB  . ARG B 2 72  ? 17.086  -7.098  -1.335  1.00 15.19 ? 72  ARG H CB  1 
ATOM   1343 C CG  . ARG B 2 72  ? 17.320  -8.279  -0.400  1.00 5.83  ? 72  ARG H CG  1 
ATOM   1344 C CD  . ARG B 2 72  ? 17.289  -7.848  1.063   1.00 8.23  ? 72  ARG H CD  1 
ATOM   1345 N NE  . ARG B 2 72  ? 15.965  -7.411  1.503   1.00 16.83 ? 72  ARG H NE  1 
ATOM   1346 C CZ  . ARG B 2 72  ? 15.745  -6.514  2.463   1.00 9.14  ? 72  ARG H CZ  1 
ATOM   1347 N NH1 . ARG B 2 72  ? 16.755  -5.943  3.092   1.00 14.27 ? 72  ARG H NH1 1 
ATOM   1348 N NH2 . ARG B 2 72  ? 14.509  -6.189  2.800   1.00 16.19 ? 72  ARG H NH2 1 
ATOM   1349 N N   . ASN B 2 73  ? 19.880  -6.214  -2.373  1.00 17.89 ? 73  ASN H N   1 
ATOM   1350 C CA  . ASN B 2 73  ? 21.327  -6.160  -2.186  1.00 19.86 ? 73  ASN H CA  1 
ATOM   1351 C C   . ASN B 2 73  ? 21.572  -5.357  -0.917  1.00 21.67 ? 73  ASN H C   1 
ATOM   1352 O O   . ASN B 2 73  ? 21.619  -4.125  -0.953  1.00 19.70 ? 73  ASN H O   1 
ATOM   1353 C CB  . ASN B 2 73  ? 22.008  -5.470  -3.375  1.00 21.90 ? 73  ASN H CB  1 
ATOM   1354 C CG  . ASN B 2 73  ? 23.527  -5.471  -3.260  1.00 20.85 ? 73  ASN H CG  1 
ATOM   1355 O OD1 . ASN B 2 73  ? 24.142  -4.452  -2.959  1.00 22.75 ? 73  ASN H OD1 1 
ATOM   1356 N ND2 . ASN B 2 73  ? 24.131  -6.626  -3.487  1.00 20.37 ? 73  ASN H ND2 1 
ATOM   1357 N N   . ASP B 2 74  ? 21.722  -6.057  0.205   1.00 23.00 ? 74  ASP H N   1 
ATOM   1358 C CA  . ASP B 2 74  ? 21.927  -5.390  1.487   1.00 20.69 ? 74  ASP H CA  1 
ATOM   1359 C C   . ASP B 2 74  ? 23.271  -4.691  1.609   1.00 20.99 ? 74  ASP H C   1 
ATOM   1360 O O   . ASP B 2 74  ? 23.695  -4.302  2.698   1.00 24.31 ? 74  ASP H O   1 
ATOM   1361 C CB  . ASP B 2 74  ? 21.716  -6.379  2.638   1.00 16.17 ? 74  ASP H CB  1 
ATOM   1362 C CG  . ASP B 2 74  ? 20.252  -6.728  2.832   1.00 23.49 ? 74  ASP H CG  1 
ATOM   1363 O OD1 . ASP B 2 74  ? 19.399  -5.963  2.340   1.00 20.47 ? 74  ASP H OD1 1 
ATOM   1364 O OD2 . ASP B 2 74  ? 19.940  -7.750  3.477   1.00 27.49 ? 74  ASP H OD2 1 
ATOM   1365 N N   . SER B 2 75  ? 23.932  -4.525  0.473   1.00 17.42 ? 75  SER H N   1 
ATOM   1366 C CA  . SER B 2 75  ? 25.210  -3.854  0.426   1.00 19.52 ? 75  SER H CA  1 
ATOM   1367 C C   . SER B 2 75  ? 24.992  -2.479  -0.189  1.00 22.42 ? 75  SER H C   1 
ATOM   1368 O O   . SER B 2 75  ? 25.484  -1.477  0.319   1.00 24.90 ? 75  SER H O   1 
ATOM   1369 C CB  . SER B 2 75  ? 26.180  -4.664  -0.418  1.00 21.51 ? 75  SER H CB  1 
ATOM   1370 O OG  . SER B 2 75  ? 26.332  -5.960  0.126   1.00 30.62 ? 75  SER H OG  1 
ATOM   1371 N N   . LYS B 2 76  ? 24.244  -2.438  -1.287  1.00 22.98 ? 76  LYS H N   1 
ATOM   1372 C CA  . LYS B 2 76  ? 23.954  -1.184  -1.967  1.00 24.32 ? 76  LYS H CA  1 
ATOM   1373 C C   . LYS B 2 76  ? 22.648  -0.587  -1.460  1.00 21.41 ? 76  LYS H C   1 
ATOM   1374 O O   . LYS B 2 76  ? 22.235  0.485   -1.908  1.00 22.43 ? 76  LYS H O   1 
ATOM   1375 C CB  . LYS B 2 76  ? 23.854  -1.397  -3.481  1.00 32.33 ? 76  LYS H CB  1 
ATOM   1376 C CG  . LYS B 2 76  ? 25.172  -1.658  -4.194  1.00 36.64 ? 76  LYS H CG  1 
ATOM   1377 C CD  . LYS B 2 76  ? 24.948  -1.708  -5.704  1.00 44.12 ? 76  LYS H CD  1 
ATOM   1378 C CE  . LYS B 2 76  ? 26.250  -1.891  -6.470  1.00 48.82 ? 76  LYS H CE  1 
ATOM   1379 N NZ  . LYS B 2 76  ? 26.042  -1.861  -7.947  1.00 40.70 ? 76  LYS H NZ  1 
ATOM   1380 N N   . ASN B 2 77  ? 22.012  -1.288  -0.523  1.00 19.34 ? 77  ASN H N   1 
ATOM   1381 C CA  . ASN B 2 77  ? 20.744  -0.854  0.061   1.00 12.33 ? 77  ASN H CA  1 
ATOM   1382 C C   . ASN B 2 77  ? 19.713  -0.668  -1.024  1.00 11.07 ? 77  ASN H C   1 
ATOM   1383 O O   . ASN B 2 77  ? 19.044  0.364   -1.093  1.00 11.26 ? 77  ASN H O   1 
ATOM   1384 C CB  . ASN B 2 77  ? 20.929  0.449   0.829   1.00 10.75 ? 77  ASN H CB  1 
ATOM   1385 C CG  . ASN B 2 77  ? 21.639  0.242   2.149   1.00 21.98 ? 77  ASN H CG  1 
ATOM   1386 O OD1 . ASN B 2 77  ? 22.302  1.148   2.656   1.00 19.26 ? 77  ASN H OD1 1 
ATOM   1387 N ND2 . ASN B 2 77  ? 21.497  -0.959  2.724   1.00 22.53 ? 77  ASN H ND2 1 
ATOM   1388 N N   . THR B 2 78  ? 19.595  -1.672  -1.886  1.00 6.63  ? 78  THR H N   1 
ATOM   1389 C CA  . THR B 2 78  ? 18.636  -1.604  -2.971  1.00 9.32  ? 78  THR H CA  1 
ATOM   1390 C C   . THR B 2 78  ? 17.738  -2.839  -3.079  1.00 8.78  ? 78  THR H C   1 
ATOM   1391 O O   . THR B 2 78  ? 18.147  -3.970  -2.801  1.00 4.30  ? 78  THR H O   1 
ATOM   1392 C CB  . THR B 2 78  ? 19.360  -1.329  -4.302  1.00 13.41 ? 78  THR H CB  1 
ATOM   1393 O OG1 . THR B 2 78  ? 20.019  -0.062  -4.208  1.00 22.47 ? 78  THR H OG1 1 
ATOM   1394 C CG2 . THR B 2 78  ? 18.377  -1.262  -5.464  1.00 21.08 ? 78  THR H CG2 1 
ATOM   1395 N N   . LEU B 2 79  ? 16.489  -2.580  -3.456  1.00 8.12  ? 79  LEU H N   1 
ATOM   1396 C CA  . LEU B 2 79  ? 15.466  -3.602  -3.631  1.00 8.62  ? 79  LEU H CA  1 
ATOM   1397 C C   . LEU B 2 79  ? 15.146  -3.640  -5.123  1.00 9.43  ? 79  LEU H C   1 
ATOM   1398 O O   . LEU B 2 79  ? 15.056  -2.586  -5.764  1.00 6.72  ? 79  LEU H O   1 
ATOM   1399 C CB  . LEU B 2 79  ? 14.218  -3.212  -2.827  1.00 11.08 ? 79  LEU H CB  1 
ATOM   1400 C CG  . LEU B 2 79  ? 12.931  -4.022  -2.978  1.00 3.25  ? 79  LEU H CG  1 
ATOM   1401 C CD1 . LEU B 2 79  ? 13.126  -5.416  -2.419  1.00 13.85 ? 79  LEU H CD1 1 
ATOM   1402 C CD2 . LEU B 2 79  ? 11.814  -3.320  -2.241  1.00 11.97 ? 79  LEU H CD2 1 
ATOM   1403 N N   . TYR B 2 80  ? 14.986  -4.842  -5.680  1.00 9.46  ? 80  TYR H N   1 
ATOM   1404 C CA  . TYR B 2 80  ? 14.684  -4.987  -7.106  1.00 4.91  ? 80  TYR H CA  1 
ATOM   1405 C C   . TYR B 2 80  ? 13.434  -5.810  -7.393  1.00 5.06  ? 80  TYR H C   1 
ATOM   1406 O O   . TYR B 2 80  ? 12.968  -6.588  -6.557  1.00 3.25  ? 80  TYR H O   1 
ATOM   1407 C CB  . TYR B 2 80  ? 15.820  -5.690  -7.839  1.00 4.24  ? 80  TYR H CB  1 
ATOM   1408 C CG  . TYR B 2 80  ? 17.206  -5.184  -7.577  1.00 9.78  ? 80  TYR H CG  1 
ATOM   1409 C CD1 . TYR B 2 80  ? 17.718  -4.099  -8.288  1.00 3.25  ? 80  TYR H CD1 1 
ATOM   1410 C CD2 . TYR B 2 80  ? 18.040  -5.834  -6.654  1.00 11.21 ? 80  TYR H CD2 1 
ATOM   1411 C CE1 . TYR B 2 80  ? 19.037  -3.668  -8.095  1.00 14.69 ? 80  TYR H CE1 1 
ATOM   1412 C CE2 . TYR B 2 80  ? 19.359  -5.411  -6.447  1.00 13.98 ? 80  TYR H CE2 1 
ATOM   1413 C CZ  . TYR B 2 80  ? 19.851  -4.331  -7.177  1.00 20.63 ? 80  TYR H CZ  1 
ATOM   1414 O OH  . TYR B 2 80  ? 21.152  -3.917  -6.996  1.00 28.43 ? 80  TYR H OH  1 
ATOM   1415 N N   . LEU B 2 81  ? 12.922  -5.639  -8.609  1.00 10.58 ? 81  LEU H N   1 
ATOM   1416 C CA  . LEU B 2 81  ? 11.777  -6.394  -9.104  1.00 11.02 ? 81  LEU H CA  1 
ATOM   1417 C C   . LEU B 2 81  ? 12.012  -6.676  -10.593 1.00 12.25 ? 81  LEU H C   1 
ATOM   1418 O O   . LEU B 2 81  ? 11.952  -5.769  -11.427 1.00 8.18  ? 81  LEU H O   1 
ATOM   1419 C CB  . LEU B 2 81  ? 10.462  -5.625  -8.923  1.00 9.32  ? 81  LEU H CB  1 
ATOM   1420 C CG  . LEU B 2 81  ? 9.214   -6.440  -9.321  1.00 5.55  ? 81  LEU H CG  1 
ATOM   1421 C CD1 . LEU B 2 81  ? 9.110   -7.701  -8.471  1.00 3.25  ? 81  LEU H CD1 1 
ATOM   1422 C CD2 . LEU B 2 81  ? 7.969   -5.590  -9.156  1.00 3.96  ? 81  LEU H CD2 1 
ATOM   1423 N N   . GLN B 2 82  ? 12.322  -7.931  -10.916 1.00 16.90 ? 82  GLN H N   1 
ATOM   1424 C CA  . GLN B 2 82  ? 12.545  -8.326  -12.304 1.00 17.39 ? 82  GLN H CA  1 
ATOM   1425 C C   . GLN B 2 82  ? 11.221  -8.834  -12.866 1.00 20.57 ? 82  GLN H C   1 
ATOM   1426 O O   . GLN B 2 82  ? 10.677  -9.844  -12.398 1.00 22.28 ? 82  GLN H O   1 
ATOM   1427 C CB  . GLN B 2 82  ? 13.606  -9.427  -12.395 1.00 14.87 ? 82  GLN H CB  1 
ATOM   1428 C CG  . GLN B 2 82  ? 13.878  -9.930  -13.817 1.00 8.06  ? 82  GLN H CG  1 
ATOM   1429 C CD  . GLN B 2 82  ? 14.428  -8.852  -14.732 1.00 12.82 ? 82  GLN H CD  1 
ATOM   1430 O OE1 . GLN B 2 82  ? 15.484  -8.287  -14.467 1.00 18.99 ? 82  GLN H OE1 1 
ATOM   1431 N NE2 . GLN B 2 82  ? 13.715  -8.562  -15.816 1.00 10.77 ? 82  GLN H NE2 1 
ATOM   1432 N N   . MET B 2 83  ? 10.705  -8.122  -13.867 1.00 19.60 ? 83  MET H N   1 
ATOM   1433 C CA  . MET B 2 83  ? 9.438   -8.475  -14.498 1.00 18.07 ? 83  MET H CA  1 
ATOM   1434 C C   . MET B 2 83  ? 9.661   -9.010  -15.913 1.00 18.21 ? 83  MET H C   1 
ATOM   1435 O O   . MET B 2 83  ? 10.300  -8.355  -16.738 1.00 21.54 ? 83  MET H O   1 
ATOM   1436 C CB  . MET B 2 83  ? 8.533   -7.244  -14.563 1.00 19.11 ? 83  MET H CB  1 
ATOM   1437 C CG  . MET B 2 83  ? 8.396   -6.489  -13.257 1.00 9.01  ? 83  MET H CG  1 
ATOM   1438 S SD  . MET B 2 83  ? 7.701   -4.821  -13.501 1.00 16.54 ? 83  MET H SD  1 
ATOM   1439 C CE  . MET B 2 83  ? 5.974   -5.151  -13.312 1.00 12.70 ? 83  MET H CE  1 
ATOM   1440 N N   . ASN B 2 84  ? 9.128   -10.197 -16.186 1.00 15.71 ? 84  ASN H N   1 
ATOM   1441 C CA  . ASN B 2 84  ? 9.249   -10.821 -17.500 1.00 16.81 ? 84  ASN H CA  1 
ATOM   1442 C C   . ASN B 2 84  ? 7.854   -11.117 -18.040 1.00 19.48 ? 84  ASN H C   1 
ATOM   1443 O O   . ASN B 2 84  ? 6.913   -11.300 -17.269 1.00 21.81 ? 84  ASN H O   1 
ATOM   1444 C CB  . ASN B 2 84  ? 10.031  -12.136 -17.408 1.00 14.66 ? 84  ASN H CB  1 
ATOM   1445 C CG  . ASN B 2 84  ? 11.377  -11.972 -16.737 1.00 18.69 ? 84  ASN H CG  1 
ATOM   1446 O OD1 . ASN B 2 84  ? 11.588  -12.440 -15.616 1.00 20.91 ? 84  ASN H OD1 1 
ATOM   1447 N ND2 . ASN B 2 84  ? 12.298  -11.301 -17.417 1.00 16.98 ? 84  ASN H ND2 1 
ATOM   1448 N N   . SER B 2 85  ? 7.730   -11.164 -19.365 1.00 19.32 ? 85  SER H N   1 
ATOM   1449 C CA  . SER B 2 85  ? 6.456   -11.460 -20.018 1.00 22.22 ? 85  SER H CA  1 
ATOM   1450 C C   . SER B 2 85  ? 5.369   -10.457 -19.654 1.00 20.88 ? 85  SER H C   1 
ATOM   1451 O O   . SER B 2 85  ? 4.259   -10.855 -19.303 1.00 20.14 ? 85  SER H O   1 
ATOM   1452 C CB  . SER B 2 85  ? 5.982   -12.873 -19.635 1.00 30.26 ? 85  SER H CB  1 
ATOM   1453 O OG  . SER B 2 85  ? 6.943   -13.866 -19.970 1.00 34.31 ? 85  SER H OG  1 
ATOM   1454 N N   . LEU B 2 86  ? 5.682   -9.166  -19.747 1.00 23.15 ? 86  LEU H N   1 
ATOM   1455 C CA  . LEU B 2 86  ? 4.720   -8.118  -19.406 1.00 21.60 ? 86  LEU H CA  1 
ATOM   1456 C C   . LEU B 2 86  ? 3.450   -8.098  -20.252 1.00 23.50 ? 86  LEU H C   1 
ATOM   1457 O O   . LEU B 2 86  ? 3.498   -7.954  -21.472 1.00 24.01 ? 86  LEU H O   1 
ATOM   1458 C CB  . LEU B 2 86  ? 5.377   -6.734  -19.474 1.00 13.96 ? 86  LEU H CB  1 
ATOM   1459 C CG  . LEU B 2 86  ? 6.481   -6.433  -18.459 1.00 13.49 ? 86  LEU H CG  1 
ATOM   1460 C CD1 . LEU B 2 86  ? 7.020   -5.032  -18.707 1.00 12.32 ? 86  LEU H CD1 1 
ATOM   1461 C CD2 . LEU B 2 86  ? 5.941   -6.564  -17.041 1.00 8.34  ? 86  LEU H CD2 1 
ATOM   1462 N N   . ARG B 2 87  ? 2.309   -8.240  -19.582 1.00 32.25 ? 87  ARG H N   1 
ATOM   1463 C CA  . ARG B 2 87  ? 1.011   -8.214  -20.240 1.00 37.65 ? 87  ARG H CA  1 
ATOM   1464 C C   . ARG B 2 87  ? 0.436   -6.802  -20.088 1.00 41.63 ? 87  ARG H C   1 
ATOM   1465 O O   . ARG B 2 87  ? 0.881   -6.030  -19.230 1.00 42.29 ? 87  ARG H O   1 
ATOM   1466 C CB  . ARG B 2 87  ? 0.081   -9.257  -19.604 1.00 38.43 ? 87  ARG H CB  1 
ATOM   1467 C CG  . ARG B 2 87  ? 0.649   -10.680 -19.640 1.00 47.90 ? 87  ARG H CG  1 
ATOM   1468 C CD  . ARG B 2 87  ? -0.344  -11.729 -19.147 1.00 53.98 ? 87  ARG H CD  1 
ATOM   1469 N NE  . ARG B 2 87  ? -0.843  -11.440 -17.802 1.00 61.57 ? 87  ARG H NE  1 
ATOM   1470 C CZ  . ARG B 2 87  ? -0.870  -12.321 -16.803 1.00 63.95 ? 87  ARG H CZ  1 
ATOM   1471 N NH1 . ARG B 2 87  ? -0.423  -13.559 -16.988 1.00 63.90 ? 87  ARG H NH1 1 
ATOM   1472 N NH2 . ARG B 2 87  ? -1.347  -11.962 -15.615 1.00 56.73 ? 87  ARG H NH2 1 
ATOM   1473 N N   . THR B 2 88  ? -0.540  -6.452  -20.923 1.00 40.60 ? 88  THR H N   1 
ATOM   1474 C CA  . THR B 2 88  ? -1.137  -5.122  -20.857 1.00 36.15 ? 88  THR H CA  1 
ATOM   1475 C C   . THR B 2 88  ? -1.878  -4.897  -19.545 1.00 35.63 ? 88  THR H C   1 
ATOM   1476 O O   . THR B 2 88  ? -2.199  -3.761  -19.203 1.00 36.88 ? 88  THR H O   1 
ATOM   1477 C CB  . THR B 2 88  ? -2.123  -4.877  -22.012 1.00 35.54 ? 88  THR H CB  1 
ATOM   1478 O OG1 . THR B 2 88  ? -3.220  -5.793  -21.911 1.00 38.08 ? 88  THR H OG1 1 
ATOM   1479 C CG2 . THR B 2 88  ? -1.430  -5.052  -23.347 1.00 32.03 ? 88  THR H CG2 1 
ATOM   1480 N N   . GLU B 2 89  ? -2.149  -5.974  -18.812 1.00 27.65 ? 89  GLU H N   1 
ATOM   1481 C CA  . GLU B 2 89  ? -2.848  -5.854  -17.538 1.00 25.88 ? 89  GLU H CA  1 
ATOM   1482 C C   . GLU B 2 89  ? -1.922  -5.480  -16.394 1.00 22.25 ? 89  GLU H C   1 
ATOM   1483 O O   . GLU B 2 89  ? -2.360  -5.404  -15.247 1.00 25.66 ? 89  GLU H O   1 
ATOM   1484 C CB  . GLU B 2 89  ? -3.550  -7.159  -17.163 1.00 30.52 ? 89  GLU H CB  1 
ATOM   1485 C CG  . GLU B 2 89  ? -4.607  -7.623  -18.127 1.00 39.14 ? 89  GLU H CG  1 
ATOM   1486 C CD  . GLU B 2 89  ? -4.102  -8.729  -19.015 1.00 45.62 ? 89  GLU H CD  1 
ATOM   1487 O OE1 . GLU B 2 89  ? -3.437  -9.647  -18.480 1.00 35.52 ? 89  GLU H OE1 1 
ATOM   1488 O OE2 . GLU B 2 89  ? -4.375  -8.685  -20.237 1.00 47.36 ? 89  GLU H OE2 1 
ATOM   1489 N N   . ASP B 2 90  ? -0.645  -5.261  -16.687 1.00 19.42 ? 90  ASP H N   1 
ATOM   1490 C CA  . ASP B 2 90  ? 0.296   -4.897  -15.631 1.00 14.78 ? 90  ASP H CA  1 
ATOM   1491 C C   . ASP B 2 90  ? 0.542   -3.405  -15.600 1.00 13.35 ? 90  ASP H C   1 
ATOM   1492 O O   . ASP B 2 90  ? 1.187   -2.916  -14.681 1.00 20.23 ? 90  ASP H O   1 
ATOM   1493 C CB  . ASP B 2 90  ? 1.639   -5.612  -15.804 1.00 12.50 ? 90  ASP H CB  1 
ATOM   1494 C CG  . ASP B 2 90  ? 1.502   -7.116  -15.842 1.00 20.75 ? 90  ASP H CG  1 
ATOM   1495 O OD1 . ASP B 2 90  ? 0.667   -7.669  -15.089 1.00 19.51 ? 90  ASP H OD1 1 
ATOM   1496 O OD2 . ASP B 2 90  ? 2.240   -7.747  -16.623 1.00 22.00 ? 90  ASP H OD2 1 
ATOM   1497 N N   . THR B 2 91  ? 0.052   -2.687  -16.608 1.00 9.96  ? 91  THR H N   1 
ATOM   1498 C CA  . THR B 2 91  ? 0.237   -1.240  -16.659 1.00 14.70 ? 91  THR H CA  1 
ATOM   1499 C C   . THR B 2 91  ? -0.172  -0.686  -15.298 1.00 16.33 ? 91  THR H C   1 
ATOM   1500 O O   . THR B 2 91  ? -1.317  -0.859  -14.874 1.00 16.39 ? 91  THR H O   1 
ATOM   1501 C CB  . THR B 2 91  ? -0.635  -0.601  -17.769 1.00 16.16 ? 91  THR H CB  1 
ATOM   1502 O OG1 . THR B 2 91  ? -0.229  -1.102  -19.048 1.00 14.86 ? 91  THR H OG1 1 
ATOM   1503 C CG2 . THR B 2 91  ? -0.481  0.902   -17.768 1.00 17.41 ? 91  THR H CG2 1 
ATOM   1504 N N   . ALA B 2 92  ? 0.771   -0.042  -14.609 1.00 14.88 ? 92  ALA H N   1 
ATOM   1505 C CA  . ALA B 2 92  ? 0.512   0.509   -13.278 1.00 16.75 ? 92  ALA H CA  1 
ATOM   1506 C C   . ALA B 2 92  ? 1.713   1.257   -12.705 1.00 15.93 ? 92  ALA H C   1 
ATOM   1507 O O   . ALA B 2 92  ? 2.814   1.196   -13.259 1.00 15.74 ? 92  ALA H O   1 
ATOM   1508 C CB  . ALA B 2 92  ? 0.118   -0.627  -12.309 1.00 3.30  ? 92  ALA H CB  1 
ATOM   1509 N N   . VAL B 2 93  ? 1.481   1.971   -11.602 1.00 13.82 ? 93  VAL H N   1 
ATOM   1510 C CA  . VAL B 2 93  ? 2.542   2.687   -10.893 1.00 12.61 ? 93  VAL H CA  1 
ATOM   1511 C C   . VAL B 2 93  ? 2.949   1.730   -9.779  1.00 10.93 ? 93  VAL H C   1 
ATOM   1512 O O   . VAL B 2 93  ? 2.097   1.247   -9.035  1.00 11.58 ? 93  VAL H O   1 
ATOM   1513 C CB  . VAL B 2 93  ? 2.048   4.017   -10.230 1.00 7.69  ? 93  VAL H CB  1 
ATOM   1514 C CG1 . VAL B 2 93  ? 3.124   4.574   -9.306  1.00 3.25  ? 93  VAL H CG1 1 
ATOM   1515 C CG2 . VAL B 2 93  ? 1.715   5.049   -11.289 1.00 3.25  ? 93  VAL H CG2 1 
ATOM   1516 N N   . PHE B 2 94  ? 4.238   1.432   -9.685  1.00 11.74 ? 94  PHE H N   1 
ATOM   1517 C CA  . PHE B 2 94  ? 4.739   0.537   -8.648  1.00 12.46 ? 94  PHE H CA  1 
ATOM   1518 C C   . PHE B 2 94  ? 5.378   1.303   -7.492  1.00 11.88 ? 94  PHE H C   1 
ATOM   1519 O O   . PHE B 2 94  ? 6.124   2.261   -7.708  1.00 13.40 ? 94  PHE H O   1 
ATOM   1520 C CB  . PHE B 2 94  ? 5.760   -0.441  -9.229  1.00 10.48 ? 94  PHE H CB  1 
ATOM   1521 C CG  . PHE B 2 94  ? 5.145   -1.559  -10.014 1.00 11.70 ? 94  PHE H CG  1 
ATOM   1522 C CD1 . PHE B 2 94  ? 4.769   -1.373  -11.339 1.00 10.85 ? 94  PHE H CD1 1 
ATOM   1523 C CD2 . PHE B 2 94  ? 4.918   -2.797  -9.414  1.00 12.04 ? 94  PHE H CD2 1 
ATOM   1524 C CE1 . PHE B 2 94  ? 4.168   -2.406  -12.059 1.00 16.97 ? 94  PHE H CE1 1 
ATOM   1525 C CE2 . PHE B 2 94  ? 4.321   -3.828  -10.120 1.00 14.93 ? 94  PHE H CE2 1 
ATOM   1526 C CZ  . PHE B 2 94  ? 3.946   -3.635  -11.446 1.00 13.88 ? 94  PHE H CZ  1 
ATOM   1527 N N   . TYR B 2 95  ? 5.077   0.872   -6.269  1.00 7.40  ? 95  TYR H N   1 
ATOM   1528 C CA  . TYR B 2 95  ? 5.612   1.501   -5.060  1.00 10.90 ? 95  TYR H CA  1 
ATOM   1529 C C   . TYR B 2 95  ? 6.360   0.477   -4.204  1.00 9.30  ? 95  TYR H C   1 
ATOM   1530 O O   . TYR B 2 95  ? 5.955   -0.686  -4.131  1.00 11.18 ? 95  TYR H O   1 
ATOM   1531 C CB  . TYR B 2 95  ? 4.475   2.050   -4.168  1.00 8.52  ? 95  TYR H CB  1 
ATOM   1532 C CG  . TYR B 2 95  ? 3.559   3.097   -4.764  1.00 10.35 ? 95  TYR H CG  1 
ATOM   1533 C CD1 . TYR B 2 95  ? 3.964   4.429   -4.868  1.00 8.38  ? 95  TYR H CD1 1 
ATOM   1534 C CD2 . TYR B 2 95  ? 2.284   2.756   -5.229  1.00 5.86  ? 95  TYR H CD2 1 
ATOM   1535 C CE1 . TYR B 2 95  ? 3.128   5.399   -5.420  1.00 11.45 ? 95  TYR H CE1 1 
ATOM   1536 C CE2 . TYR B 2 95  ? 1.439   3.721   -5.794  1.00 9.86  ? 95  TYR H CE2 1 
ATOM   1537 C CZ  . TYR B 2 95  ? 1.872   5.040   -5.885  1.00 15.51 ? 95  TYR H CZ  1 
ATOM   1538 O OH  . TYR B 2 95  ? 1.069   5.996   -6.474  1.00 19.16 ? 95  TYR H OH  1 
ATOM   1539 N N   . CYS B 2 96  ? 7.445   0.897   -3.561  1.00 7.73  ? 96  CYS H N   1 
ATOM   1540 C CA  . CYS B 2 96  ? 8.120   0.001   -2.634  1.00 11.83 ? 96  CYS H CA  1 
ATOM   1541 C C   . CYS B 2 96  ? 7.783   0.569   -1.261  1.00 13.97 ? 96  CYS H C   1 
ATOM   1542 O O   . CYS B 2 96  ? 7.766   1.792   -1.068  1.00 13.71 ? 96  CYS H O   1 
ATOM   1543 C CB  . CYS B 2 96  ? 9.637   -0.060  -2.842  1.00 11.83 ? 96  CYS H CB  1 
ATOM   1544 S SG  . CYS B 2 96  ? 10.612  1.484   -2.897  1.00 12.26 ? 96  CYS H SG  1 
ATOM   1545 N N   . ALA B 2 97  ? 7.472   -0.315  -0.318  1.00 14.22 ? 97  ALA H N   1 
ATOM   1546 C CA  . ALA B 2 97  ? 7.109   0.107   1.026   1.00 13.00 ? 97  ALA H CA  1 
ATOM   1547 C C   . ALA B 2 97  ? 7.935   -0.635  2.044   1.00 11.92 ? 97  ALA H C   1 
ATOM   1548 O O   . ALA B 2 97  ? 8.308   -1.789  1.824   1.00 13.72 ? 97  ALA H O   1 
ATOM   1549 C CB  . ALA B 2 97  ? 5.635   -0.159  1.275   1.00 13.42 ? 97  ALA H CB  1 
ATOM   1550 N N   . ARG B 2 98  ? 8.218   0.023   3.164   1.00 10.33 ? 98  ARG H N   1 
ATOM   1551 C CA  . ARG B 2 98  ? 9.001   -0.613  4.210   1.00 10.23 ? 98  ARG H CA  1 
ATOM   1552 C C   . ARG B 2 98  ? 8.147   -1.678  4.893   1.00 6.06  ? 98  ARG H C   1 
ATOM   1553 O O   . ARG B 2 98  ? 6.973   -1.457  5.187   1.00 8.04  ? 98  ARG H O   1 
ATOM   1554 C CB  . ARG B 2 98  ? 9.499   0.420   5.234   1.00 9.47  ? 98  ARG H CB  1 
ATOM   1555 C CG  . ARG B 2 98  ? 10.601  -0.151  6.132   1.00 17.21 ? 98  ARG H CG  1 
ATOM   1556 C CD  . ARG B 2 98  ? 11.363  0.901   6.920   1.00 19.82 ? 98  ARG H CD  1 
ATOM   1557 N NE  . ARG B 2 98  ? 10.662  1.321   8.127   1.00 22.89 ? 98  ARG H NE  1 
ATOM   1558 C CZ  . ARG B 2 98  ? 11.153  2.184   9.012   1.00 22.46 ? 98  ARG H CZ  1 
ATOM   1559 N NH1 . ARG B 2 98  ? 12.354  2.725   8.834   1.00 22.46 ? 98  ARG H NH1 1 
ATOM   1560 N NH2 . ARG B 2 98  ? 10.433  2.518   10.071  1.00 12.38 ? 98  ARG H NH2 1 
ATOM   1561 N N   . GLY B 2 99  ? 8.743   -2.840  5.130   1.00 8.27  ? 99  GLY H N   1 
ATOM   1562 C CA  . GLY B 2 99  ? 8.022   -3.931  5.760   1.00 8.80  ? 99  GLY H CA  1 
ATOM   1563 C C   . GLY B 2 99  ? 8.118   -3.930  7.269   1.00 10.79 ? 99  GLY H C   1 
ATOM   1564 O O   . GLY B 2 99  ? 8.006   -2.885  7.905   1.00 12.81 ? 99  GLY H O   1 
ATOM   1565 N N   . ASN B 2 100 ? 8.340   -5.102  7.849   1.00 10.86 ? 100 ASN H N   1 
ATOM   1566 C CA  . ASN B 2 100 ? 8.426   -5.188  9.292   1.00 17.33 ? 100 ASN H CA  1 
ATOM   1567 C C   . ASN B 2 100 ? 9.850   -5.172  9.821   1.00 19.87 ? 100 ASN H C   1 
ATOM   1568 O O   . ASN B 2 100 ? 10.795  -5.524  9.110   1.00 22.68 ? 100 ASN H O   1 
ATOM   1569 C CB  . ASN B 2 100 ? 7.724   -6.456  9.794   1.00 17.90 ? 100 ASN H CB  1 
ATOM   1570 C CG  . ASN B 2 100 ? 8.434   -7.729  9.371   1.00 19.78 ? 100 ASN H CG  1 
ATOM   1571 O OD1 . ASN B 2 100 ? 8.486   -8.061  8.186   1.00 23.20 ? 100 ASN H OD1 1 
ATOM   1572 N ND2 . ASN B 2 100 ? 8.989   -8.449  10.344  1.00 19.49 ? 100 ASN H ND2 1 
ATOM   1573 N N   . PRO B 2 101 ? 10.025  -4.725  11.073  1.00 24.12 ? 101 PRO H N   1 
ATOM   1574 C CA  . PRO B 2 101 ? 11.337  -4.659  11.715  1.00 19.41 ? 101 PRO H CA  1 
ATOM   1575 C C   . PRO B 2 101 ? 11.582  -6.012  12.396  1.00 19.26 ? 101 PRO H C   1 
ATOM   1576 O O   . PRO B 2 101 ? 10.682  -6.856  12.470  1.00 13.35 ? 101 PRO H O   1 
ATOM   1577 C CB  . PRO B 2 101 ? 11.175  -3.525  12.719  1.00 16.55 ? 101 PRO H CB  1 
ATOM   1578 C CG  . PRO B 2 101 ? 9.764   -3.715  13.176  1.00 18.42 ? 101 PRO H CG  1 
ATOM   1579 C CD  . PRO B 2 101 ? 9.024   -3.983  11.876  1.00 24.23 ? 101 PRO H CD  1 
ATOM   1580 N N   . PRO B 2 102 ? 12.796  -6.233  12.903  1.00 16.36 ? 102 PRO H N   1 
ATOM   1581 C CA  . PRO B 2 102 ? 13.034  -7.519  13.560  1.00 16.53 ? 102 PRO H CA  1 
ATOM   1582 C C   . PRO B 2 102 ? 12.121  -7.743  14.776  1.00 17.39 ? 102 PRO H C   1 
ATOM   1583 O O   . PRO B 2 102 ? 11.724  -6.795  15.457  1.00 18.71 ? 102 PRO H O   1 
ATOM   1584 C CB  . PRO B 2 102 ? 14.505  -7.432  13.948  1.00 11.45 ? 102 PRO H CB  1 
ATOM   1585 C CG  . PRO B 2 102 ? 15.078  -6.500  12.909  1.00 21.39 ? 102 PRO H CG  1 
ATOM   1586 C CD  . PRO B 2 102 ? 14.031  -5.437  12.829  1.00 15.62 ? 102 PRO H CD  1 
ATOM   1587 N N   . TYR B 2 103 ? 11.784  -9.005  15.026  1.00 15.60 ? 103 TYR H N   1 
ATOM   1588 C CA  . TYR B 2 103 ? 10.951  -9.392  16.157  1.00 12.81 ? 103 TYR H CA  1 
ATOM   1589 C C   . TYR B 2 103 ? 9.534   -8.822  16.157  1.00 16.15 ? 103 TYR H C   1 
ATOM   1590 O O   . TYR B 2 103 ? 9.092   -8.200  17.126  1.00 15.19 ? 103 TYR H O   1 
ATOM   1591 C CB  . TYR B 2 103 ? 11.672  -9.030  17.452  1.00 11.26 ? 103 TYR H CB  1 
ATOM   1592 C CG  . TYR B 2 103 ? 13.006  -9.741  17.619  1.00 12.37 ? 103 TYR H CG  1 
ATOM   1593 C CD1 . TYR B 2 103 ? 13.067  -11.120 17.851  1.00 7.76  ? 103 TYR H CD1 1 
ATOM   1594 C CD2 . TYR B 2 103 ? 14.207  -9.027  17.566  1.00 19.39 ? 103 TYR H CD2 1 
ATOM   1595 C CE1 . TYR B 2 103 ? 14.290  -11.766 18.032  1.00 9.93  ? 103 TYR H CE1 1 
ATOM   1596 C CE2 . TYR B 2 103 ? 15.434  -9.661  17.742  1.00 16.71 ? 103 TYR H CE2 1 
ATOM   1597 C CZ  . TYR B 2 103 ? 15.473  -11.028 17.979  1.00 19.87 ? 103 TYR H CZ  1 
ATOM   1598 O OH  . TYR B 2 103 ? 16.693  -11.644 18.181  1.00 19.19 ? 103 TYR H OH  1 
ATOM   1599 N N   . SER B 2 104 ? 8.824   -9.073  15.062  1.00 21.28 ? 104 SER H N   1 
ATOM   1600 C CA  . SER B 2 104 ? 7.452   -8.619  14.878  1.00 16.63 ? 104 SER H CA  1 
ATOM   1601 C C   . SER B 2 104 ? 6.814   -9.361  13.700  1.00 15.51 ? 104 SER H C   1 
ATOM   1602 O O   . SER B 2 104 ? 7.514   -9.891  12.836  1.00 16.80 ? 104 SER H O   1 
ATOM   1603 C CB  . SER B 2 104 ? 7.425   -7.107  14.623  1.00 16.57 ? 104 SER H CB  1 
ATOM   1604 O OG  . SER B 2 104 ? 8.185   -6.752  13.479  1.00 15.63 ? 104 SER H OG  1 
ATOM   1605 N N   . SER B 2 105 ? 5.484   -9.395  13.676  1.00 16.26 ? 105 SER H N   1 
ATOM   1606 C CA  . SER B 2 105 ? 4.723   -10.059 12.615  1.00 14.40 ? 105 SER H CA  1 
ATOM   1607 C C   . SER B 2 105 ? 5.295   -9.800  11.219  1.00 12.46 ? 105 SER H C   1 
ATOM   1608 O O   . SER B 2 105 ? 5.466   -8.652  10.807  1.00 16.64 ? 105 SER H O   1 
ATOM   1609 C CB  . SER B 2 105 ? 3.260   -9.604  12.664  1.00 12.43 ? 105 SER H CB  1 
ATOM   1610 O OG  . SER B 2 105 ? 2.505   -10.145 11.592  1.00 22.77 ? 105 SER H OG  1 
ATOM   1611 N N   . GLY B 2 106 ? 5.574   -10.880 10.496  1.00 13.58 ? 106 GLY H N   1 
ATOM   1612 C CA  . GLY B 2 106 ? 6.129   -10.779 9.161   1.00 6.43  ? 106 GLY H CA  1 
ATOM   1613 C C   . GLY B 2 106 ? 5.267   -10.002 8.192   1.00 11.89 ? 106 GLY H C   1 
ATOM   1614 O O   . GLY B 2 106 ? 5.708   -9.674  7.085   1.00 9.14  ? 106 GLY H O   1 
ATOM   1615 N N   . TRP B 2 107 ? 4.036   -9.702  8.597   1.00 9.19  ? 107 TRP H N   1 
ATOM   1616 C CA  . TRP B 2 107 ? 3.143   -8.947  7.732   1.00 14.10 ? 107 TRP H CA  1 
ATOM   1617 C C   . TRP B 2 107 ? 2.980   -7.506  8.205   1.00 12.83 ? 107 TRP H C   1 
ATOM   1618 O O   . TRP B 2 107 ? 2.175   -6.742  7.665   1.00 9.69  ? 107 TRP H O   1 
ATOM   1619 C CB  . TRP B 2 107 ? 1.792   -9.660  7.631   1.00 20.19 ? 107 TRP H CB  1 
ATOM   1620 C CG  . TRP B 2 107 ? 1.898   -10.926 6.827   1.00 21.81 ? 107 TRP H CG  1 
ATOM   1621 C CD1 . TRP B 2 107 ? 1.807   -12.215 7.287   1.00 18.94 ? 107 TRP H CD1 1 
ATOM   1622 C CD2 . TRP B 2 107 ? 2.190   -11.024 5.426   1.00 21.48 ? 107 TRP H CD2 1 
ATOM   1623 N NE1 . TRP B 2 107 ? 2.032   -13.103 6.257   1.00 8.01  ? 107 TRP H NE1 1 
ATOM   1624 C CE2 . TRP B 2 107 ? 2.269   -12.398 5.107   1.00 16.18 ? 107 TRP H CE2 1 
ATOM   1625 C CE3 . TRP B 2 107 ? 2.395   -10.078 4.410   1.00 20.35 ? 107 TRP H CE3 1 
ATOM   1626 C CZ2 . TRP B 2 107 ? 2.547   -12.847 3.815   1.00 14.44 ? 107 TRP H CZ2 1 
ATOM   1627 C CZ3 . TRP B 2 107 ? 2.667   -10.527 3.126   1.00 10.09 ? 107 TRP H CZ3 1 
ATOM   1628 C CH2 . TRP B 2 107 ? 2.740   -11.897 2.840   1.00 18.46 ? 107 TRP H CH2 1 
ATOM   1629 N N   . GLY B 2 108 ? 3.782   -7.135  9.196   1.00 9.76  ? 108 GLY H N   1 
ATOM   1630 C CA  . GLY B 2 108 ? 3.725   -5.789  9.735   1.00 10.37 ? 108 GLY H CA  1 
ATOM   1631 C C   . GLY B 2 108 ? 4.422   -4.730  8.899   1.00 4.70  ? 108 GLY H C   1 
ATOM   1632 O O   . GLY B 2 108 ? 5.091   -5.039  7.906   1.00 3.25  ? 108 GLY H O   1 
ATOM   1633 N N   . GLY B 2 109 ? 4.265   -3.475  9.312   1.00 3.25  ? 109 GLY H N   1 
ATOM   1634 C CA  . GLY B 2 109 ? 4.877   -2.376  8.591   1.00 3.25  ? 109 GLY H CA  1 
ATOM   1635 C C   . GLY B 2 109 ? 3.919   -1.626  7.683   1.00 3.85  ? 109 GLY H C   1 
ATOM   1636 O O   . GLY B 2 109 ? 2.729   -1.469  7.990   1.00 7.40  ? 109 GLY H O   1 
ATOM   1637 N N   . GLY B 2 110 ? 4.437   -1.158  6.555   1.00 3.25  ? 110 GLY H N   1 
ATOM   1638 C CA  . GLY B 2 110 ? 3.611   -0.412  5.626   1.00 4.88  ? 110 GLY H CA  1 
ATOM   1639 C C   . GLY B 2 110 ? 3.507   1.047   6.025   1.00 5.34  ? 110 GLY H C   1 
ATOM   1640 O O   . GLY B 2 110 ? 2.513   1.709   5.741   1.00 6.84  ? 110 GLY H O   1 
ATOM   1641 N N   . ASP B 2 111 ? 4.546   1.560   6.676   1.00 11.43 ? 111 ASP H N   1 
ATOM   1642 C CA  . ASP B 2 111 ? 4.551   2.948   7.124   1.00 12.80 ? 111 ASP H CA  1 
ATOM   1643 C C   . ASP B 2 111 ? 5.214   3.935   6.161   1.00 9.57  ? 111 ASP H C   1 
ATOM   1644 O O   . ASP B 2 111 ? 4.818   5.098   6.100   1.00 11.22 ? 111 ASP H O   1 
ATOM   1645 C CB  . ASP B 2 111 ? 5.213   3.049   8.503   1.00 5.94  ? 111 ASP H CB  1 
ATOM   1646 C CG  . ASP B 2 111 ? 6.596   2.425   8.539   1.00 11.46 ? 111 ASP H CG  1 
ATOM   1647 O OD1 . ASP B 2 111 ? 7.104   2.024   7.478   1.00 18.33 ? 111 ASP H OD1 1 
ATOM   1648 O OD2 . ASP B 2 111 ? 7.185   2.337   9.637   1.00 24.57 ? 111 ASP H OD2 1 
ATOM   1649 N N   . TYR B 2 112 ? 6.217   3.476   5.416   1.00 5.69  ? 112 TYR H N   1 
ATOM   1650 C CA  . TYR B 2 112 ? 6.923   4.335   4.470   1.00 7.07  ? 112 TYR H CA  1 
ATOM   1651 C C   . TYR B 2 112 ? 6.864   3.828   3.034   1.00 6.68  ? 112 TYR H C   1 
ATOM   1652 O O   . TYR B 2 112 ? 7.073   2.644   2.766   1.00 10.63 ? 112 TYR H O   1 
ATOM   1653 C CB  . TYR B 2 112 ? 8.389   4.499   4.884   1.00 12.89 ? 112 TYR H CB  1 
ATOM   1654 C CG  . TYR B 2 112 ? 8.614   5.417   6.068   1.00 29.46 ? 112 TYR H CG  1 
ATOM   1655 C CD1 . TYR B 2 112 ? 8.816   4.903   7.352   1.00 31.20 ? 112 TYR H CD1 1 
ATOM   1656 C CD2 . TYR B 2 112 ? 8.626   6.805   5.902   1.00 38.99 ? 112 TYR H CD2 1 
ATOM   1657 C CE1 . TYR B 2 112 ? 9.026   5.749   8.444   1.00 33.75 ? 112 TYR H CE1 1 
ATOM   1658 C CE2 . TYR B 2 112 ? 8.834   7.662   6.989   1.00 45.23 ? 112 TYR H CE2 1 
ATOM   1659 C CZ  . TYR B 2 112 ? 9.034   7.128   8.257   1.00 45.31 ? 112 TYR H CZ  1 
ATOM   1660 O OH  . TYR B 2 112 ? 9.242   7.974   9.330   1.00 40.81 ? 112 TYR H OH  1 
ATOM   1661 N N   . TRP B 2 113 ? 6.586   4.741   2.109   1.00 7.82  ? 113 TRP H N   1 
ATOM   1662 C CA  . TRP B 2 113 ? 6.488   4.400   0.696   1.00 8.48  ? 113 TRP H CA  1 
ATOM   1663 C C   . TRP B 2 113 ? 7.362   5.324   -0.150  1.00 11.10 ? 113 TRP H C   1 
ATOM   1664 O O   . TRP B 2 113 ? 7.763   6.402   0.300   1.00 13.38 ? 113 TRP H O   1 
ATOM   1665 C CB  . TRP B 2 113 ? 5.037   4.525   0.228   1.00 6.89  ? 113 TRP H CB  1 
ATOM   1666 C CG  . TRP B 2 113 ? 4.077   3.695   1.011   1.00 15.60 ? 113 TRP H CG  1 
ATOM   1667 C CD1 . TRP B 2 113 ? 3.900   3.696   2.365   1.00 14.65 ? 113 TRP H CD1 1 
ATOM   1668 C CD2 . TRP B 2 113 ? 3.154   2.739   0.487   1.00 15.82 ? 113 TRP H CD2 1 
ATOM   1669 N NE1 . TRP B 2 113 ? 2.927   2.795   2.720   1.00 14.49 ? 113 TRP H NE1 1 
ATOM   1670 C CE2 . TRP B 2 113 ? 2.450   2.194   1.587   1.00 21.84 ? 113 TRP H CE2 1 
ATOM   1671 C CE3 . TRP B 2 113 ? 2.853   2.288   -0.802  1.00 7.10  ? 113 TRP H CE3 1 
ATOM   1672 C CZ2 . TRP B 2 113 ? 1.459   1.215   1.432   1.00 23.47 ? 113 TRP H CZ2 1 
ATOM   1673 C CZ3 . TRP B 2 113 ? 1.868   1.318   -0.957  1.00 17.33 ? 113 TRP H CZ3 1 
ATOM   1674 C CH2 . TRP B 2 113 ? 1.184   0.791   0.159   1.00 10.95 ? 113 TRP H CH2 1 
ATOM   1675 N N   . GLY B 2 114 ? 7.655   4.890   -1.373  1.00 11.64 ? 114 GLY H N   1 
ATOM   1676 C CA  . GLY B 2 114 ? 8.454   5.703   -2.269  1.00 11.55 ? 114 GLY H CA  1 
ATOM   1677 C C   . GLY B 2 114 ? 7.494   6.589   -3.036  1.00 11.79 ? 114 GLY H C   1 
ATOM   1678 O O   . GLY B 2 114 ? 6.309   6.624   -2.710  1.00 16.38 ? 114 GLY H O   1 
ATOM   1679 N N   . GLN B 2 115 ? 7.978   7.307   -4.045  1.00 7.97  ? 115 GLN H N   1 
ATOM   1680 C CA  . GLN B 2 115 ? 7.085   8.161   -4.826  1.00 8.21  ? 115 GLN H CA  1 
ATOM   1681 C C   . GLN B 2 115 ? 6.483   7.341   -5.963  1.00 3.81  ? 115 GLN H C   1 
ATOM   1682 O O   . GLN B 2 115 ? 5.426   7.674   -6.474  1.00 5.18  ? 115 GLN H O   1 
ATOM   1683 C CB  . GLN B 2 115 ? 7.829   9.386   -5.388  1.00 5.36  ? 115 GLN H CB  1 
ATOM   1684 C CG  . GLN B 2 115 ? 8.494   9.185   -6.743  1.00 10.45 ? 115 GLN H CG  1 
ATOM   1685 C CD  . GLN B 2 115 ? 9.677   8.230   -6.697  1.00 16.80 ? 115 GLN H CD  1 
ATOM   1686 O OE1 . GLN B 2 115 ? 10.021  7.604   -7.709  1.00 10.90 ? 115 GLN H OE1 1 
ATOM   1687 N NE2 . GLN B 2 115 ? 10.317  8.124   -5.531  1.00 8.49  ? 115 GLN H NE2 1 
ATOM   1688 N N   . GLY B 2 116 ? 7.192   6.280   -6.353  1.00 14.42 ? 116 GLY H N   1 
ATOM   1689 C CA  . GLY B 2 116 ? 6.738   5.385   -7.407  1.00 13.66 ? 116 GLY H CA  1 
ATOM   1690 C C   . GLY B 2 116 ? 7.145   5.681   -8.841  1.00 13.64 ? 116 GLY H C   1 
ATOM   1691 O O   . GLY B 2 116 ? 7.382   6.834   -9.202  1.00 16.70 ? 116 GLY H O   1 
ATOM   1692 N N   . THR B 2 117 ? 7.239   4.620   -9.646  1.00 14.86 ? 117 THR H N   1 
ATOM   1693 C CA  . THR B 2 117 ? 7.562   4.695   -11.079 1.00 13.72 ? 117 THR H CA  1 
ATOM   1694 C C   . THR B 2 117 ? 6.417   4.009   -11.793 1.00 15.82 ? 117 THR H C   1 
ATOM   1695 O O   . THR B 2 117 ? 5.884   3.019   -11.294 1.00 18.29 ? 117 THR H O   1 
ATOM   1696 C CB  . THR B 2 117 ? 8.836   3.893   -11.488 1.00 8.56  ? 117 THR H CB  1 
ATOM   1697 O OG1 . THR B 2 117 ? 9.094   2.863   -10.526 1.00 10.88 ? 117 THR H OG1 1 
ATOM   1698 C CG2 . THR B 2 117 ? 10.041  4.816   -11.644 1.00 13.27 ? 117 THR H CG2 1 
ATOM   1699 N N   . MET B 2 118 ? 6.033   4.511   -12.960 1.00 18.76 ? 118 MET H N   1 
ATOM   1700 C CA  . MET B 2 118 ? 4.953   3.858   -13.674 1.00 19.72 ? 118 MET H CA  1 
ATOM   1701 C C   . MET B 2 118 ? 5.430   3.088   -14.899 1.00 18.94 ? 118 MET H C   1 
ATOM   1702 O O   . MET B 2 118 ? 6.224   3.583   -15.706 1.00 14.50 ? 118 MET H O   1 
ATOM   1703 C CB  . MET B 2 118 ? 3.849   4.856   -14.060 1.00 25.00 ? 118 MET H CB  1 
ATOM   1704 C CG  . MET B 2 118 ? 4.170   5.842   -15.158 1.00 33.12 ? 118 MET H CG  1 
ATOM   1705 S SD  . MET B 2 118 ? 2.703   6.848   -15.529 1.00 44.19 ? 118 MET H SD  1 
ATOM   1706 C CE  . MET B 2 118 ? 1.460   5.559   -15.780 1.00 46.74 ? 118 MET H CE  1 
ATOM   1707 N N   . VAL B 2 119 ? 4.969   1.843   -14.992 1.00 15.88 ? 119 VAL H N   1 
ATOM   1708 C CA  . VAL B 2 119 ? 5.294   0.996   -16.119 1.00 13.88 ? 119 VAL H CA  1 
ATOM   1709 C C   . VAL B 2 119 ? 4.011   0.983   -16.932 1.00 14.24 ? 119 VAL H C   1 
ATOM   1710 O O   . VAL B 2 119 ? 2.918   0.724   -16.420 1.00 13.79 ? 119 VAL H O   1 
ATOM   1711 C CB  . VAL B 2 119 ? 5.704   -0.451  -15.683 1.00 13.20 ? 119 VAL H CB  1 
ATOM   1712 C CG1 . VAL B 2 119 ? 6.282   -0.423  -14.278 1.00 11.85 ? 119 VAL H CG1 1 
ATOM   1713 C CG2 . VAL B 2 119 ? 4.531   -1.405  -15.768 1.00 16.43 ? 119 VAL H CG2 1 
ATOM   1714 N N   . THR B 2 120 ? 4.137   1.329   -18.197 1.00 21.57 ? 120 THR H N   1 
ATOM   1715 C CA  . THR B 2 120 ? 2.991   1.346   -19.077 1.00 22.88 ? 120 THR H CA  1 
ATOM   1716 C C   . THR B 2 120 ? 3.350   0.427   -20.235 1.00 19.65 ? 120 THR H C   1 
ATOM   1717 O O   . THR B 2 120 ? 4.143   0.785   -21.109 1.00 16.46 ? 120 THR H O   1 
ATOM   1718 C CB  . THR B 2 120 ? 2.673   2.800   -19.542 1.00 22.14 ? 120 THR H CB  1 
ATOM   1719 O OG1 . THR B 2 120 ? 2.187   2.788   -20.888 1.00 27.23 ? 120 THR H OG1 1 
ATOM   1720 C CG2 . THR B 2 120 ? 3.912   3.693   -19.422 1.00 22.99 ? 120 THR H CG2 1 
ATOM   1721 N N   . VAL B 2 121 ? 2.795   -0.783  -20.204 1.00 13.31 ? 121 VAL H N   1 
ATOM   1722 C CA  . VAL B 2 121 ? 3.066   -1.757  -21.243 1.00 16.79 ? 121 VAL H CA  1 
ATOM   1723 C C   . VAL B 2 121 ? 2.070   -1.618  -22.389 1.00 17.64 ? 121 VAL H C   1 
ATOM   1724 O O   . VAL B 2 121 ? 0.894   -1.965  -22.270 1.00 19.59 ? 121 VAL H O   1 
ATOM   1725 C CB  . VAL B 2 121 ? 3.103   -3.232  -20.666 1.00 13.75 ? 121 VAL H CB  1 
ATOM   1726 C CG1 . VAL B 2 121 ? 2.316   -3.327  -19.380 1.00 13.92 ? 121 VAL H CG1 1 
ATOM   1727 C CG2 . VAL B 2 121 ? 2.568   -4.225  -21.687 1.00 8.22  ? 121 VAL H CG2 1 
ATOM   1728 N N   . SER B 2 122 ? 2.563   -1.074  -23.498 1.00 18.64 ? 122 SER H N   1 
ATOM   1729 C CA  . SER B 2 122 ? 1.762   -0.867  -24.698 1.00 23.51 ? 122 SER H CA  1 
ATOM   1730 C C   . SER B 2 122 ? 2.688   -0.808  -25.899 1.00 25.08 ? 122 SER H C   1 
ATOM   1731 O O   . SER B 2 122 ? 3.907   -0.756  -25.750 1.00 27.48 ? 122 SER H O   1 
ATOM   1732 C CB  . SER B 2 122 ? 0.987   0.449   -24.621 1.00 23.38 ? 122 SER H CB  1 
ATOM   1733 O OG  . SER B 2 122 ? 1.682   1.488   -25.297 1.00 18.45 ? 122 SER H OG  1 
ATOM   1734 N N   . SER B 2 123 ? 2.106   -0.803  -27.090 1.00 29.95 ? 123 SER H N   1 
ATOM   1735 C CA  . SER B 2 123 ? 2.902   -0.741  -28.303 1.00 33.65 ? 123 SER H CA  1 
ATOM   1736 C C   . SER B 2 123 ? 2.547   0.521   -29.078 1.00 35.82 ? 123 SER H C   1 
ATOM   1737 O O   . SER B 2 123 ? 3.394   1.444   -29.128 1.00 33.90 ? 123 SER H O   1 
ATOM   1738 C CB  . SER B 2 123 ? 2.639   -1.978  -29.164 1.00 36.39 ? 123 SER H CB  1 
ATOM   1739 O OG  . SER B 2 123 ? 3.726   -2.218  -30.045 1.00 43.04 ? 123 SER H OG  1 
ATOM   1740 O OXT . SER B 2 123 ? 1.417   0.571   -29.609 1.00 36.55 ? 123 SER H OXT 1 
HETATM 1741 O O   . HOH C 3 .   ? 4.173   10.880  -6.491  1.00 13.25 ? 107 HOH L O   1 
HETATM 1742 O O   . HOH C 3 .   ? -12.486 25.280  8.956   1.00 19.29 ? 108 HOH L O   1 
HETATM 1743 O O   . HOH C 3 .   ? -10.568 3.845   -5.351  1.00 6.62  ? 109 HOH L O   1 
HETATM 1744 O O   . HOH C 3 .   ? -3.925  7.048   19.185  1.00 8.98  ? 110 HOH L O   1 
HETATM 1745 O O   . HOH C 3 .   ? -10.079 0.970   12.252  1.00 25.54 ? 111 HOH L O   1 
HETATM 1746 O O   . HOH C 3 .   ? -1.814  11.058  -0.579  1.00 23.21 ? 112 HOH L O   1 
HETATM 1747 O O   . HOH C 3 .   ? 2.481   6.935   5.572   1.00 27.80 ? 113 HOH L O   1 
HETATM 1748 O O   . HOH C 3 .   ? -8.057  6.285   16.720  1.00 29.42 ? 114 HOH L O   1 
HETATM 1749 O O   . HOH C 3 .   ? -13.966 21.838  11.579  1.00 43.96 ? 115 HOH L O   1 
HETATM 1750 O O   . HOH C 3 .   ? -15.587 0.194   -2.679  1.00 17.08 ? 116 HOH L O   1 
HETATM 1751 O O   . HOH D 3 .   ? 13.250  -7.866  9.336   1.00 30.08 ? 124 HOH H O   1 
HETATM 1752 O O   . HOH D 3 .   ? -10.450 0.011   -7.739  1.00 36.80 ? 125 HOH H O   1 
HETATM 1753 O O   . HOH D 3 .   ? -3.856  -6.736  -2.508  1.00 4.56  ? 126 HOH H O   1 
HETATM 1754 O O   . HOH D 3 .   ? 5.274   -13.749 11.796  1.00 20.47 ? 127 HOH H O   1 
HETATM 1755 O O   . HOH D 3 .   ? 6.415   8.704   0.109   1.00 19.74 ? 128 HOH H O   1 
HETATM 1756 O O   . HOH D 3 .   ? 9.215   -10.871 -21.227 1.00 29.91 ? 129 HOH H O   1 
HETATM 1757 O O   . HOH D 3 .   ? 6.260   -7.062  6.580   1.00 3.25  ? 130 HOH H O   1 
HETATM 1758 O O   . HOH D 3 .   ? -4.550  -1.469  -9.334  1.00 21.54 ? 131 HOH H O   1 
# 
